data_8RW6
# 
_entry.id   8RW6 
# 
_audit_conform.dict_name       mmcif_pdbx.dic 
_audit_conform.dict_version    5.403 
_audit_conform.dict_location   http://mmcif.pdb.org/dictionaries/ascii/mmcif_pdbx.dic 
# 
loop_
_database_2.database_id 
_database_2.database_code 
_database_2.pdbx_database_accession 
_database_2.pdbx_DOI 
PDB   8RW6         pdb_00008rw6 10.2210/pdb8rw6/pdb 
WWPDB D_1292136325 ?            ?                   
# 
loop_
_pdbx_audit_revision_history.ordinal 
_pdbx_audit_revision_history.data_content_type 
_pdbx_audit_revision_history.major_revision 
_pdbx_audit_revision_history.minor_revision 
_pdbx_audit_revision_history.revision_date 
_pdbx_audit_revision_history.part_number 
1 'Structure model' 1 0 2025-02-05 ? 
2 'Structure model' 1 1 2025-04-09 ? 
3 'Structure model' 1 2 2025-05-07 ? 
# 
_pdbx_audit_revision_details.ordinal             1 
_pdbx_audit_revision_details.revision_ordinal    1 
_pdbx_audit_revision_details.data_content_type   'Structure model' 
_pdbx_audit_revision_details.provider            repository 
_pdbx_audit_revision_details.type                'Initial release' 
_pdbx_audit_revision_details.description         ? 
_pdbx_audit_revision_details.details             ? 
# 
loop_
_pdbx_audit_revision_group.ordinal 
_pdbx_audit_revision_group.revision_ordinal 
_pdbx_audit_revision_group.data_content_type 
_pdbx_audit_revision_group.group 
1 2 'Structure model' 'Database references' 
2 3 'Structure model' 'Database references' 
# 
loop_
_pdbx_audit_revision_category.ordinal 
_pdbx_audit_revision_category.revision_ordinal 
_pdbx_audit_revision_category.data_content_type 
_pdbx_audit_revision_category.category 
1 2 'Structure model' citation        
2 2 'Structure model' citation_author 
3 3 'Structure model' citation        
4 3 'Structure model' citation_author 
# 
loop_
_pdbx_audit_revision_item.ordinal 
_pdbx_audit_revision_item.revision_ordinal 
_pdbx_audit_revision_item.data_content_type 
_pdbx_audit_revision_item.item 
1  2 'Structure model' '_citation.country'                 
2  2 'Structure model' '_citation.journal_abbrev'          
3  2 'Structure model' '_citation.journal_id_CSD'          
4  2 'Structure model' '_citation.journal_id_ISSN'         
5  2 'Structure model' '_citation.pdbx_database_id_DOI'    
6  2 'Structure model' '_citation.pdbx_database_id_PubMed' 
7  2 'Structure model' '_citation.title'                   
8  2 'Structure model' '_citation.year'                    
9  3 'Structure model' '_citation.journal_volume'          
10 3 'Structure model' '_citation.page_first'              
11 3 'Structure model' '_citation.page_last'               
12 3 'Structure model' '_citation_author.identifier_ORCID' 
# 
_pdbx_database_status.status_code                     REL 
_pdbx_database_status.status_code_sf                  REL 
_pdbx_database_status.status_code_mr                  ? 
_pdbx_database_status.entry_id                        8RW6 
_pdbx_database_status.recvd_initial_deposition_date   2024-02-02 
_pdbx_database_status.SG_entry                        N 
_pdbx_database_status.deposit_site                    PDBE 
_pdbx_database_status.process_site                    PDBE 
_pdbx_database_status.status_code_cs                  ? 
_pdbx_database_status.status_code_nmr_data            ? 
_pdbx_database_status.methods_development_category    ? 
_pdbx_database_status.pdb_format_compatible           Y 
# 
_pdbx_contact_author.id                 2 
_pdbx_contact_author.email              fraydoon.rastinejad@ndm.ox.ac.uk 
_pdbx_contact_author.name_first         Fraydoon 
_pdbx_contact_author.name_last          Rastinejad 
_pdbx_contact_author.name_mi            ? 
_pdbx_contact_author.role               'principal investigator/group leader' 
_pdbx_contact_author.identifier_ORCID   0000-0002-0784-9352 
# 
loop_
_audit_author.name 
_audit_author.pdbx_ordinal 
_audit_author.identifier_ORCID 
'Pu, H.'         1 ? 
'Rastinejad, F.' 2 ? 
# 
_citation.abstract                  ? 
_citation.abstract_id_CAS           ? 
_citation.book_id_ISBN              ? 
_citation.book_publisher            ? 
_citation.book_publisher_city       ? 
_citation.book_title                ? 
_citation.coordinate_linkage        ? 
_citation.country                   US 
_citation.database_id_Medline       ? 
_citation.details                   ? 
_citation.id                        primary 
_citation.journal_abbrev            Nat.Chem.Biol. 
_citation.journal_id_ASTM           ? 
_citation.journal_id_CSD            ? 
_citation.journal_id_ISSN           1552-4469 
_citation.journal_full              ? 
_citation.journal_issue             ? 
_citation.journal_volume            21 
_citation.language                  ? 
_citation.page_first                736 
_citation.page_last                 745 
_citation.title                     'Pharmacological targeting of BMAL1 modulates circadian and immune pathways.' 
_citation.year                      2025 
_citation.database_id_CSD           ? 
_citation.pdbx_database_id_DOI      10.1038/s41589-025-01863-x 
_citation.pdbx_database_id_PubMed   40133642 
_citation.pdbx_database_id_patent   ? 
_citation.unpublished_flag          ? 
# 
loop_
_citation_author.citation_id 
_citation_author.name 
_citation_author.ordinal 
_citation_author.identifier_ORCID 
primary 'Pu, H.'             1 ? 
primary 'Bailey, L.C.'       2 ? 
primary 'Bauer, L.G.'        3 ? 
primary 'Voronkov, M.'       4 ? 
primary 'Baxter, M.'         5 ? 
primary 'Huber, K.V.M.'      6 ? 
primary 'Khorasanizadeh, S.' 7 ? 
primary 'Ray, D.'            8 ? 
primary 'Rastinejad, F.'     9 ? 
# 
loop_
_entity.id 
_entity.type 
_entity.src_method 
_entity.pdbx_description 
_entity.formula_weight 
_entity.pdbx_number_of_molecules 
_entity.pdbx_ec 
_entity.pdbx_mutation 
_entity.pdbx_fragment 
_entity.details 
1 polymer man 'Basic helix-loop-helix ARNT-like protein 1' 13189.993 1  ? ? ? ? 
2 water   nat water                                        18.015    33 ? ? ? ? 
# 
_entity_name_com.entity_id   1 
_entity_name_com.name        
;Aryl hydrocarbon receptor nuclear translocator-like protein 1,Basic-helix-loop-helix-PAS protein MOP3,Brain and muscle ARNT-like 1,Class E basic helix-loop-helix protein 5,bHLHe5,Member of PAS protein 3,PAS domain-containing protein 3,bHLH-PAS protein JAP3
;
# 
_entity_poly.entity_id                      1 
_entity_poly.type                           'polypeptide(L)' 
_entity_poly.nstd_linkage                   no 
_entity_poly.nstd_monomer                   no 
_entity_poly.pdbx_seq_one_letter_code       
;GSMEYVSRHAIDGKFVFVDQRATAILAYLPQELLGTSCYEYFHQDDIGHLAECHRQVLQTREKITTNCYKFKIKDGSFIT
LRSRWFSFMNPWTKEVEYIVSTNTVVLANVLEGG
;
_entity_poly.pdbx_seq_one_letter_code_can   
;GSMEYVSRHAIDGKFVFVDQRATAILAYLPQELLGTSCYEYFHQDDIGHLAECHRQVLQTREKITTNCYKFKIKDGSFIT
LRSRWFSFMNPWTKEVEYIVSTNTVVLANVLEGG
;
_entity_poly.pdbx_strand_id                 B 
_entity_poly.pdbx_target_identifier         ? 
# 
_pdbx_entity_nonpoly.entity_id   2 
_pdbx_entity_nonpoly.name        water 
_pdbx_entity_nonpoly.comp_id     HOH 
# 
loop_
_entity_poly_seq.entity_id 
_entity_poly_seq.num 
_entity_poly_seq.mon_id 
_entity_poly_seq.hetero 
1 1   GLY n 
1 2   SER n 
1 3   MET n 
1 4   GLU n 
1 5   TYR n 
1 6   VAL n 
1 7   SER n 
1 8   ARG n 
1 9   HIS n 
1 10  ALA n 
1 11  ILE n 
1 12  ASP n 
1 13  GLY n 
1 14  LYS n 
1 15  PHE n 
1 16  VAL n 
1 17  PHE n 
1 18  VAL n 
1 19  ASP n 
1 20  GLN n 
1 21  ARG n 
1 22  ALA n 
1 23  THR n 
1 24  ALA n 
1 25  ILE n 
1 26  LEU n 
1 27  ALA n 
1 28  TYR n 
1 29  LEU n 
1 30  PRO n 
1 31  GLN n 
1 32  GLU n 
1 33  LEU n 
1 34  LEU n 
1 35  GLY n 
1 36  THR n 
1 37  SER n 
1 38  CYS n 
1 39  TYR n 
1 40  GLU n 
1 41  TYR n 
1 42  PHE n 
1 43  HIS n 
1 44  GLN n 
1 45  ASP n 
1 46  ASP n 
1 47  ILE n 
1 48  GLY n 
1 49  HIS n 
1 50  LEU n 
1 51  ALA n 
1 52  GLU n 
1 53  CYS n 
1 54  HIS n 
1 55  ARG n 
1 56  GLN n 
1 57  VAL n 
1 58  LEU n 
1 59  GLN n 
1 60  THR n 
1 61  ARG n 
1 62  GLU n 
1 63  LYS n 
1 64  ILE n 
1 65  THR n 
1 66  THR n 
1 67  ASN n 
1 68  CYS n 
1 69  TYR n 
1 70  LYS n 
1 71  PHE n 
1 72  LYS n 
1 73  ILE n 
1 74  LYS n 
1 75  ASP n 
1 76  GLY n 
1 77  SER n 
1 78  PHE n 
1 79  ILE n 
1 80  THR n 
1 81  LEU n 
1 82  ARG n 
1 83  SER n 
1 84  ARG n 
1 85  TRP n 
1 86  PHE n 
1 87  SER n 
1 88  PHE n 
1 89  MET n 
1 90  ASN n 
1 91  PRO n 
1 92  TRP n 
1 93  THR n 
1 94  LYS n 
1 95  GLU n 
1 96  VAL n 
1 97  GLU n 
1 98  TYR n 
1 99  ILE n 
1 100 VAL n 
1 101 SER n 
1 102 THR n 
1 103 ASN n 
1 104 THR n 
1 105 VAL n 
1 106 VAL n 
1 107 LEU n 
1 108 ALA n 
1 109 ASN n 
1 110 VAL n 
1 111 LEU n 
1 112 GLU n 
1 113 GLY n 
1 114 GLY n 
# 
_entity_src_gen.entity_id                          1 
_entity_src_gen.pdbx_src_id                        1 
_entity_src_gen.pdbx_alt_source_flag               sample 
_entity_src_gen.pdbx_seq_type                      'Biological sequence' 
_entity_src_gen.pdbx_beg_seq_num                   1 
_entity_src_gen.pdbx_end_seq_num                   114 
_entity_src_gen.gene_src_common_name               human 
_entity_src_gen.gene_src_genus                     ? 
_entity_src_gen.pdbx_gene_src_gene                 'BMAL1, ARNTL, BHLHE5, MOP3, PASD3' 
_entity_src_gen.gene_src_species                   ? 
_entity_src_gen.gene_src_strain                    ? 
_entity_src_gen.gene_src_tissue                    ? 
_entity_src_gen.gene_src_tissue_fraction           ? 
_entity_src_gen.gene_src_details                   ? 
_entity_src_gen.pdbx_gene_src_fragment             ? 
_entity_src_gen.pdbx_gene_src_scientific_name      'Homo sapiens' 
_entity_src_gen.pdbx_gene_src_ncbi_taxonomy_id     9606 
_entity_src_gen.pdbx_gene_src_variant              ? 
_entity_src_gen.pdbx_gene_src_cell_line            ? 
_entity_src_gen.pdbx_gene_src_atcc                 ? 
_entity_src_gen.pdbx_gene_src_organ                ? 
_entity_src_gen.pdbx_gene_src_organelle            ? 
_entity_src_gen.pdbx_gene_src_cell                 ? 
_entity_src_gen.pdbx_gene_src_cellular_location    ? 
_entity_src_gen.host_org_common_name               ? 
_entity_src_gen.pdbx_host_org_scientific_name      'Escherichia coli' 
_entity_src_gen.pdbx_host_org_ncbi_taxonomy_id     562 
_entity_src_gen.host_org_genus                     ? 
_entity_src_gen.pdbx_host_org_gene                 ? 
_entity_src_gen.pdbx_host_org_organ                ? 
_entity_src_gen.host_org_species                   ? 
_entity_src_gen.pdbx_host_org_tissue               ? 
_entity_src_gen.pdbx_host_org_tissue_fraction      ? 
_entity_src_gen.pdbx_host_org_strain               ? 
_entity_src_gen.pdbx_host_org_variant              ? 
_entity_src_gen.pdbx_host_org_cell_line            ? 
_entity_src_gen.pdbx_host_org_atcc                 ? 
_entity_src_gen.pdbx_host_org_culture_collection   ? 
_entity_src_gen.pdbx_host_org_cell                 ? 
_entity_src_gen.pdbx_host_org_organelle            ? 
_entity_src_gen.pdbx_host_org_cellular_location    ? 
_entity_src_gen.pdbx_host_org_vector_type          ? 
_entity_src_gen.pdbx_host_org_vector               ? 
_entity_src_gen.host_org_details                   ? 
_entity_src_gen.expression_system_id               ? 
_entity_src_gen.plasmid_name                       ? 
_entity_src_gen.plasmid_details                    ? 
_entity_src_gen.pdbx_description                   ? 
# 
loop_
_chem_comp.id 
_chem_comp.type 
_chem_comp.mon_nstd_flag 
_chem_comp.name 
_chem_comp.pdbx_synonyms 
_chem_comp.formula 
_chem_comp.formula_weight 
ALA 'L-peptide linking' y ALANINE         ? 'C3 H7 N O2'     89.093  
ARG 'L-peptide linking' y ARGININE        ? 'C6 H15 N4 O2 1' 175.209 
ASN 'L-peptide linking' y ASPARAGINE      ? 'C4 H8 N2 O3'    132.118 
ASP 'L-peptide linking' y 'ASPARTIC ACID' ? 'C4 H7 N O4'     133.103 
CYS 'L-peptide linking' y CYSTEINE        ? 'C3 H7 N O2 S'   121.158 
GLN 'L-peptide linking' y GLUTAMINE       ? 'C5 H10 N2 O3'   146.144 
GLU 'L-peptide linking' y 'GLUTAMIC ACID' ? 'C5 H9 N O4'     147.129 
GLY 'peptide linking'   y GLYCINE         ? 'C2 H5 N O2'     75.067  
HIS 'L-peptide linking' y HISTIDINE       ? 'C6 H10 N3 O2 1' 156.162 
HOH non-polymer         . WATER           ? 'H2 O'           18.015  
ILE 'L-peptide linking' y ISOLEUCINE      ? 'C6 H13 N O2'    131.173 
LEU 'L-peptide linking' y LEUCINE         ? 'C6 H13 N O2'    131.173 
LYS 'L-peptide linking' y LYSINE          ? 'C6 H15 N2 O2 1' 147.195 
MET 'L-peptide linking' y METHIONINE      ? 'C5 H11 N O2 S'  149.211 
PHE 'L-peptide linking' y PHENYLALANINE   ? 'C9 H11 N O2'    165.189 
PRO 'L-peptide linking' y PROLINE         ? 'C5 H9 N O2'     115.130 
SER 'L-peptide linking' y SERINE          ? 'C3 H7 N O3'     105.093 
THR 'L-peptide linking' y THREONINE       ? 'C4 H9 N O3'     119.119 
TRP 'L-peptide linking' y TRYPTOPHAN      ? 'C11 H12 N2 O2'  204.225 
TYR 'L-peptide linking' y TYROSINE        ? 'C9 H11 N O3'    181.189 
VAL 'L-peptide linking' y VALINE          ? 'C5 H11 N O2'    117.146 
# 
loop_
_pdbx_poly_seq_scheme.asym_id 
_pdbx_poly_seq_scheme.entity_id 
_pdbx_poly_seq_scheme.seq_id 
_pdbx_poly_seq_scheme.mon_id 
_pdbx_poly_seq_scheme.ndb_seq_num 
_pdbx_poly_seq_scheme.pdb_seq_num 
_pdbx_poly_seq_scheme.auth_seq_num 
_pdbx_poly_seq_scheme.pdb_mon_id 
_pdbx_poly_seq_scheme.auth_mon_id 
_pdbx_poly_seq_scheme.pdb_strand_id 
_pdbx_poly_seq_scheme.pdb_ins_code 
_pdbx_poly_seq_scheme.hetero 
A 1 1   GLY 1   336 336 GLY GLY B . n 
A 1 2   SER 2   337 337 SER SER B . n 
A 1 3   MET 3   338 338 MET MET B . n 
A 1 4   GLU 4   339 339 GLU GLU B . n 
A 1 5   TYR 5   340 340 TYR TYR B . n 
A 1 6   VAL 6   341 341 VAL VAL B . n 
A 1 7   SER 7   342 342 SER SER B . n 
A 1 8   ARG 8   343 343 ARG ARG B . n 
A 1 9   HIS 9   344 344 HIS HIS B . n 
A 1 10  ALA 10  345 345 ALA ALA B . n 
A 1 11  ILE 11  346 346 ILE ILE B . n 
A 1 12  ASP 12  347 347 ASP ASP B . n 
A 1 13  GLY 13  348 348 GLY GLY B . n 
A 1 14  LYS 14  349 349 LYS LYS B . n 
A 1 15  PHE 15  350 350 PHE PHE B . n 
A 1 16  VAL 16  351 351 VAL VAL B . n 
A 1 17  PHE 17  352 352 PHE PHE B . n 
A 1 18  VAL 18  353 353 VAL VAL B . n 
A 1 19  ASP 19  354 354 ASP ASP B . n 
A 1 20  GLN 20  355 355 GLN GLN B . n 
A 1 21  ARG 21  356 356 ARG ARG B . n 
A 1 22  ALA 22  357 357 ALA ALA B . n 
A 1 23  THR 23  358 358 THR THR B . n 
A 1 24  ALA 24  359 359 ALA ALA B . n 
A 1 25  ILE 25  360 360 ILE ILE B . n 
A 1 26  LEU 26  361 361 LEU LEU B . n 
A 1 27  ALA 27  362 362 ALA ALA B . n 
A 1 28  TYR 28  363 363 TYR TYR B . n 
A 1 29  LEU 29  364 364 LEU LEU B . n 
A 1 30  PRO 30  365 365 PRO PRO B . n 
A 1 31  GLN 31  366 366 GLN GLN B . n 
A 1 32  GLU 32  367 367 GLU GLU B . n 
A 1 33  LEU 33  368 368 LEU LEU B . n 
A 1 34  LEU 34  369 369 LEU LEU B . n 
A 1 35  GLY 35  370 370 GLY GLY B . n 
A 1 36  THR 36  371 371 THR THR B . n 
A 1 37  SER 37  372 372 SER SER B . n 
A 1 38  CYS 38  373 373 CYS CYS B . n 
A 1 39  TYR 39  374 374 TYR TYR B . n 
A 1 40  GLU 40  375 375 GLU GLU B . n 
A 1 41  TYR 41  376 376 TYR TYR B . n 
A 1 42  PHE 42  377 377 PHE PHE B . n 
A 1 43  HIS 43  378 378 HIS HIS B . n 
A 1 44  GLN 44  379 379 GLN GLN B . n 
A 1 45  ASP 45  380 380 ASP ASP B . n 
A 1 46  ASP 46  381 381 ASP ASP B . n 
A 1 47  ILE 47  382 382 ILE ILE B . n 
A 1 48  GLY 48  383 383 GLY GLY B . n 
A 1 49  HIS 49  384 384 HIS HIS B . n 
A 1 50  LEU 50  385 385 LEU LEU B . n 
A 1 51  ALA 51  386 386 ALA ALA B . n 
A 1 52  GLU 52  387 387 GLU GLU B . n 
A 1 53  CYS 53  388 388 CYS CYS B . n 
A 1 54  HIS 54  389 389 HIS HIS B . n 
A 1 55  ARG 55  390 390 ARG ARG B . n 
A 1 56  GLN 56  391 391 GLN GLN B . n 
A 1 57  VAL 57  392 392 VAL VAL B . n 
A 1 58  LEU 58  393 393 LEU LEU B . n 
A 1 59  GLN 59  394 394 GLN GLN B . n 
A 1 60  THR 60  395 395 THR THR B . n 
A 1 61  ARG 61  396 396 ARG ARG B . n 
A 1 62  GLU 62  397 397 GLU GLU B . n 
A 1 63  LYS 63  398 398 LYS LYS B . n 
A 1 64  ILE 64  399 399 ILE ILE B . n 
A 1 65  THR 65  400 400 THR THR B . n 
A 1 66  THR 66  401 401 THR THR B . n 
A 1 67  ASN 67  402 402 ASN ASN B . n 
A 1 68  CYS 68  403 403 CYS CYS B . n 
A 1 69  TYR 69  404 404 TYR TYR B . n 
A 1 70  LYS 70  405 405 LYS LYS B . n 
A 1 71  PHE 71  406 406 PHE PHE B . n 
A 1 72  LYS 72  407 407 LYS LYS B . n 
A 1 73  ILE 73  408 408 ILE ILE B . n 
A 1 74  LYS 74  409 409 LYS LYS B . n 
A 1 75  ASP 75  410 410 ASP ASP B . n 
A 1 76  GLY 76  411 411 GLY GLY B . n 
A 1 77  SER 77  412 412 SER SER B . n 
A 1 78  PHE 78  413 413 PHE PHE B . n 
A 1 79  ILE 79  414 414 ILE ILE B . n 
A 1 80  THR 80  415 415 THR THR B . n 
A 1 81  LEU 81  416 416 LEU LEU B . n 
A 1 82  ARG 82  417 417 ARG ARG B . n 
A 1 83  SER 83  418 418 SER SER B . n 
A 1 84  ARG 84  419 419 ARG ARG B . n 
A 1 85  TRP 85  420 420 TRP TRP B . n 
A 1 86  PHE 86  421 421 PHE PHE B . n 
A 1 87  SER 87  422 422 SER SER B . n 
A 1 88  PHE 88  423 423 PHE PHE B . n 
A 1 89  MET 89  424 424 MET MET B . n 
A 1 90  ASN 90  425 425 ASN ASN B . n 
A 1 91  PRO 91  426 426 PRO PRO B . n 
A 1 92  TRP 92  427 427 TRP TRP B . n 
A 1 93  THR 93  428 428 THR THR B . n 
A 1 94  LYS 94  429 429 LYS LYS B . n 
A 1 95  GLU 95  430 430 GLU GLU B . n 
A 1 96  VAL 96  431 431 VAL VAL B . n 
A 1 97  GLU 97  432 432 GLU GLU B . n 
A 1 98  TYR 98  433 433 TYR TYR B . n 
A 1 99  ILE 99  434 434 ILE ILE B . n 
A 1 100 VAL 100 435 435 VAL VAL B . n 
A 1 101 SER 101 436 436 SER SER B . n 
A 1 102 THR 102 437 437 THR THR B . n 
A 1 103 ASN 103 438 438 ASN ASN B . n 
A 1 104 THR 104 439 439 THR THR B . n 
A 1 105 VAL 105 440 440 VAL VAL B . n 
A 1 106 VAL 106 441 441 VAL VAL B . n 
A 1 107 LEU 107 442 ?   ?   ?   B . n 
A 1 108 ALA 108 443 ?   ?   ?   B . n 
A 1 109 ASN 109 444 ?   ?   ?   B . n 
A 1 110 VAL 110 445 ?   ?   ?   B . n 
A 1 111 LEU 111 446 ?   ?   ?   B . n 
A 1 112 GLU 112 447 ?   ?   ?   B . n 
A 1 113 GLY 113 448 ?   ?   ?   B . n 
A 1 114 GLY 114 449 ?   ?   ?   B . n 
# 
loop_
_pdbx_nonpoly_scheme.asym_id 
_pdbx_nonpoly_scheme.entity_id 
_pdbx_nonpoly_scheme.mon_id 
_pdbx_nonpoly_scheme.ndb_seq_num 
_pdbx_nonpoly_scheme.pdb_seq_num 
_pdbx_nonpoly_scheme.auth_seq_num 
_pdbx_nonpoly_scheme.pdb_mon_id 
_pdbx_nonpoly_scheme.auth_mon_id 
_pdbx_nonpoly_scheme.pdb_strand_id 
_pdbx_nonpoly_scheme.pdb_ins_code 
B 2 HOH 1  501 26 HOH HOH B . 
B 2 HOH 2  502 24 HOH HOH B . 
B 2 HOH 3  503 14 HOH HOH B . 
B 2 HOH 4  504 11 HOH HOH B . 
B 2 HOH 5  505 3  HOH HOH B . 
B 2 HOH 6  506 9  HOH HOH B . 
B 2 HOH 7  507 13 HOH HOH B . 
B 2 HOH 8  508 8  HOH HOH B . 
B 2 HOH 9  509 10 HOH HOH B . 
B 2 HOH 10 510 6  HOH HOH B . 
B 2 HOH 11 511 12 HOH HOH B . 
B 2 HOH 12 512 28 HOH HOH B . 
B 2 HOH 13 513 1  HOH HOH B . 
B 2 HOH 14 514 7  HOH HOH B . 
B 2 HOH 15 515 2  HOH HOH B . 
B 2 HOH 16 516 4  HOH HOH B . 
B 2 HOH 17 517 22 HOH HOH B . 
B 2 HOH 18 518 33 HOH HOH B . 
B 2 HOH 19 519 23 HOH HOH B . 
B 2 HOH 20 520 20 HOH HOH B . 
B 2 HOH 21 521 32 HOH HOH B . 
B 2 HOH 22 522 17 HOH HOH B . 
B 2 HOH 23 523 19 HOH HOH B . 
B 2 HOH 24 524 27 HOH HOH B . 
B 2 HOH 25 525 15 HOH HOH B . 
B 2 HOH 26 526 25 HOH HOH B . 
B 2 HOH 27 527 30 HOH HOH B . 
B 2 HOH 28 528 34 HOH HOH B . 
B 2 HOH 29 529 5  HOH HOH B . 
B 2 HOH 30 530 16 HOH HOH B . 
B 2 HOH 31 531 35 HOH HOH B . 
B 2 HOH 32 532 36 HOH HOH B . 
B 2 HOH 33 533 21 HOH HOH B . 
# 
loop_
_software.citation_id 
_software.classification 
_software.compiler_name 
_software.compiler_version 
_software.contact_author 
_software.contact_author_email 
_software.date 
_software.description 
_software.dependencies 
_software.hardware 
_software.language 
_software.location 
_software.mods 
_software.name 
_software.os 
_software.os_version 
_software.type 
_software.version 
_software.pdbx_ordinal 
? refinement       ? ? ? ? ? ? ? ? ? ? ? PHENIX ? ? ? '(1.18.2_3874: ???)' 1 
? 'data scaling'   ? ? ? ? ? ? ? ? ? ? ? xia2   ? ? ? .                    2 
? 'data reduction' ? ? ? ? ? ? ? ? ? ? ? xia2   ? ? ? .                    3 
? phasing          ? ? ? ? ? ? ? ? ? ? ? PHASER ? ? ? .                    4 
# 
_cell.angle_alpha                  90.00 
_cell.angle_alpha_esd              ? 
_cell.angle_beta                   90.00 
_cell.angle_beta_esd               ? 
_cell.angle_gamma                  90.00 
_cell.angle_gamma_esd              ? 
_cell.entry_id                     8RW6 
_cell.details                      ? 
_cell.formula_units_Z              ? 
_cell.length_a                     30.236 
_cell.length_a_esd                 ? 
_cell.length_b                     37.348 
_cell.length_b_esd                 ? 
_cell.length_c                     76.116 
_cell.length_c_esd                 ? 
_cell.volume                       ? 
_cell.volume_esd                   ? 
_cell.Z_PDB                        4 
_cell.reciprocal_angle_alpha       ? 
_cell.reciprocal_angle_beta        ? 
_cell.reciprocal_angle_gamma       ? 
_cell.reciprocal_angle_alpha_esd   ? 
_cell.reciprocal_angle_beta_esd    ? 
_cell.reciprocal_angle_gamma_esd   ? 
_cell.reciprocal_length_a          ? 
_cell.reciprocal_length_b          ? 
_cell.reciprocal_length_c          ? 
_cell.reciprocal_length_a_esd      ? 
_cell.reciprocal_length_b_esd      ? 
_cell.reciprocal_length_c_esd      ? 
_cell.pdbx_unique_axis             ? 
_cell.pdbx_esd_method              ? 
# 
_symmetry.entry_id                         8RW6 
_symmetry.cell_setting                     ? 
_symmetry.Int_Tables_number                19 
_symmetry.space_group_name_Hall            ? 
_symmetry.space_group_name_H-M             'P 21 21 21' 
_symmetry.pdbx_full_space_group_name_H-M   ? 
# 
_exptl.absorpt_coefficient_mu     ? 
_exptl.absorpt_correction_T_max   ? 
_exptl.absorpt_correction_T_min   ? 
_exptl.absorpt_correction_type    ? 
_exptl.absorpt_process_details    ? 
_exptl.entry_id                   8RW6 
_exptl.crystals_number            1 
_exptl.details                    ? 
_exptl.method                     'X-RAY DIFFRACTION' 
_exptl.method_details             ? 
# 
_exptl_crystal.colour                       ? 
_exptl_crystal.density_diffrn               ? 
_exptl_crystal.density_Matthews             1.63 
_exptl_crystal.density_method               ? 
_exptl_crystal.density_percent_sol          24.50 
_exptl_crystal.description                  ? 
_exptl_crystal.F_000                        ? 
_exptl_crystal.id                           1 
_exptl_crystal.preparation                  ? 
_exptl_crystal.size_max                     ? 
_exptl_crystal.size_mid                     ? 
_exptl_crystal.size_min                     ? 
_exptl_crystal.size_rad                     ? 
_exptl_crystal.colour_lustre                ? 
_exptl_crystal.colour_modifier              ? 
_exptl_crystal.colour_primary               ? 
_exptl_crystal.density_meas                 ? 
_exptl_crystal.density_meas_esd             ? 
_exptl_crystal.density_meas_gt              ? 
_exptl_crystal.density_meas_lt              ? 
_exptl_crystal.density_meas_temp            ? 
_exptl_crystal.density_meas_temp_esd        ? 
_exptl_crystal.density_meas_temp_gt         ? 
_exptl_crystal.density_meas_temp_lt         ? 
_exptl_crystal.pdbx_crystal_image_url       ? 
_exptl_crystal.pdbx_crystal_image_format    ? 
_exptl_crystal.pdbx_mosaicity               ? 
_exptl_crystal.pdbx_mosaicity_esd           ? 
_exptl_crystal.pdbx_mosaic_method           ? 
_exptl_crystal.pdbx_mosaic_block_size       ? 
_exptl_crystal.pdbx_mosaic_block_size_esd   ? 
# 
_exptl_crystal_grow.apparatus       ? 
_exptl_crystal_grow.atmosphere      ? 
_exptl_crystal_grow.crystal_id      1 
_exptl_crystal_grow.details         ? 
_exptl_crystal_grow.method          'VAPOR DIFFUSION, SITTING DROP' 
_exptl_crystal_grow.method_ref      ? 
_exptl_crystal_grow.pH              ? 
_exptl_crystal_grow.pressure        ? 
_exptl_crystal_grow.pressure_esd    ? 
_exptl_crystal_grow.seeding         ? 
_exptl_crystal_grow.seeding_ref     ? 
_exptl_crystal_grow.temp_details    ? 
_exptl_crystal_grow.temp_esd        ? 
_exptl_crystal_grow.time            ? 
_exptl_crystal_grow.pdbx_details    '20 % PEG3350, 0.15 M sodium formate' 
_exptl_crystal_grow.pdbx_pH_range   ? 
_exptl_crystal_grow.temp            277 
# 
_diffrn.ambient_environment              ? 
_diffrn.ambient_temp                     100 
_diffrn.ambient_temp_details             ? 
_diffrn.ambient_temp_esd                 ? 
_diffrn.crystal_id                       1 
_diffrn.crystal_support                  ? 
_diffrn.crystal_treatment                ? 
_diffrn.details                          ? 
_diffrn.id                               1 
_diffrn.ambient_pressure                 ? 
_diffrn.ambient_pressure_esd             ? 
_diffrn.ambient_pressure_gt              ? 
_diffrn.ambient_pressure_lt              ? 
_diffrn.ambient_temp_gt                  ? 
_diffrn.ambient_temp_lt                  ? 
_diffrn.pdbx_serial_crystal_experiment   N 
# 
_diffrn_detector.details                      ? 
_diffrn_detector.detector                     PIXEL 
_diffrn_detector.diffrn_id                    1 
_diffrn_detector.type                         'DECTRIS EIGER2 XE 16M' 
_diffrn_detector.area_resol_mean              ? 
_diffrn_detector.dtime                        ? 
_diffrn_detector.pdbx_frames_total            ? 
_diffrn_detector.pdbx_collection_time_total   ? 
_diffrn_detector.pdbx_collection_date         2022-05-07 
_diffrn_detector.pdbx_frequency               ? 
_diffrn_detector.id                           ? 
_diffrn_detector.number_of_axes               ? 
# 
_diffrn_radiation.collimation                      ? 
_diffrn_radiation.diffrn_id                        1 
_diffrn_radiation.filter_edge                      ? 
_diffrn_radiation.inhomogeneity                    ? 
_diffrn_radiation.monochromator                    ? 
_diffrn_radiation.polarisn_norm                    ? 
_diffrn_radiation.polarisn_ratio                   ? 
_diffrn_radiation.probe                            ? 
_diffrn_radiation.type                             ? 
_diffrn_radiation.xray_symbol                      ? 
_diffrn_radiation.wavelength_id                    1 
_diffrn_radiation.pdbx_monochromatic_or_laue_m_l   M 
_diffrn_radiation.pdbx_wavelength_list             ? 
_diffrn_radiation.pdbx_wavelength                  ? 
_diffrn_radiation.pdbx_diffrn_protocol             'SINGLE WAVELENGTH' 
_diffrn_radiation.pdbx_analyzer                    ? 
_diffrn_radiation.pdbx_scattering_type             x-ray 
# 
_diffrn_radiation_wavelength.id           1 
_diffrn_radiation_wavelength.wavelength   0.9763 
_diffrn_radiation_wavelength.wt           1.0 
# 
_diffrn_source.current                     ? 
_diffrn_source.details                     ? 
_diffrn_source.diffrn_id                   1 
_diffrn_source.power                       ? 
_diffrn_source.size                        ? 
_diffrn_source.source                      SYNCHROTRON 
_diffrn_source.target                      ? 
_diffrn_source.type                        'DIAMOND BEAMLINE I03' 
_diffrn_source.voltage                     ? 
_diffrn_source.take-off_angle              ? 
_diffrn_source.pdbx_wavelength_list        0.9763 
_diffrn_source.pdbx_wavelength             ? 
_diffrn_source.pdbx_synchrotron_beamline   I03 
_diffrn_source.pdbx_synchrotron_site       Diamond 
# 
_reflns.B_iso_Wilson_estimate                          ? 
_reflns.entry_id                                       8RW6 
_reflns.data_reduction_details                         ? 
_reflns.data_reduction_method                          ? 
_reflns.d_resolution_high                              1.51 
_reflns.d_resolution_low                               38.06 
_reflns.details                                        ? 
_reflns.limit_h_max                                    ? 
_reflns.limit_h_min                                    ? 
_reflns.limit_k_max                                    ? 
_reflns.limit_k_min                                    ? 
_reflns.limit_l_max                                    ? 
_reflns.limit_l_min                                    ? 
_reflns.number_all                                     ? 
_reflns.number_obs                                     14123 
_reflns.observed_criterion                             ? 
_reflns.observed_criterion_F_max                       ? 
_reflns.observed_criterion_F_min                       ? 
_reflns.observed_criterion_I_max                       ? 
_reflns.observed_criterion_I_min                       ? 
_reflns.observed_criterion_sigma_F                     ? 
_reflns.observed_criterion_sigma_I                     ? 
_reflns.percent_possible_obs                           97.96 
_reflns.R_free_details                                 ? 
_reflns.Rmerge_F_all                                   ? 
_reflns.Rmerge_F_obs                                   ? 
_reflns.Friedel_coverage                               ? 
_reflns.number_gt                                      ? 
_reflns.threshold_expression                           ? 
_reflns.pdbx_redundancy                                13.1 
_reflns.pdbx_netI_over_av_sigmaI                       ? 
_reflns.pdbx_netI_over_sigmaI                          7.22 
_reflns.pdbx_res_netI_over_av_sigmaI_2                 ? 
_reflns.pdbx_res_netI_over_sigmaI_2                    ? 
_reflns.pdbx_chi_squared                               ? 
_reflns.pdbx_scaling_rejects                           ? 
_reflns.pdbx_d_res_high_opt                            ? 
_reflns.pdbx_d_res_low_opt                             ? 
_reflns.pdbx_d_res_opt_method                          ? 
_reflns.phase_calculation_details                      ? 
_reflns.pdbx_Rrim_I_all                                ? 
_reflns.pdbx_Rpim_I_all                                ? 
_reflns.pdbx_d_opt                                     ? 
_reflns.pdbx_number_measured_all                       ? 
_reflns.pdbx_diffrn_id                                 1 
_reflns.pdbx_ordinal                                   1 
_reflns.pdbx_CC_half                                   0.997 
_reflns.pdbx_CC_star                                   ? 
_reflns.pdbx_R_split                                   ? 
_reflns.pdbx_Rmerge_I_obs                              ? 
_reflns.pdbx_Rmerge_I_all                              ? 
_reflns.pdbx_Rsym_value                                ? 
_reflns.pdbx_CC_split_method                           ? 
_reflns.pdbx_aniso_diffraction_limit_axis_1_ortho[1]   ? 
_reflns.pdbx_aniso_diffraction_limit_axis_1_ortho[2]   ? 
_reflns.pdbx_aniso_diffraction_limit_axis_1_ortho[3]   ? 
_reflns.pdbx_aniso_diffraction_limit_axis_2_ortho[1]   ? 
_reflns.pdbx_aniso_diffraction_limit_axis_2_ortho[2]   ? 
_reflns.pdbx_aniso_diffraction_limit_axis_2_ortho[3]   ? 
_reflns.pdbx_aniso_diffraction_limit_axis_3_ortho[1]   ? 
_reflns.pdbx_aniso_diffraction_limit_axis_3_ortho[2]   ? 
_reflns.pdbx_aniso_diffraction_limit_axis_3_ortho[3]   ? 
_reflns.pdbx_aniso_diffraction_limit_1                 ? 
_reflns.pdbx_aniso_diffraction_limit_2                 ? 
_reflns.pdbx_aniso_diffraction_limit_3                 ? 
_reflns.pdbx_aniso_B_tensor_eigenvector_1_ortho[1]     ? 
_reflns.pdbx_aniso_B_tensor_eigenvector_1_ortho[2]     ? 
_reflns.pdbx_aniso_B_tensor_eigenvector_1_ortho[3]     ? 
_reflns.pdbx_aniso_B_tensor_eigenvector_2_ortho[1]     ? 
_reflns.pdbx_aniso_B_tensor_eigenvector_2_ortho[2]     ? 
_reflns.pdbx_aniso_B_tensor_eigenvector_2_ortho[3]     ? 
_reflns.pdbx_aniso_B_tensor_eigenvector_3_ortho[1]     ? 
_reflns.pdbx_aniso_B_tensor_eigenvector_3_ortho[2]     ? 
_reflns.pdbx_aniso_B_tensor_eigenvector_3_ortho[3]     ? 
_reflns.pdbx_aniso_B_tensor_eigenvalue_1               ? 
_reflns.pdbx_aniso_B_tensor_eigenvalue_2               ? 
_reflns.pdbx_aniso_B_tensor_eigenvalue_3               ? 
_reflns.pdbx_orthogonalization_convention              ? 
_reflns.pdbx_percent_possible_ellipsoidal              ? 
_reflns.pdbx_percent_possible_spherical                ? 
_reflns.pdbx_percent_possible_ellipsoidal_anomalous    ? 
_reflns.pdbx_percent_possible_spherical_anomalous      ? 
_reflns.pdbx_redundancy_anomalous                      ? 
_reflns.pdbx_CC_half_anomalous                         ? 
_reflns.pdbx_absDiff_over_sigma_anomalous              ? 
_reflns.pdbx_percent_possible_anomalous                ? 
_reflns.pdbx_observed_signal_threshold                 ? 
_reflns.pdbx_signal_type                               ? 
_reflns.pdbx_signal_details                            ? 
_reflns.pdbx_signal_software_id                        ? 
# 
_reflns_shell.d_res_high                                    1.51 
_reflns_shell.d_res_low                                     1.564 
_reflns_shell.meanI_over_sigI_all                           ? 
_reflns_shell.meanI_over_sigI_obs                           ? 
_reflns_shell.number_measured_all                           ? 
_reflns_shell.number_measured_obs                           ? 
_reflns_shell.number_possible                               ? 
_reflns_shell.number_unique_all                             ? 
_reflns_shell.number_unique_obs                             1365 
_reflns_shell.percent_possible_obs                          ? 
_reflns_shell.Rmerge_F_all                                  ? 
_reflns_shell.Rmerge_F_obs                                  ? 
_reflns_shell.meanI_over_sigI_gt                            ? 
_reflns_shell.meanI_over_uI_all                             ? 
_reflns_shell.meanI_over_uI_gt                              ? 
_reflns_shell.number_measured_gt                            ? 
_reflns_shell.number_unique_gt                              ? 
_reflns_shell.percent_possible_gt                           ? 
_reflns_shell.Rmerge_F_gt                                   ? 
_reflns_shell.Rmerge_I_gt                                   ? 
_reflns_shell.pdbx_redundancy                               ? 
_reflns_shell.pdbx_chi_squared                              ? 
_reflns_shell.pdbx_netI_over_sigmaI_all                     ? 
_reflns_shell.pdbx_netI_over_sigmaI_obs                     ? 
_reflns_shell.pdbx_Rrim_I_all                               ? 
_reflns_shell.pdbx_Rpim_I_all                               ? 
_reflns_shell.pdbx_rejects                                  ? 
_reflns_shell.pdbx_ordinal                                  1 
_reflns_shell.pdbx_diffrn_id                                1 
_reflns_shell.pdbx_CC_half                                  0.729 
_reflns_shell.pdbx_CC_star                                  ? 
_reflns_shell.pdbx_R_split                                  ? 
_reflns_shell.percent_possible_all                          ? 
_reflns_shell.Rmerge_I_all                                  ? 
_reflns_shell.Rmerge_I_obs                                  ? 
_reflns_shell.pdbx_Rsym_value                               ? 
_reflns_shell.pdbx_percent_possible_ellipsoidal             ? 
_reflns_shell.pdbx_percent_possible_spherical               ? 
_reflns_shell.pdbx_percent_possible_ellipsoidal_anomalous   ? 
_reflns_shell.pdbx_percent_possible_spherical_anomalous     ? 
_reflns_shell.pdbx_redundancy_anomalous                     ? 
_reflns_shell.pdbx_CC_half_anomalous                        ? 
_reflns_shell.pdbx_absDiff_over_sigma_anomalous             ? 
_reflns_shell.pdbx_percent_possible_anomalous               ? 
# 
_refine.aniso_B[1][1]                            ? 
_refine.aniso_B[1][2]                            ? 
_refine.aniso_B[1][3]                            ? 
_refine.aniso_B[2][2]                            ? 
_refine.aniso_B[2][3]                            ? 
_refine.aniso_B[3][3]                            ? 
_refine.B_iso_max                                ? 
_refine.B_iso_mean                               ? 
_refine.B_iso_min                                ? 
_refine.correlation_coeff_Fo_to_Fc               ? 
_refine.correlation_coeff_Fo_to_Fc_free          ? 
_refine.details                                  ? 
_refine.diff_density_max                         ? 
_refine.diff_density_max_esd                     ? 
_refine.diff_density_min                         ? 
_refine.diff_density_min_esd                     ? 
_refine.diff_density_rms                         ? 
_refine.diff_density_rms_esd                     ? 
_refine.entry_id                                 8RW6 
_refine.pdbx_refine_id                           'X-RAY DIFFRACTION' 
_refine.ls_abs_structure_details                 ? 
_refine.ls_abs_structure_Flack                   ? 
_refine.ls_abs_structure_Flack_esd               ? 
_refine.ls_abs_structure_Rogers                  ? 
_refine.ls_abs_structure_Rogers_esd              ? 
_refine.ls_d_res_high                            1.83 
_refine.ls_d_res_low                             38.06 
_refine.ls_extinction_coef                       ? 
_refine.ls_extinction_coef_esd                   ? 
_refine.ls_extinction_expression                 ? 
_refine.ls_extinction_method                     ? 
_refine.ls_goodness_of_fit_all                   ? 
_refine.ls_goodness_of_fit_all_esd               ? 
_refine.ls_goodness_of_fit_obs                   ? 
_refine.ls_goodness_of_fit_obs_esd               ? 
_refine.ls_hydrogen_treatment                    ? 
_refine.ls_matrix_type                           ? 
_refine.ls_number_constraints                    ? 
_refine.ls_number_parameters                     ? 
_refine.ls_number_reflns_all                     ? 
_refine.ls_number_reflns_obs                     8050 
_refine.ls_number_reflns_R_free                  400 
_refine.ls_number_reflns_R_work                  ? 
_refine.ls_number_restraints                     ? 
_refine.ls_percent_reflns_obs                    99.83 
_refine.ls_percent_reflns_R_free                 4.97 
_refine.ls_R_factor_all                          ? 
_refine.ls_R_factor_obs                          0.2044 
_refine.ls_R_factor_R_free                       0.2465 
_refine.ls_R_factor_R_free_error                 ? 
_refine.ls_R_factor_R_free_error_details         ? 
_refine.ls_R_factor_R_work                       0.2021 
_refine.ls_R_Fsqd_factor_obs                     ? 
_refine.ls_R_I_factor_obs                        ? 
_refine.ls_redundancy_reflns_all                 ? 
_refine.ls_redundancy_reflns_obs                 ? 
_refine.ls_restrained_S_all                      ? 
_refine.ls_restrained_S_obs                      ? 
_refine.ls_shift_over_esd_max                    ? 
_refine.ls_shift_over_esd_mean                   ? 
_refine.ls_structure_factor_coef                 ? 
_refine.ls_weighting_details                     ? 
_refine.ls_weighting_scheme                      ? 
_refine.ls_wR_factor_all                         ? 
_refine.ls_wR_factor_obs                         ? 
_refine.ls_wR_factor_R_free                      ? 
_refine.ls_wR_factor_R_work                      ? 
_refine.occupancy_max                            ? 
_refine.occupancy_min                            ? 
_refine.solvent_model_details                    'FLAT BULK SOLVENT MODEL' 
_refine.solvent_model_param_bsol                 ? 
_refine.solvent_model_param_ksol                 ? 
_refine.pdbx_R_complete                          ? 
_refine.ls_R_factor_gt                           ? 
_refine.ls_goodness_of_fit_gt                    ? 
_refine.ls_goodness_of_fit_ref                   ? 
_refine.ls_shift_over_su_max                     ? 
_refine.ls_shift_over_su_max_lt                  ? 
_refine.ls_shift_over_su_mean                    ? 
_refine.ls_shift_over_su_mean_lt                 ? 
_refine.pdbx_ls_sigma_I                          ? 
_refine.pdbx_ls_sigma_F                          1.34 
_refine.pdbx_ls_sigma_Fsqd                       ? 
_refine.pdbx_data_cutoff_high_absF               ? 
_refine.pdbx_data_cutoff_high_rms_absF           ? 
_refine.pdbx_data_cutoff_low_absF                ? 
_refine.pdbx_isotropic_thermal_model             ? 
_refine.pdbx_ls_cross_valid_method               'FREE R-VALUE' 
_refine.pdbx_method_to_determine_struct          'MOLECULAR REPLACEMENT' 
_refine.pdbx_starting_model                      ? 
_refine.pdbx_stereochemistry_target_values       ML 
_refine.pdbx_R_Free_selection_details            ? 
_refine.pdbx_stereochem_target_val_spec_case     ? 
_refine.pdbx_overall_ESU_R                       ? 
_refine.pdbx_overall_ESU_R_Free                  ? 
_refine.pdbx_solvent_vdw_probe_radii             1.11 
_refine.pdbx_solvent_ion_probe_radii             ? 
_refine.pdbx_solvent_shrinkage_radii             0.90 
_refine.pdbx_real_space_R                        ? 
_refine.pdbx_density_correlation                 ? 
_refine.pdbx_pd_number_of_powder_patterns        ? 
_refine.pdbx_pd_number_of_points                 ? 
_refine.pdbx_pd_meas_number_of_points            ? 
_refine.pdbx_pd_proc_ls_prof_R_factor            ? 
_refine.pdbx_pd_proc_ls_prof_wR_factor           ? 
_refine.pdbx_pd_Marquardt_correlation_coeff      ? 
_refine.pdbx_pd_Fsqrd_R_factor                   ? 
_refine.pdbx_pd_ls_matrix_band_width             ? 
_refine.pdbx_overall_phase_error                 26.86 
_refine.pdbx_overall_SU_R_free_Cruickshank_DPI   ? 
_refine.pdbx_overall_SU_R_free_Blow_DPI          ? 
_refine.pdbx_overall_SU_R_Blow_DPI               ? 
_refine.pdbx_TLS_residual_ADP_flag               ? 
_refine.pdbx_diffrn_id                           1 
_refine.overall_SU_B                             ? 
_refine.overall_SU_ML                            0.25 
_refine.overall_SU_R_Cruickshank_DPI             ? 
_refine.overall_SU_R_free                        ? 
_refine.overall_FOM_free_R_set                   ? 
_refine.overall_FOM_work_R_set                   ? 
_refine.pdbx_average_fsc_overall                 ? 
_refine.pdbx_average_fsc_work                    ? 
_refine.pdbx_average_fsc_free                    ? 
# 
_refine_hist.pdbx_refine_id                   'X-RAY DIFFRACTION' 
_refine_hist.cycle_id                         LAST 
_refine_hist.details                          ? 
_refine_hist.d_res_high                       1.83 
_refine_hist.d_res_low                        38.06 
_refine_hist.number_atoms_solvent             33 
_refine_hist.number_atoms_total               908 
_refine_hist.number_reflns_all                ? 
_refine_hist.number_reflns_obs                ? 
_refine_hist.number_reflns_R_free             ? 
_refine_hist.number_reflns_R_work             ? 
_refine_hist.R_factor_all                     ? 
_refine_hist.R_factor_obs                     ? 
_refine_hist.R_factor_R_free                  ? 
_refine_hist.R_factor_R_work                  ? 
_refine_hist.pdbx_number_residues_total       ? 
_refine_hist.pdbx_B_iso_mean_ligand           ? 
_refine_hist.pdbx_B_iso_mean_solvent          ? 
_refine_hist.pdbx_number_atoms_protein        875 
_refine_hist.pdbx_number_atoms_nucleic_acid   0 
_refine_hist.pdbx_number_atoms_ligand         0 
_refine_hist.pdbx_number_atoms_lipid          ? 
_refine_hist.pdbx_number_atoms_carb           ? 
_refine_hist.pdbx_pseudo_atom_details         ? 
# 
loop_
_refine_ls_restr.pdbx_refine_id 
_refine_ls_restr.criterion 
_refine_ls_restr.dev_ideal 
_refine_ls_restr.dev_ideal_target 
_refine_ls_restr.number 
_refine_ls_restr.rejects 
_refine_ls_restr.type 
_refine_ls_restr.weight 
_refine_ls_restr.pdbx_restraint_function 
'X-RAY DIFFRACTION' ? 0.006  ? 897  ? f_bond_d           ? ? 
'X-RAY DIFFRACTION' ? 0.817  ? 1213 ? f_angle_d          ? ? 
'X-RAY DIFFRACTION' ? 19.086 ? 322  ? f_dihedral_angle_d ? ? 
'X-RAY DIFFRACTION' ? 0.058  ? 132  ? f_chiral_restr     ? ? 
'X-RAY DIFFRACTION' ? 0.005  ? 152  ? f_plane_restr      ? ? 
# 
loop_
_refine_ls_shell.pdbx_refine_id 
_refine_ls_shell.d_res_high 
_refine_ls_shell.d_res_low 
_refine_ls_shell.number_reflns_all 
_refine_ls_shell.number_reflns_obs 
_refine_ls_shell.number_reflns_R_free 
_refine_ls_shell.number_reflns_R_work 
_refine_ls_shell.percent_reflns_obs 
_refine_ls_shell.percent_reflns_R_free 
_refine_ls_shell.R_factor_all 
_refine_ls_shell.R_factor_obs 
_refine_ls_shell.R_factor_R_free_error 
_refine_ls_shell.R_factor_R_work 
_refine_ls_shell.redundancy_reflns_all 
_refine_ls_shell.redundancy_reflns_obs 
_refine_ls_shell.wR_factor_all 
_refine_ls_shell.wR_factor_obs 
_refine_ls_shell.wR_factor_R_free 
_refine_ls_shell.wR_factor_R_work 
_refine_ls_shell.pdbx_R_complete 
_refine_ls_shell.pdbx_total_number_of_bins_used 
_refine_ls_shell.pdbx_phase_error 
_refine_ls_shell.pdbx_fsc_work 
_refine_ls_shell.pdbx_fsc_free 
_refine_ls_shell.R_factor_R_free 
'X-RAY DIFFRACTION' 1.83 2.09  . . 125 2496 100.00 . . . . 0.2447 . . . . . . . . . . . 0.3286 
'X-RAY DIFFRACTION' 2.10 2.64  . . 133 2512 100.00 . . . . 0.2177 . . . . . . . . . . . 0.2550 
'X-RAY DIFFRACTION' 2.64 38.06 . . 142 2642 100.00 . . . . 0.1811 . . . . . . . . . . . 0.2186 
# 
_struct.entry_id                     8RW6 
_struct.title                        'Human Brain and muscle ARNT-like 1 (BMAL1_HUMAN) PAS-B domain' 
_struct.pdbx_model_details           ? 
_struct.pdbx_formula_weight          ? 
_struct.pdbx_formula_weight_method   ? 
_struct.pdbx_model_type_details      ? 
_struct.pdbx_CASP_flag               N 
# 
_struct_keywords.entry_id        8RW6 
_struct_keywords.text            'Transcription factor, Circadian rhythm, SNC, TRANSCRIPTION' 
_struct_keywords.pdbx_keywords   TRANSCRIPTION 
# 
loop_
_struct_asym.id 
_struct_asym.pdbx_blank_PDB_chainid_flag 
_struct_asym.pdbx_modified 
_struct_asym.entity_id 
_struct_asym.details 
A N N 1 ? 
B N N 2 ? 
# 
_struct_ref.id                         1 
_struct_ref.db_name                    UNP 
_struct_ref.db_code                    BMAL1_HUMAN 
_struct_ref.pdbx_db_accession          O00327 
_struct_ref.pdbx_db_isoform            ? 
_struct_ref.entity_id                  1 
_struct_ref.pdbx_seq_one_letter_code   
;SMEYVSRHAIDGKFVFVDQRATAILAYLPQELLGTSCYEYFHQDDIGHLAECHRQVLQTREKITTNCYKFKIKDGSFITL
RSRWFSFMNPWTKEVEYIVSTNTVVLANVLEGG
;
_struct_ref.pdbx_align_begin           337 
# 
_struct_ref_seq.align_id                      1 
_struct_ref_seq.ref_id                        1 
_struct_ref_seq.pdbx_PDB_id_code              8RW6 
_struct_ref_seq.pdbx_strand_id                B 
_struct_ref_seq.seq_align_beg                 2 
_struct_ref_seq.pdbx_seq_align_beg_ins_code   ? 
_struct_ref_seq.seq_align_end                 114 
_struct_ref_seq.pdbx_seq_align_end_ins_code   ? 
_struct_ref_seq.pdbx_db_accession             O00327 
_struct_ref_seq.db_align_beg                  337 
_struct_ref_seq.pdbx_db_align_beg_ins_code    ? 
_struct_ref_seq.db_align_end                  449 
_struct_ref_seq.pdbx_db_align_end_ins_code    ? 
_struct_ref_seq.pdbx_auth_seq_align_beg       337 
_struct_ref_seq.pdbx_auth_seq_align_end       449 
# 
_struct_ref_seq_dif.align_id                     1 
_struct_ref_seq_dif.pdbx_pdb_id_code             8RW6 
_struct_ref_seq_dif.mon_id                       GLY 
_struct_ref_seq_dif.pdbx_pdb_strand_id           B 
_struct_ref_seq_dif.seq_num                      1 
_struct_ref_seq_dif.pdbx_pdb_ins_code            ? 
_struct_ref_seq_dif.pdbx_seq_db_name             UNP 
_struct_ref_seq_dif.pdbx_seq_db_accession_code   O00327 
_struct_ref_seq_dif.db_mon_id                    ? 
_struct_ref_seq_dif.pdbx_seq_db_seq_num          ? 
_struct_ref_seq_dif.details                      'expression tag' 
_struct_ref_seq_dif.pdbx_auth_seq_num            336 
_struct_ref_seq_dif.pdbx_ordinal                 1 
# 
_pdbx_struct_assembly.id                   1 
_pdbx_struct_assembly.details              author_and_software_defined_assembly 
_pdbx_struct_assembly.method_details       PISA 
_pdbx_struct_assembly.oligomeric_details   monomeric 
_pdbx_struct_assembly.oligomeric_count     1 
# 
loop_
_pdbx_struct_assembly_prop.biol_id 
_pdbx_struct_assembly_prop.type 
_pdbx_struct_assembly_prop.value 
_pdbx_struct_assembly_prop.details 
1 'ABSA (A^2)' 0    ? 
1 MORE         0    ? 
1 'SSA (A^2)'  6200 ? 
# 
_pdbx_struct_assembly_gen.assembly_id       1 
_pdbx_struct_assembly_gen.oper_expression   1 
_pdbx_struct_assembly_gen.asym_id_list      A,B 
# 
_pdbx_struct_assembly_auth_evidence.id                     1 
_pdbx_struct_assembly_auth_evidence.assembly_id            1 
_pdbx_struct_assembly_auth_evidence.experimental_support   'gel filtration' 
_pdbx_struct_assembly_auth_evidence.details                ? 
# 
_pdbx_struct_oper_list.id                   1 
_pdbx_struct_oper_list.type                 'identity operation' 
_pdbx_struct_oper_list.name                 1_555 
_pdbx_struct_oper_list.symmetry_operation   x,y,z 
_pdbx_struct_oper_list.matrix[1][1]         1.0000000000 
_pdbx_struct_oper_list.matrix[1][2]         0.0000000000 
_pdbx_struct_oper_list.matrix[1][3]         0.0000000000 
_pdbx_struct_oper_list.vector[1]            0.0000000000 
_pdbx_struct_oper_list.matrix[2][1]         0.0000000000 
_pdbx_struct_oper_list.matrix[2][2]         1.0000000000 
_pdbx_struct_oper_list.matrix[2][3]         0.0000000000 
_pdbx_struct_oper_list.vector[2]            0.0000000000 
_pdbx_struct_oper_list.matrix[3][1]         0.0000000000 
_pdbx_struct_oper_list.matrix[3][2]         0.0000000000 
_pdbx_struct_oper_list.matrix[3][3]         1.0000000000 
_pdbx_struct_oper_list.vector[3]            0.0000000000 
# 
loop_
_struct_conf.conf_type_id 
_struct_conf.id 
_struct_conf.pdbx_PDB_helix_id 
_struct_conf.beg_label_comp_id 
_struct_conf.beg_label_asym_id 
_struct_conf.beg_label_seq_id 
_struct_conf.pdbx_beg_PDB_ins_code 
_struct_conf.end_label_comp_id 
_struct_conf.end_label_asym_id 
_struct_conf.end_label_seq_id 
_struct_conf.pdbx_end_PDB_ins_code 
_struct_conf.beg_auth_comp_id 
_struct_conf.beg_auth_asym_id 
_struct_conf.beg_auth_seq_id 
_struct_conf.end_auth_comp_id 
_struct_conf.end_auth_asym_id 
_struct_conf.end_auth_seq_id 
_struct_conf.pdbx_PDB_helix_class 
_struct_conf.details 
_struct_conf.pdbx_PDB_helix_length 
HELX_P HELX_P1 AA1 GLN A 20 ? ALA A 27 ? GLN B 355 ALA B 362 1 ? 8  
HELX_P HELX_P2 AA2 LEU A 29 ? LEU A 34 ? LEU B 364 LEU B 369 1 ? 6  
HELX_P HELX_P3 AA3 SER A 37 ? TYR A 41 ? SER B 372 TYR B 376 5 ? 5  
HELX_P HELX_P4 AA4 HIS A 43 ? ASP A 45 ? HIS B 378 ASP B 380 5 ? 3  
HELX_P HELX_P5 AA5 ASP A 46 ? LEU A 58 ? ASP B 381 LEU B 393 1 ? 13 
# 
_struct_conf_type.id          HELX_P 
_struct_conf_type.criteria    ? 
_struct_conf_type.reference   ? 
# 
loop_
_struct_sheet.id 
_struct_sheet.type 
_struct_sheet.number_strands 
_struct_sheet.details 
AA1 ? 5 ? 
AA2 ? 5 ? 
# 
loop_
_struct_sheet_order.sheet_id 
_struct_sheet_order.range_id_1 
_struct_sheet_order.range_id_2 
_struct_sheet_order.offset 
_struct_sheet_order.sense 
AA1 1 2 ? anti-parallel 
AA1 2 3 ? anti-parallel 
AA1 3 4 ? anti-parallel 
AA1 4 5 ? anti-parallel 
AA2 1 2 ? anti-parallel 
AA2 2 3 ? anti-parallel 
AA2 3 4 ? anti-parallel 
AA2 4 5 ? anti-parallel 
# 
loop_
_struct_sheet_range.sheet_id 
_struct_sheet_range.id 
_struct_sheet_range.beg_label_comp_id 
_struct_sheet_range.beg_label_asym_id 
_struct_sheet_range.beg_label_seq_id 
_struct_sheet_range.pdbx_beg_PDB_ins_code 
_struct_sheet_range.end_label_comp_id 
_struct_sheet_range.end_label_asym_id 
_struct_sheet_range.end_label_seq_id 
_struct_sheet_range.pdbx_end_PDB_ins_code 
_struct_sheet_range.beg_auth_comp_id 
_struct_sheet_range.beg_auth_asym_id 
_struct_sheet_range.beg_auth_seq_id 
_struct_sheet_range.end_auth_comp_id 
_struct_sheet_range.end_auth_asym_id 
_struct_sheet_range.end_auth_seq_id 
AA1 1 PHE A 15 ? VAL A 18  ? PHE B 350 VAL B 353 
AA1 2 GLU A 4  ? HIS A 9   ? GLU B 339 HIS B 344 
AA1 3 VAL A 96 ? VAL A 105 ? VAL B 431 VAL B 440 
AA1 4 PHE A 78 ? MET A 89  ? PHE B 413 MET B 424 
AA1 5 ILE A 64 ? THR A 65  ? ILE B 399 THR B 400 
AA2 1 PHE A 15 ? VAL A 18  ? PHE B 350 VAL B 353 
AA2 2 GLU A 4  ? HIS A 9   ? GLU B 339 HIS B 344 
AA2 3 VAL A 96 ? VAL A 105 ? VAL B 431 VAL B 440 
AA2 4 PHE A 78 ? MET A 89  ? PHE B 413 MET B 424 
AA2 5 TYR A 69 ? LYS A 72  ? TYR B 404 LYS B 407 
# 
loop_
_pdbx_struct_sheet_hbond.sheet_id 
_pdbx_struct_sheet_hbond.range_id_1 
_pdbx_struct_sheet_hbond.range_id_2 
_pdbx_struct_sheet_hbond.range_1_label_atom_id 
_pdbx_struct_sheet_hbond.range_1_label_comp_id 
_pdbx_struct_sheet_hbond.range_1_label_asym_id 
_pdbx_struct_sheet_hbond.range_1_label_seq_id 
_pdbx_struct_sheet_hbond.range_1_PDB_ins_code 
_pdbx_struct_sheet_hbond.range_1_auth_atom_id 
_pdbx_struct_sheet_hbond.range_1_auth_comp_id 
_pdbx_struct_sheet_hbond.range_1_auth_asym_id 
_pdbx_struct_sheet_hbond.range_1_auth_seq_id 
_pdbx_struct_sheet_hbond.range_2_label_atom_id 
_pdbx_struct_sheet_hbond.range_2_label_comp_id 
_pdbx_struct_sheet_hbond.range_2_label_asym_id 
_pdbx_struct_sheet_hbond.range_2_label_seq_id 
_pdbx_struct_sheet_hbond.range_2_PDB_ins_code 
_pdbx_struct_sheet_hbond.range_2_auth_atom_id 
_pdbx_struct_sheet_hbond.range_2_auth_comp_id 
_pdbx_struct_sheet_hbond.range_2_auth_asym_id 
_pdbx_struct_sheet_hbond.range_2_auth_seq_id 
AA1 1 2 O VAL A 16  ? O VAL B 351 N ARG A 8   ? N ARG B 343 
AA1 2 3 N TYR A 5   ? N TYR B 340 O ASN A 103 ? O ASN B 438 
AA1 3 4 O VAL A 100 ? O VAL B 435 N PHE A 86  ? N PHE B 421 
AA1 4 5 O TRP A 85  ? O TRP B 420 N ILE A 64  ? N ILE B 399 
AA2 1 2 O VAL A 16  ? O VAL B 351 N ARG A 8   ? N ARG B 343 
AA2 2 3 N TYR A 5   ? N TYR B 340 O ASN A 103 ? O ASN B 438 
AA2 3 4 O VAL A 100 ? O VAL B 435 N PHE A 86  ? N PHE B 421 
AA2 4 5 O ILE A 79  ? O ILE B 414 N PHE A 71  ? N PHE B 406 
# 
_pdbx_entry_details.entry_id                   8RW6 
_pdbx_entry_details.compound_details           ? 
_pdbx_entry_details.source_details             ? 
_pdbx_entry_details.nonpolymer_details         ? 
_pdbx_entry_details.sequence_details           ? 
_pdbx_entry_details.has_ligand_of_interest     ? 
_pdbx_entry_details.has_protein_modification   N 
# 
_pdbx_distant_solvent_atoms.id                                1 
_pdbx_distant_solvent_atoms.PDB_model_num                     1 
_pdbx_distant_solvent_atoms.auth_atom_id                      O 
_pdbx_distant_solvent_atoms.label_alt_id                      ? 
_pdbx_distant_solvent_atoms.auth_asym_id                      B 
_pdbx_distant_solvent_atoms.auth_comp_id                      HOH 
_pdbx_distant_solvent_atoms.auth_seq_id                       533 
_pdbx_distant_solvent_atoms.PDB_ins_code                      ? 
_pdbx_distant_solvent_atoms.neighbor_macromolecule_distance   8.28 
_pdbx_distant_solvent_atoms.neighbor_ligand_distance          . 
# 
loop_
_pdbx_unobs_or_zero_occ_residues.id 
_pdbx_unobs_or_zero_occ_residues.PDB_model_num 
_pdbx_unobs_or_zero_occ_residues.polymer_flag 
_pdbx_unobs_or_zero_occ_residues.occupancy_flag 
_pdbx_unobs_or_zero_occ_residues.auth_asym_id 
_pdbx_unobs_or_zero_occ_residues.auth_comp_id 
_pdbx_unobs_or_zero_occ_residues.auth_seq_id 
_pdbx_unobs_or_zero_occ_residues.PDB_ins_code 
_pdbx_unobs_or_zero_occ_residues.label_asym_id 
_pdbx_unobs_or_zero_occ_residues.label_comp_id 
_pdbx_unobs_or_zero_occ_residues.label_seq_id 
1 1 Y 1 B LEU 442 ? A LEU 107 
2 1 Y 1 B ALA 443 ? A ALA 108 
3 1 Y 1 B ASN 444 ? A ASN 109 
4 1 Y 1 B VAL 445 ? A VAL 110 
5 1 Y 1 B LEU 446 ? A LEU 111 
6 1 Y 1 B GLU 447 ? A GLU 112 
7 1 Y 1 B GLY 448 ? A GLY 113 
8 1 Y 1 B GLY 449 ? A GLY 114 
# 
loop_
_chem_comp_atom.comp_id 
_chem_comp_atom.atom_id 
_chem_comp_atom.type_symbol 
_chem_comp_atom.pdbx_aromatic_flag 
_chem_comp_atom.pdbx_stereo_config 
_chem_comp_atom.pdbx_ordinal 
ALA N    N N N 1   
ALA CA   C N S 2   
ALA C    C N N 3   
ALA O    O N N 4   
ALA CB   C N N 5   
ALA OXT  O N N 6   
ALA H    H N N 7   
ALA H2   H N N 8   
ALA HA   H N N 9   
ALA HB1  H N N 10  
ALA HB2  H N N 11  
ALA HB3  H N N 12  
ALA HXT  H N N 13  
ARG N    N N N 14  
ARG CA   C N S 15  
ARG C    C N N 16  
ARG O    O N N 17  
ARG CB   C N N 18  
ARG CG   C N N 19  
ARG CD   C N N 20  
ARG NE   N N N 21  
ARG CZ   C N N 22  
ARG NH1  N N N 23  
ARG NH2  N N N 24  
ARG OXT  O N N 25  
ARG H    H N N 26  
ARG H2   H N N 27  
ARG HA   H N N 28  
ARG HB2  H N N 29  
ARG HB3  H N N 30  
ARG HG2  H N N 31  
ARG HG3  H N N 32  
ARG HD2  H N N 33  
ARG HD3  H N N 34  
ARG HE   H N N 35  
ARG HH11 H N N 36  
ARG HH12 H N N 37  
ARG HH21 H N N 38  
ARG HH22 H N N 39  
ARG HXT  H N N 40  
ASN N    N N N 41  
ASN CA   C N S 42  
ASN C    C N N 43  
ASN O    O N N 44  
ASN CB   C N N 45  
ASN CG   C N N 46  
ASN OD1  O N N 47  
ASN ND2  N N N 48  
ASN OXT  O N N 49  
ASN H    H N N 50  
ASN H2   H N N 51  
ASN HA   H N N 52  
ASN HB2  H N N 53  
ASN HB3  H N N 54  
ASN HD21 H N N 55  
ASN HD22 H N N 56  
ASN HXT  H N N 57  
ASP N    N N N 58  
ASP CA   C N S 59  
ASP C    C N N 60  
ASP O    O N N 61  
ASP CB   C N N 62  
ASP CG   C N N 63  
ASP OD1  O N N 64  
ASP OD2  O N N 65  
ASP OXT  O N N 66  
ASP H    H N N 67  
ASP H2   H N N 68  
ASP HA   H N N 69  
ASP HB2  H N N 70  
ASP HB3  H N N 71  
ASP HD2  H N N 72  
ASP HXT  H N N 73  
CYS N    N N N 74  
CYS CA   C N R 75  
CYS C    C N N 76  
CYS O    O N N 77  
CYS CB   C N N 78  
CYS SG   S N N 79  
CYS OXT  O N N 80  
CYS H    H N N 81  
CYS H2   H N N 82  
CYS HA   H N N 83  
CYS HB2  H N N 84  
CYS HB3  H N N 85  
CYS HG   H N N 86  
CYS HXT  H N N 87  
GLN N    N N N 88  
GLN CA   C N S 89  
GLN C    C N N 90  
GLN O    O N N 91  
GLN CB   C N N 92  
GLN CG   C N N 93  
GLN CD   C N N 94  
GLN OE1  O N N 95  
GLN NE2  N N N 96  
GLN OXT  O N N 97  
GLN H    H N N 98  
GLN H2   H N N 99  
GLN HA   H N N 100 
GLN HB2  H N N 101 
GLN HB3  H N N 102 
GLN HG2  H N N 103 
GLN HG3  H N N 104 
GLN HE21 H N N 105 
GLN HE22 H N N 106 
GLN HXT  H N N 107 
GLU N    N N N 108 
GLU CA   C N S 109 
GLU C    C N N 110 
GLU O    O N N 111 
GLU CB   C N N 112 
GLU CG   C N N 113 
GLU CD   C N N 114 
GLU OE1  O N N 115 
GLU OE2  O N N 116 
GLU OXT  O N N 117 
GLU H    H N N 118 
GLU H2   H N N 119 
GLU HA   H N N 120 
GLU HB2  H N N 121 
GLU HB3  H N N 122 
GLU HG2  H N N 123 
GLU HG3  H N N 124 
GLU HE2  H N N 125 
GLU HXT  H N N 126 
GLY N    N N N 127 
GLY CA   C N N 128 
GLY C    C N N 129 
GLY O    O N N 130 
GLY OXT  O N N 131 
GLY H    H N N 132 
GLY H2   H N N 133 
GLY HA2  H N N 134 
GLY HA3  H N N 135 
GLY HXT  H N N 136 
HIS N    N N N 137 
HIS CA   C N S 138 
HIS C    C N N 139 
HIS O    O N N 140 
HIS CB   C N N 141 
HIS CG   C Y N 142 
HIS ND1  N Y N 143 
HIS CD2  C Y N 144 
HIS CE1  C Y N 145 
HIS NE2  N Y N 146 
HIS OXT  O N N 147 
HIS H    H N N 148 
HIS H2   H N N 149 
HIS HA   H N N 150 
HIS HB2  H N N 151 
HIS HB3  H N N 152 
HIS HD1  H N N 153 
HIS HD2  H N N 154 
HIS HE1  H N N 155 
HIS HE2  H N N 156 
HIS HXT  H N N 157 
HOH O    O N N 158 
HOH H1   H N N 159 
HOH H2   H N N 160 
ILE N    N N N 161 
ILE CA   C N S 162 
ILE C    C N N 163 
ILE O    O N N 164 
ILE CB   C N S 165 
ILE CG1  C N N 166 
ILE CG2  C N N 167 
ILE CD1  C N N 168 
ILE OXT  O N N 169 
ILE H    H N N 170 
ILE H2   H N N 171 
ILE HA   H N N 172 
ILE HB   H N N 173 
ILE HG12 H N N 174 
ILE HG13 H N N 175 
ILE HG21 H N N 176 
ILE HG22 H N N 177 
ILE HG23 H N N 178 
ILE HD11 H N N 179 
ILE HD12 H N N 180 
ILE HD13 H N N 181 
ILE HXT  H N N 182 
LEU N    N N N 183 
LEU CA   C N S 184 
LEU C    C N N 185 
LEU O    O N N 186 
LEU CB   C N N 187 
LEU CG   C N N 188 
LEU CD1  C N N 189 
LEU CD2  C N N 190 
LEU OXT  O N N 191 
LEU H    H N N 192 
LEU H2   H N N 193 
LEU HA   H N N 194 
LEU HB2  H N N 195 
LEU HB3  H N N 196 
LEU HG   H N N 197 
LEU HD11 H N N 198 
LEU HD12 H N N 199 
LEU HD13 H N N 200 
LEU HD21 H N N 201 
LEU HD22 H N N 202 
LEU HD23 H N N 203 
LEU HXT  H N N 204 
LYS N    N N N 205 
LYS CA   C N S 206 
LYS C    C N N 207 
LYS O    O N N 208 
LYS CB   C N N 209 
LYS CG   C N N 210 
LYS CD   C N N 211 
LYS CE   C N N 212 
LYS NZ   N N N 213 
LYS OXT  O N N 214 
LYS H    H N N 215 
LYS H2   H N N 216 
LYS HA   H N N 217 
LYS HB2  H N N 218 
LYS HB3  H N N 219 
LYS HG2  H N N 220 
LYS HG3  H N N 221 
LYS HD2  H N N 222 
LYS HD3  H N N 223 
LYS HE2  H N N 224 
LYS HE3  H N N 225 
LYS HZ1  H N N 226 
LYS HZ2  H N N 227 
LYS HZ3  H N N 228 
LYS HXT  H N N 229 
MET N    N N N 230 
MET CA   C N S 231 
MET C    C N N 232 
MET O    O N N 233 
MET CB   C N N 234 
MET CG   C N N 235 
MET SD   S N N 236 
MET CE   C N N 237 
MET OXT  O N N 238 
MET H    H N N 239 
MET H2   H N N 240 
MET HA   H N N 241 
MET HB2  H N N 242 
MET HB3  H N N 243 
MET HG2  H N N 244 
MET HG3  H N N 245 
MET HE1  H N N 246 
MET HE2  H N N 247 
MET HE3  H N N 248 
MET HXT  H N N 249 
PHE N    N N N 250 
PHE CA   C N S 251 
PHE C    C N N 252 
PHE O    O N N 253 
PHE CB   C N N 254 
PHE CG   C Y N 255 
PHE CD1  C Y N 256 
PHE CD2  C Y N 257 
PHE CE1  C Y N 258 
PHE CE2  C Y N 259 
PHE CZ   C Y N 260 
PHE OXT  O N N 261 
PHE H    H N N 262 
PHE H2   H N N 263 
PHE HA   H N N 264 
PHE HB2  H N N 265 
PHE HB3  H N N 266 
PHE HD1  H N N 267 
PHE HD2  H N N 268 
PHE HE1  H N N 269 
PHE HE2  H N N 270 
PHE HZ   H N N 271 
PHE HXT  H N N 272 
PRO N    N N N 273 
PRO CA   C N S 274 
PRO C    C N N 275 
PRO O    O N N 276 
PRO CB   C N N 277 
PRO CG   C N N 278 
PRO CD   C N N 279 
PRO OXT  O N N 280 
PRO H    H N N 281 
PRO HA   H N N 282 
PRO HB2  H N N 283 
PRO HB3  H N N 284 
PRO HG2  H N N 285 
PRO HG3  H N N 286 
PRO HD2  H N N 287 
PRO HD3  H N N 288 
PRO HXT  H N N 289 
SER N    N N N 290 
SER CA   C N S 291 
SER C    C N N 292 
SER O    O N N 293 
SER CB   C N N 294 
SER OG   O N N 295 
SER OXT  O N N 296 
SER H    H N N 297 
SER H2   H N N 298 
SER HA   H N N 299 
SER HB2  H N N 300 
SER HB3  H N N 301 
SER HG   H N N 302 
SER HXT  H N N 303 
THR N    N N N 304 
THR CA   C N S 305 
THR C    C N N 306 
THR O    O N N 307 
THR CB   C N R 308 
THR OG1  O N N 309 
THR CG2  C N N 310 
THR OXT  O N N 311 
THR H    H N N 312 
THR H2   H N N 313 
THR HA   H N N 314 
THR HB   H N N 315 
THR HG1  H N N 316 
THR HG21 H N N 317 
THR HG22 H N N 318 
THR HG23 H N N 319 
THR HXT  H N N 320 
TRP N    N N N 321 
TRP CA   C N S 322 
TRP C    C N N 323 
TRP O    O N N 324 
TRP CB   C N N 325 
TRP CG   C Y N 326 
TRP CD1  C Y N 327 
TRP CD2  C Y N 328 
TRP NE1  N Y N 329 
TRP CE2  C Y N 330 
TRP CE3  C Y N 331 
TRP CZ2  C Y N 332 
TRP CZ3  C Y N 333 
TRP CH2  C Y N 334 
TRP OXT  O N N 335 
TRP H    H N N 336 
TRP H2   H N N 337 
TRP HA   H N N 338 
TRP HB2  H N N 339 
TRP HB3  H N N 340 
TRP HD1  H N N 341 
TRP HE1  H N N 342 
TRP HE3  H N N 343 
TRP HZ2  H N N 344 
TRP HZ3  H N N 345 
TRP HH2  H N N 346 
TRP HXT  H N N 347 
TYR N    N N N 348 
TYR CA   C N S 349 
TYR C    C N N 350 
TYR O    O N N 351 
TYR CB   C N N 352 
TYR CG   C Y N 353 
TYR CD1  C Y N 354 
TYR CD2  C Y N 355 
TYR CE1  C Y N 356 
TYR CE2  C Y N 357 
TYR CZ   C Y N 358 
TYR OH   O N N 359 
TYR OXT  O N N 360 
TYR H    H N N 361 
TYR H2   H N N 362 
TYR HA   H N N 363 
TYR HB2  H N N 364 
TYR HB3  H N N 365 
TYR HD1  H N N 366 
TYR HD2  H N N 367 
TYR HE1  H N N 368 
TYR HE2  H N N 369 
TYR HH   H N N 370 
TYR HXT  H N N 371 
VAL N    N N N 372 
VAL CA   C N S 373 
VAL C    C N N 374 
VAL O    O N N 375 
VAL CB   C N N 376 
VAL CG1  C N N 377 
VAL CG2  C N N 378 
VAL OXT  O N N 379 
VAL H    H N N 380 
VAL H2   H N N 381 
VAL HA   H N N 382 
VAL HB   H N N 383 
VAL HG11 H N N 384 
VAL HG12 H N N 385 
VAL HG13 H N N 386 
VAL HG21 H N N 387 
VAL HG22 H N N 388 
VAL HG23 H N N 389 
VAL HXT  H N N 390 
# 
loop_
_chem_comp_bond.comp_id 
_chem_comp_bond.atom_id_1 
_chem_comp_bond.atom_id_2 
_chem_comp_bond.value_order 
_chem_comp_bond.pdbx_aromatic_flag 
_chem_comp_bond.pdbx_stereo_config 
_chem_comp_bond.pdbx_ordinal 
ALA N   CA   sing N N 1   
ALA N   H    sing N N 2   
ALA N   H2   sing N N 3   
ALA CA  C    sing N N 4   
ALA CA  CB   sing N N 5   
ALA CA  HA   sing N N 6   
ALA C   O    doub N N 7   
ALA C   OXT  sing N N 8   
ALA CB  HB1  sing N N 9   
ALA CB  HB2  sing N N 10  
ALA CB  HB3  sing N N 11  
ALA OXT HXT  sing N N 12  
ARG N   CA   sing N N 13  
ARG N   H    sing N N 14  
ARG N   H2   sing N N 15  
ARG CA  C    sing N N 16  
ARG CA  CB   sing N N 17  
ARG CA  HA   sing N N 18  
ARG C   O    doub N N 19  
ARG C   OXT  sing N N 20  
ARG CB  CG   sing N N 21  
ARG CB  HB2  sing N N 22  
ARG CB  HB3  sing N N 23  
ARG CG  CD   sing N N 24  
ARG CG  HG2  sing N N 25  
ARG CG  HG3  sing N N 26  
ARG CD  NE   sing N N 27  
ARG CD  HD2  sing N N 28  
ARG CD  HD3  sing N N 29  
ARG NE  CZ   sing N N 30  
ARG NE  HE   sing N N 31  
ARG CZ  NH1  sing N N 32  
ARG CZ  NH2  doub N N 33  
ARG NH1 HH11 sing N N 34  
ARG NH1 HH12 sing N N 35  
ARG NH2 HH21 sing N N 36  
ARG NH2 HH22 sing N N 37  
ARG OXT HXT  sing N N 38  
ASN N   CA   sing N N 39  
ASN N   H    sing N N 40  
ASN N   H2   sing N N 41  
ASN CA  C    sing N N 42  
ASN CA  CB   sing N N 43  
ASN CA  HA   sing N N 44  
ASN C   O    doub N N 45  
ASN C   OXT  sing N N 46  
ASN CB  CG   sing N N 47  
ASN CB  HB2  sing N N 48  
ASN CB  HB3  sing N N 49  
ASN CG  OD1  doub N N 50  
ASN CG  ND2  sing N N 51  
ASN ND2 HD21 sing N N 52  
ASN ND2 HD22 sing N N 53  
ASN OXT HXT  sing N N 54  
ASP N   CA   sing N N 55  
ASP N   H    sing N N 56  
ASP N   H2   sing N N 57  
ASP CA  C    sing N N 58  
ASP CA  CB   sing N N 59  
ASP CA  HA   sing N N 60  
ASP C   O    doub N N 61  
ASP C   OXT  sing N N 62  
ASP CB  CG   sing N N 63  
ASP CB  HB2  sing N N 64  
ASP CB  HB3  sing N N 65  
ASP CG  OD1  doub N N 66  
ASP CG  OD2  sing N N 67  
ASP OD2 HD2  sing N N 68  
ASP OXT HXT  sing N N 69  
CYS N   CA   sing N N 70  
CYS N   H    sing N N 71  
CYS N   H2   sing N N 72  
CYS CA  C    sing N N 73  
CYS CA  CB   sing N N 74  
CYS CA  HA   sing N N 75  
CYS C   O    doub N N 76  
CYS C   OXT  sing N N 77  
CYS CB  SG   sing N N 78  
CYS CB  HB2  sing N N 79  
CYS CB  HB3  sing N N 80  
CYS SG  HG   sing N N 81  
CYS OXT HXT  sing N N 82  
GLN N   CA   sing N N 83  
GLN N   H    sing N N 84  
GLN N   H2   sing N N 85  
GLN CA  C    sing N N 86  
GLN CA  CB   sing N N 87  
GLN CA  HA   sing N N 88  
GLN C   O    doub N N 89  
GLN C   OXT  sing N N 90  
GLN CB  CG   sing N N 91  
GLN CB  HB2  sing N N 92  
GLN CB  HB3  sing N N 93  
GLN CG  CD   sing N N 94  
GLN CG  HG2  sing N N 95  
GLN CG  HG3  sing N N 96  
GLN CD  OE1  doub N N 97  
GLN CD  NE2  sing N N 98  
GLN NE2 HE21 sing N N 99  
GLN NE2 HE22 sing N N 100 
GLN OXT HXT  sing N N 101 
GLU N   CA   sing N N 102 
GLU N   H    sing N N 103 
GLU N   H2   sing N N 104 
GLU CA  C    sing N N 105 
GLU CA  CB   sing N N 106 
GLU CA  HA   sing N N 107 
GLU C   O    doub N N 108 
GLU C   OXT  sing N N 109 
GLU CB  CG   sing N N 110 
GLU CB  HB2  sing N N 111 
GLU CB  HB3  sing N N 112 
GLU CG  CD   sing N N 113 
GLU CG  HG2  sing N N 114 
GLU CG  HG3  sing N N 115 
GLU CD  OE1  doub N N 116 
GLU CD  OE2  sing N N 117 
GLU OE2 HE2  sing N N 118 
GLU OXT HXT  sing N N 119 
GLY N   CA   sing N N 120 
GLY N   H    sing N N 121 
GLY N   H2   sing N N 122 
GLY CA  C    sing N N 123 
GLY CA  HA2  sing N N 124 
GLY CA  HA3  sing N N 125 
GLY C   O    doub N N 126 
GLY C   OXT  sing N N 127 
GLY OXT HXT  sing N N 128 
HIS N   CA   sing N N 129 
HIS N   H    sing N N 130 
HIS N   H2   sing N N 131 
HIS CA  C    sing N N 132 
HIS CA  CB   sing N N 133 
HIS CA  HA   sing N N 134 
HIS C   O    doub N N 135 
HIS C   OXT  sing N N 136 
HIS CB  CG   sing N N 137 
HIS CB  HB2  sing N N 138 
HIS CB  HB3  sing N N 139 
HIS CG  ND1  sing Y N 140 
HIS CG  CD2  doub Y N 141 
HIS ND1 CE1  doub Y N 142 
HIS ND1 HD1  sing N N 143 
HIS CD2 NE2  sing Y N 144 
HIS CD2 HD2  sing N N 145 
HIS CE1 NE2  sing Y N 146 
HIS CE1 HE1  sing N N 147 
HIS NE2 HE2  sing N N 148 
HIS OXT HXT  sing N N 149 
HOH O   H1   sing N N 150 
HOH O   H2   sing N N 151 
ILE N   CA   sing N N 152 
ILE N   H    sing N N 153 
ILE N   H2   sing N N 154 
ILE CA  C    sing N N 155 
ILE CA  CB   sing N N 156 
ILE CA  HA   sing N N 157 
ILE C   O    doub N N 158 
ILE C   OXT  sing N N 159 
ILE CB  CG1  sing N N 160 
ILE CB  CG2  sing N N 161 
ILE CB  HB   sing N N 162 
ILE CG1 CD1  sing N N 163 
ILE CG1 HG12 sing N N 164 
ILE CG1 HG13 sing N N 165 
ILE CG2 HG21 sing N N 166 
ILE CG2 HG22 sing N N 167 
ILE CG2 HG23 sing N N 168 
ILE CD1 HD11 sing N N 169 
ILE CD1 HD12 sing N N 170 
ILE CD1 HD13 sing N N 171 
ILE OXT HXT  sing N N 172 
LEU N   CA   sing N N 173 
LEU N   H    sing N N 174 
LEU N   H2   sing N N 175 
LEU CA  C    sing N N 176 
LEU CA  CB   sing N N 177 
LEU CA  HA   sing N N 178 
LEU C   O    doub N N 179 
LEU C   OXT  sing N N 180 
LEU CB  CG   sing N N 181 
LEU CB  HB2  sing N N 182 
LEU CB  HB3  sing N N 183 
LEU CG  CD1  sing N N 184 
LEU CG  CD2  sing N N 185 
LEU CG  HG   sing N N 186 
LEU CD1 HD11 sing N N 187 
LEU CD1 HD12 sing N N 188 
LEU CD1 HD13 sing N N 189 
LEU CD2 HD21 sing N N 190 
LEU CD2 HD22 sing N N 191 
LEU CD2 HD23 sing N N 192 
LEU OXT HXT  sing N N 193 
LYS N   CA   sing N N 194 
LYS N   H    sing N N 195 
LYS N   H2   sing N N 196 
LYS CA  C    sing N N 197 
LYS CA  CB   sing N N 198 
LYS CA  HA   sing N N 199 
LYS C   O    doub N N 200 
LYS C   OXT  sing N N 201 
LYS CB  CG   sing N N 202 
LYS CB  HB2  sing N N 203 
LYS CB  HB3  sing N N 204 
LYS CG  CD   sing N N 205 
LYS CG  HG2  sing N N 206 
LYS CG  HG3  sing N N 207 
LYS CD  CE   sing N N 208 
LYS CD  HD2  sing N N 209 
LYS CD  HD3  sing N N 210 
LYS CE  NZ   sing N N 211 
LYS CE  HE2  sing N N 212 
LYS CE  HE3  sing N N 213 
LYS NZ  HZ1  sing N N 214 
LYS NZ  HZ2  sing N N 215 
LYS NZ  HZ3  sing N N 216 
LYS OXT HXT  sing N N 217 
MET N   CA   sing N N 218 
MET N   H    sing N N 219 
MET N   H2   sing N N 220 
MET CA  C    sing N N 221 
MET CA  CB   sing N N 222 
MET CA  HA   sing N N 223 
MET C   O    doub N N 224 
MET C   OXT  sing N N 225 
MET CB  CG   sing N N 226 
MET CB  HB2  sing N N 227 
MET CB  HB3  sing N N 228 
MET CG  SD   sing N N 229 
MET CG  HG2  sing N N 230 
MET CG  HG3  sing N N 231 
MET SD  CE   sing N N 232 
MET CE  HE1  sing N N 233 
MET CE  HE2  sing N N 234 
MET CE  HE3  sing N N 235 
MET OXT HXT  sing N N 236 
PHE N   CA   sing N N 237 
PHE N   H    sing N N 238 
PHE N   H2   sing N N 239 
PHE CA  C    sing N N 240 
PHE CA  CB   sing N N 241 
PHE CA  HA   sing N N 242 
PHE C   O    doub N N 243 
PHE C   OXT  sing N N 244 
PHE CB  CG   sing N N 245 
PHE CB  HB2  sing N N 246 
PHE CB  HB3  sing N N 247 
PHE CG  CD1  doub Y N 248 
PHE CG  CD2  sing Y N 249 
PHE CD1 CE1  sing Y N 250 
PHE CD1 HD1  sing N N 251 
PHE CD2 CE2  doub Y N 252 
PHE CD2 HD2  sing N N 253 
PHE CE1 CZ   doub Y N 254 
PHE CE1 HE1  sing N N 255 
PHE CE2 CZ   sing Y N 256 
PHE CE2 HE2  sing N N 257 
PHE CZ  HZ   sing N N 258 
PHE OXT HXT  sing N N 259 
PRO N   CA   sing N N 260 
PRO N   CD   sing N N 261 
PRO N   H    sing N N 262 
PRO CA  C    sing N N 263 
PRO CA  CB   sing N N 264 
PRO CA  HA   sing N N 265 
PRO C   O    doub N N 266 
PRO C   OXT  sing N N 267 
PRO CB  CG   sing N N 268 
PRO CB  HB2  sing N N 269 
PRO CB  HB3  sing N N 270 
PRO CG  CD   sing N N 271 
PRO CG  HG2  sing N N 272 
PRO CG  HG3  sing N N 273 
PRO CD  HD2  sing N N 274 
PRO CD  HD3  sing N N 275 
PRO OXT HXT  sing N N 276 
SER N   CA   sing N N 277 
SER N   H    sing N N 278 
SER N   H2   sing N N 279 
SER CA  C    sing N N 280 
SER CA  CB   sing N N 281 
SER CA  HA   sing N N 282 
SER C   O    doub N N 283 
SER C   OXT  sing N N 284 
SER CB  OG   sing N N 285 
SER CB  HB2  sing N N 286 
SER CB  HB3  sing N N 287 
SER OG  HG   sing N N 288 
SER OXT HXT  sing N N 289 
THR N   CA   sing N N 290 
THR N   H    sing N N 291 
THR N   H2   sing N N 292 
THR CA  C    sing N N 293 
THR CA  CB   sing N N 294 
THR CA  HA   sing N N 295 
THR C   O    doub N N 296 
THR C   OXT  sing N N 297 
THR CB  OG1  sing N N 298 
THR CB  CG2  sing N N 299 
THR CB  HB   sing N N 300 
THR OG1 HG1  sing N N 301 
THR CG2 HG21 sing N N 302 
THR CG2 HG22 sing N N 303 
THR CG2 HG23 sing N N 304 
THR OXT HXT  sing N N 305 
TRP N   CA   sing N N 306 
TRP N   H    sing N N 307 
TRP N   H2   sing N N 308 
TRP CA  C    sing N N 309 
TRP CA  CB   sing N N 310 
TRP CA  HA   sing N N 311 
TRP C   O    doub N N 312 
TRP C   OXT  sing N N 313 
TRP CB  CG   sing N N 314 
TRP CB  HB2  sing N N 315 
TRP CB  HB3  sing N N 316 
TRP CG  CD1  doub Y N 317 
TRP CG  CD2  sing Y N 318 
TRP CD1 NE1  sing Y N 319 
TRP CD1 HD1  sing N N 320 
TRP CD2 CE2  doub Y N 321 
TRP CD2 CE3  sing Y N 322 
TRP NE1 CE2  sing Y N 323 
TRP NE1 HE1  sing N N 324 
TRP CE2 CZ2  sing Y N 325 
TRP CE3 CZ3  doub Y N 326 
TRP CE3 HE3  sing N N 327 
TRP CZ2 CH2  doub Y N 328 
TRP CZ2 HZ2  sing N N 329 
TRP CZ3 CH2  sing Y N 330 
TRP CZ3 HZ3  sing N N 331 
TRP CH2 HH2  sing N N 332 
TRP OXT HXT  sing N N 333 
TYR N   CA   sing N N 334 
TYR N   H    sing N N 335 
TYR N   H2   sing N N 336 
TYR CA  C    sing N N 337 
TYR CA  CB   sing N N 338 
TYR CA  HA   sing N N 339 
TYR C   O    doub N N 340 
TYR C   OXT  sing N N 341 
TYR CB  CG   sing N N 342 
TYR CB  HB2  sing N N 343 
TYR CB  HB3  sing N N 344 
TYR CG  CD1  doub Y N 345 
TYR CG  CD2  sing Y N 346 
TYR CD1 CE1  sing Y N 347 
TYR CD1 HD1  sing N N 348 
TYR CD2 CE2  doub Y N 349 
TYR CD2 HD2  sing N N 350 
TYR CE1 CZ   doub Y N 351 
TYR CE1 HE1  sing N N 352 
TYR CE2 CZ   sing Y N 353 
TYR CE2 HE2  sing N N 354 
TYR CZ  OH   sing N N 355 
TYR OH  HH   sing N N 356 
TYR OXT HXT  sing N N 357 
VAL N   CA   sing N N 358 
VAL N   H    sing N N 359 
VAL N   H2   sing N N 360 
VAL CA  C    sing N N 361 
VAL CA  CB   sing N N 362 
VAL CA  HA   sing N N 363 
VAL C   O    doub N N 364 
VAL C   OXT  sing N N 365 
VAL CB  CG1  sing N N 366 
VAL CB  CG2  sing N N 367 
VAL CB  HB   sing N N 368 
VAL CG1 HG11 sing N N 369 
VAL CG1 HG12 sing N N 370 
VAL CG1 HG13 sing N N 371 
VAL CG2 HG21 sing N N 372 
VAL CG2 HG22 sing N N 373 
VAL CG2 HG23 sing N N 374 
VAL OXT HXT  sing N N 375 
# 
_pdbx_audit_support.funding_organization   'Wellcome Trust' 
_pdbx_audit_support.country                'United Kingdom' 
_pdbx_audit_support.grant_number           210664/Z/18/Z 
_pdbx_audit_support.ordinal                1 
# 
_pdbx_initial_refinement_model.id               1 
_pdbx_initial_refinement_model.entity_id_list   ? 
_pdbx_initial_refinement_model.type             'experimental model' 
_pdbx_initial_refinement_model.source_name      PDB 
_pdbx_initial_refinement_model.accession_code   4f3l 
_pdbx_initial_refinement_model.details          ? 
# 
_atom_sites.entry_id                    8RW6 
_atom_sites.Cartn_transf_matrix[1][1]   ? 
_atom_sites.Cartn_transf_matrix[1][2]   ? 
_atom_sites.Cartn_transf_matrix[1][3]   ? 
_atom_sites.Cartn_transf_matrix[2][1]   ? 
_atom_sites.Cartn_transf_matrix[2][2]   ? 
_atom_sites.Cartn_transf_matrix[2][3]   ? 
_atom_sites.Cartn_transf_matrix[3][1]   ? 
_atom_sites.Cartn_transf_matrix[3][2]   ? 
_atom_sites.Cartn_transf_matrix[3][3]   ? 
_atom_sites.Cartn_transf_vector[1]      ? 
_atom_sites.Cartn_transf_vector[2]      ? 
_atom_sites.Cartn_transf_vector[3]      ? 
_atom_sites.Cartn_transform_axes        ? 
_atom_sites.fract_transf_matrix[1][1]   -0.01264957 
_atom_sites.fract_transf_matrix[1][2]   0.02945148 
_atom_sites.fract_transf_matrix[1][3]   0.00815401 
_atom_sites.fract_transf_matrix[2][1]   0.02155227 
_atom_sites.fract_transf_matrix[2][2]   0.01210540 
_atom_sites.fract_transf_matrix[2][3]   -0.01028881 
_atom_sites.fract_transf_matrix[3][1]   -0.00595999 
_atom_sites.fract_transf_matrix[3][2]   0.00067634 
_atom_sites.fract_transf_matrix[3][3]   -0.01168880 
_atom_sites.fract_transf_vector[1]      0.219609 
_atom_sites.fract_transf_vector[2]      -0.105550 
_atom_sites.fract_transf_vector[3]      -0.206920 
_atom_sites.solution_primary            ? 
_atom_sites.solution_secondary          ? 
_atom_sites.solution_hydrogens          ? 
_atom_sites.special_details             ? 
# 
loop_
_atom_type.symbol 
C 
N 
O 
S 
# 
loop_
_atom_site.group_PDB 
_atom_site.id 
_atom_site.type_symbol 
_atom_site.label_atom_id 
_atom_site.label_alt_id 
_atom_site.label_comp_id 
_atom_site.label_asym_id 
_atom_site.label_entity_id 
_atom_site.label_seq_id 
_atom_site.pdbx_PDB_ins_code 
_atom_site.Cartn_x 
_atom_site.Cartn_y 
_atom_site.Cartn_z 
_atom_site.occupancy 
_atom_site.B_iso_or_equiv 
_atom_site.pdbx_formal_charge 
_atom_site.auth_seq_id 
_atom_site.auth_comp_id 
_atom_site.auth_asym_id 
_atom_site.auth_atom_id 
_atom_site.pdbx_PDB_model_num 
ATOM   1   N N   . GLY A 1 1   ? -18.080 0.222   -2.238  1.00 24.63 ? 336 GLY B N   1 
ATOM   2   C CA  . GLY A 1 1   ? -18.027 -0.578  -3.447  1.00 19.84 ? 336 GLY B CA  1 
ATOM   3   C C   . GLY A 1 1   ? -16.690 -1.265  -3.623  1.00 21.35 ? 336 GLY B C   1 
ATOM   4   O O   . GLY A 1 1   ? -16.015 -1.588  -2.635  1.00 20.72 ? 336 GLY B O   1 
ATOM   5   N N   . SER A 1 2   ? -16.294 -1.484  -4.882  1.00 19.16 ? 337 SER B N   1 
ATOM   6   C CA  . SER A 1 2   ? -15.051 -2.179  -5.191  1.00 21.82 ? 337 SER B CA  1 
ATOM   7   C C   . SER A 1 2   ? -14.117 -1.339  -6.059  1.00 20.49 ? 337 SER B C   1 
ATOM   8   O O   . SER A 1 2   ? -13.366 -1.888  -6.869  1.00 22.43 ? 337 SER B O   1 
ATOM   9   C CB  . SER A 1 2   ? -15.346 -3.522  -5.861  1.00 20.18 ? 337 SER B CB  1 
ATOM   10  O OG  . SER A 1 2   ? -14.353 -4.486  -5.545  1.00 32.28 ? 337 SER B OG  1 
ATOM   11  N N   . MET A 1 3   ? -14.169 -0.008  -5.918  1.00 18.46 ? 338 MET B N   1 
ATOM   12  C CA  . MET A 1 3   ? -13.201 0.899   -6.535  1.00 17.25 ? 338 MET B CA  1 
ATOM   13  C C   . MET A 1 3   ? -11.993 1.163   -5.642  1.00 18.19 ? 338 MET B C   1 
ATOM   14  O O   . MET A 1 3   ? -11.122 1.961   -6.002  1.00 15.65 ? 338 MET B O   1 
ATOM   15  C CB  . MET A 1 3   ? -13.854 2.244   -6.889  1.00 20.22 ? 338 MET B CB  1 
ATOM   16  C CG  . MET A 1 3   ? -15.000 2.184   -7.891  1.00 20.12 ? 338 MET B CG  1 
ATOM   17  S SD  . MET A 1 3   ? -14.416 1.579   -9.479  1.00 32.71 ? 338 MET B SD  1 
ATOM   18  C CE  . MET A 1 3   ? -14.846 -0.143  -9.363  1.00 26.19 ? 338 MET B CE  1 
ATOM   19  N N   . GLU A 1 4   ? -11.944 0.555   -4.469  1.00 15.21 ? 339 GLU B N   1 
ATOM   20  C CA  . GLU A 1 4   ? -10.803 0.705   -3.587  1.00 15.31 ? 339 GLU B CA  1 
ATOM   21  C C   . GLU A 1 4   ? -10.648 -0.593  -2.827  1.00 14.67 ? 339 GLU B C   1 
ATOM   22  O O   . GLU A 1 4   ? -11.562 -1.417  -2.778  1.00 13.73 ? 339 GLU B O   1 
ATOM   23  C CB  . GLU A 1 4   ? -10.973 1.880   -2.610  1.00 16.34 ? 339 GLU B CB  1 
ATOM   24  C CG  . GLU A 1 4   ? -12.096 1.664   -1.569  1.00 16.83 ? 339 GLU B CG  1 
ATOM   25  C CD  . GLU A 1 4   ? -12.309 2.890   -0.672  1.00 19.61 ? 339 GLU B CD  1 
ATOM   26  O OE1 . GLU A 1 4   ? -12.466 3.988   -1.233  1.00 19.80 ? 339 GLU B OE1 1 
ATOM   27  O OE2 . GLU A 1 4   ? -12.303 2.756   0.580   1.00 16.34 ? 339 GLU B OE2 1 
ATOM   28  N N   . TYR A 1 5   ? -9.474  -0.779  -2.241  1.00 13.73 ? 340 TYR B N   1 
ATOM   29  C CA  . TYR A 1 5   ? -9.274  -1.892  -1.333  1.00 13.00 ? 340 TYR B CA  1 
ATOM   30  C C   . TYR A 1 5   ? -8.229  -1.476  -0.311  1.00 13.53 ? 340 TYR B C   1 
ATOM   31  O O   . TYR A 1 5   ? -7.445  -0.553  -0.542  1.00 12.98 ? 340 TYR B O   1 
ATOM   32  C CB  . TYR A 1 5   ? -8.869  -3.168  -2.081  1.00 12.92 ? 340 TYR B CB  1 
ATOM   33  C CG  . TYR A 1 5   ? -7.393  -3.279  -2.312  1.00 13.34 ? 340 TYR B CG  1 
ATOM   34  C CD1 . TYR A 1 5   ? -6.602  -4.048  -1.460  1.00 15.37 ? 340 TYR B CD1 1 
ATOM   35  C CD2 . TYR A 1 5   ? -6.784  -2.610  -3.354  1.00 13.36 ? 340 TYR B CD2 1 
ATOM   36  C CE1 . TYR A 1 5   ? -5.239  -4.161  -1.651  1.00 14.01 ? 340 TYR B CE1 1 
ATOM   37  C CE2 . TYR A 1 5   ? -5.411  -2.709  -3.551  1.00 13.14 ? 340 TYR B CE2 1 
ATOM   38  C CZ  . TYR A 1 5   ? -4.649  -3.488  -2.691  1.00 14.47 ? 340 TYR B CZ  1 
ATOM   39  O OH  . TYR A 1 5   ? -3.290  -3.608  -2.862  1.00 16.46 ? 340 TYR B OH  1 
ATOM   40  N N   . VAL A 1 6   ? -8.235  -2.162  0.826   1.00 11.59 ? 341 VAL B N   1 
ATOM   41  C CA  . VAL A 1 6   ? -7.398  -1.809  1.965   1.00 13.88 ? 341 VAL B CA  1 
ATOM   42  C C   . VAL A 1 6   ? -6.298  -2.851  2.093   1.00 14.92 ? 341 VAL B C   1 
ATOM   43  O O   . VAL A 1 6   ? -6.556  -4.058  1.999   1.00 13.68 ? 341 VAL B O   1 
ATOM   44  C CB  . VAL A 1 6   ? -8.217  -1.715  3.266   1.00 14.26 ? 341 VAL B CB  1 
ATOM   45  C CG1 . VAL A 1 6   ? -7.302  -1.450  4.485   1.00 13.85 ? 341 VAL B CG1 1 
ATOM   46  C CG2 . VAL A 1 6   ? -9.286  -0.644  3.130   1.00 12.47 ? 341 VAL B CG2 1 
ATOM   47  N N   . SER A 1 7   ? -5.074  -2.381  2.316   1.00 13.06 ? 342 SER B N   1 
ATOM   48  C CA  . SER A 1 7   ? -3.943  -3.255  2.570   1.00 11.13 ? 342 SER B CA  1 
ATOM   49  C C   . SER A 1 7   ? -3.239  -2.775  3.828   1.00 12.33 ? 342 SER B C   1 
ATOM   50  O O   . SER A 1 7   ? -3.461  -1.655  4.286   1.00 13.68 ? 342 SER B O   1 
ATOM   51  C CB  . SER A 1 7   ? -2.982  -3.268  1.377   1.00 11.90 ? 342 SER B CB  1 
ATOM   52  O OG  . SER A 1 7   ? -2.533  -1.957  1.085   1.00 11.81 ? 342 SER B OG  1 
ATOM   53  N N   . ARG A 1 8   ? -2.375  -3.625  4.383   1.00 11.23 ? 343 ARG B N   1 
ATOM   54  C CA  . ARG A 1 8   ? -1.456  -3.219  5.441   1.00 10.35 ? 343 ARG B CA  1 
ATOM   55  C C   . ARG A 1 8   ? -0.043  -3.591  5.030   1.00 12.92 ? 343 ARG B C   1 
ATOM   56  O O   . ARG A 1 8   ? 0.167   -4.576  4.315   1.00 12.15 ? 343 ARG B O   1 
ATOM   57  C CB  . ARG A 1 8   ? -1.775  -3.871  6.794   1.00 12.69 ? 343 ARG B CB  1 
ATOM   58  C CG  . ARG A 1 8   ? -3.148  -3.567  7.310   1.00 13.14 ? 343 ARG B CG  1 
ATOM   59  C CD  . ARG A 1 8   ? -3.396  -4.295  8.613   1.00 14.09 ? 343 ARG B CD  1 
ATOM   60  N NE  . ARG A 1 8   ? -4.767  -4.070  9.062   1.00 16.71 ? 343 ARG B NE  1 
ATOM   61  C CZ  . ARG A 1 8   ? -5.336  -4.716  10.069  1.00 18.25 ? 343 ARG B CZ  1 
ATOM   62  N NH1 . ARG A 1 8   ? -4.653  -5.641  10.739  1.00 15.02 ? 343 ARG B NH1 1 
ATOM   63  N NH2 . ARG A 1 8   ? -6.591  -4.437  10.403  1.00 16.06 ? 343 ARG B NH2 1 
ATOM   64  N N   . HIS A 1 9   ? 0.925   -2.796  5.487   1.00 10.71 ? 344 HIS B N   1 
ATOM   65  C CA  . HIS A 1 9   ? 2.306   -2.957  5.054   1.00 11.64 ? 344 HIS B CA  1 
ATOM   66  C C   . HIS A 1 9   ? 3.265   -2.866  6.223   1.00 13.55 ? 344 HIS B C   1 
ATOM   67  O O   . HIS A 1 9   ? 3.217   -1.913  7.009   1.00 12.91 ? 344 HIS B O   1 
ATOM   68  C CB  . HIS A 1 9   ? 2.657   -1.912  4.000   1.00 10.26 ? 344 HIS B CB  1 
ATOM   69  C CG  . HIS A 1 9   ? 1.777   -2.000  2.800   1.00 11.37 ? 344 HIS B CG  1 
ATOM   70  N ND1 . HIS A 1 9   ? 2.007   -2.895  1.782   1.00 10.84 ? 344 HIS B ND1 1 
ATOM   71  C CD2 . HIS A 1 9   ? 0.625   -1.358  2.488   1.00 12.89 ? 344 HIS B CD2 1 
ATOM   72  C CE1 . HIS A 1 9   ? 1.054   -2.780  0.872   1.00 12.36 ? 344 HIS B CE1 1 
ATOM   73  N NE2 . HIS A 1 9   ? 0.203   -1.852  1.277   1.00 13.54 ? 344 HIS B NE2 1 
ATOM   74  N N   . ALA A 1 10  ? 4.123   -3.877  6.329   1.00 13.47 ? 345 ALA B N   1 
ATOM   75  C CA  . ALA A 1 10  ? 5.256   -3.844  7.232   1.00 12.54 ? 345 ALA B CA  1 
ATOM   76  C C   . ALA A 1 10  ? 6.322   -2.885  6.686   1.00 13.13 ? 345 ALA B C   1 
ATOM   77  O O   . ALA A 1 10  ? 6.195   -2.308  5.596   1.00 12.38 ? 345 ALA B O   1 
ATOM   78  C CB  . ALA A 1 10  ? 5.808   -5.260  7.418   1.00 14.32 ? 345 ALA B CB  1 
ATOM   79  N N   . ILE A 1 11  ? 7.420   -2.758  7.435   1.00 13.67 ? 346 ILE B N   1 
ATOM   80  C CA  . ILE A 1 11  ? 8.343   -1.651  7.205   1.00 14.91 ? 346 ILE B CA  1 
ATOM   81  C C   . ILE A 1 11  ? 9.096   -1.741  5.873   1.00 14.47 ? 346 ILE B C   1 
ATOM   82  O O   . ILE A 1 11  ? 9.574   -0.714  5.373   1.00 12.12 ? 346 ILE B O   1 
ATOM   83  C CB  . ILE A 1 11  ? 9.310   -1.539  8.396   1.00 17.88 ? 346 ILE B CB  1 
ATOM   84  C CG1 . ILE A 1 11  ? 9.946   -0.141  8.402   1.00 16.38 ? 346 ILE B CG1 1 
ATOM   85  C CG2 . ILE A 1 11  ? 10.312  -2.715  8.385   1.00 17.08 ? 346 ILE B CG2 1 
ATOM   86  C CD1 . ILE A 1 11  ? 10.256  0.375   9.761   1.00 21.11 ? 346 ILE B CD1 1 
ATOM   87  N N   . ASP A 1 12  ? 9.214   -2.916  5.257   1.00 12.20 ? 347 ASP B N   1 
ATOM   88  C CA  . ASP A 1 12  ? 9.840   -2.975  3.942   1.00 13.25 ? 347 ASP B CA  1 
ATOM   89  C C   . ASP A 1 12  ? 8.810   -2.984  2.821   1.00 13.53 ? 347 ASP B C   1 
ATOM   90  O O   . ASP A 1 12  ? 9.161   -3.246  1.664   1.00 12.76 ? 347 ASP B O   1 
ATOM   91  C CB  . ASP A 1 12  ? 10.789  -4.177  3.822   1.00 15.41 ? 347 ASP B CB  1 
ATOM   92  C CG  . ASP A 1 12  ? 10.094  -5.516  3.985   1.00 15.88 ? 347 ASP B CG  1 
ATOM   93  O OD1 . ASP A 1 12  ? 8.867   -5.543  4.182   1.00 15.72 ? 347 ASP B OD1 1 
ATOM   94  O OD2 . ASP A 1 12  ? 10.801  -6.551  3.922   1.00 16.50 ? 347 ASP B OD2 1 
ATOM   95  N N   . GLY A 1 13  ? 7.549   -2.687  3.144   1.00 11.81 ? 348 GLY B N   1 
ATOM   96  C CA  . GLY A 1 13  ? 6.478   -2.690  2.184   1.00 11.88 ? 348 GLY B CA  1 
ATOM   97  C C   . GLY A 1 13  ? 5.707   -3.981  2.117   1.00 10.21 ? 348 GLY B C   1 
ATOM   98  O O   . GLY A 1 13  ? 4.677   -4.025  1.440   1.00 11.48 ? 348 GLY B O   1 
ATOM   99  N N   . LYS A 1 14  ? 6.157   -5.024  2.814   1.00 10.24 ? 349 LYS B N   1 
ATOM   100 C CA  . LYS A 1 14  ? 5.523   -6.333  2.700   1.00 11.14 ? 349 LYS B CA  1 
ATOM   101 C C   . LYS A 1 14  ? 4.030   -6.261  3.020   1.00 9.52  ? 349 LYS B C   1 
ATOM   102 O O   . LYS A 1 14  ? 3.637   -5.747  4.067   1.00 10.59 ? 349 LYS B O   1 
ATOM   103 C CB  . LYS A 1 14  ? 6.209   -7.329  3.634   1.00 11.37 ? 349 LYS B CB  1 
ATOM   104 C CG  . LYS A 1 14  ? 5.810   -8.761  3.351   1.00 12.73 ? 349 LYS B CG  1 
ATOM   105 C CD  . LYS A 1 14  ? 6.625   -9.743  4.191   1.00 12.76 ? 349 LYS B CD  1 
ATOM   106 C CE  . LYS A 1 14  ? 6.375   -9.532  5.649   1.00 12.22 ? 349 LYS B CE  1 
ATOM   107 N NZ  . LYS A 1 14  ? 7.351   -10.256 6.501   1.00 14.57 ? 349 LYS B NZ  1 
ATOM   108 N N   . PHE A 1 15  ? 3.202   -6.773  2.106   1.00 11.02 ? 350 PHE B N   1 
ATOM   109 C CA  . PHE A 1 15  ? 1.776   -6.926  2.379   1.00 9.64  ? 350 PHE B CA  1 
ATOM   110 C C   . PHE A 1 15  ? 1.566   -7.882  3.541   1.00 11.74 ? 350 PHE B C   1 
ATOM   111 O O   . PHE A 1 15  ? 1.971   -9.046  3.473   1.00 10.34 ? 350 PHE B O   1 
ATOM   112 C CB  . PHE A 1 15  ? 1.055   -7.478  1.155   1.00 11.14 ? 350 PHE B CB  1 
ATOM   113 C CG  . PHE A 1 15  ? 0.787   -6.475  0.063   1.00 9.99  ? 350 PHE B CG  1 
ATOM   114 C CD1 . PHE A 1 15  ? -0.420  -5.781  0.021   1.00 9.60  ? 350 PHE B CD1 1 
ATOM   115 C CD2 . PHE A 1 15  ? 1.701   -6.292  -0.967  1.00 10.56 ? 350 PHE B CD2 1 
ATOM   116 C CE1 . PHE A 1 15  ? -0.701  -4.905  -0.992  1.00 11.06 ? 350 PHE B CE1 1 
ATOM   117 C CE2 . PHE A 1 15  ? 1.424   -5.414  -1.996  1.00 9.58  ? 350 PHE B CE2 1 
ATOM   118 C CZ  . PHE A 1 15  ? 0.219   -4.711  -2.006  1.00 12.15 ? 350 PHE B CZ  1 
ATOM   119 N N   . VAL A 1 16  ? 0.890   -7.422  4.591   1.00 9.89  ? 351 VAL B N   1 
ATOM   120 C CA  . VAL A 1 16  ? 0.509   -8.305  5.684   1.00 10.02 ? 351 VAL B CA  1 
ATOM   121 C C   . VAL A 1 16  ? -1.003  -8.404  5.850   1.00 14.42 ? 351 VAL B C   1 
ATOM   122 O O   . VAL A 1 16  ? -1.472  -9.153  6.708   1.00 12.51 ? 351 VAL B O   1 
ATOM   123 C CB  . VAL A 1 16  ? 1.176   -7.883  7.006   1.00 11.82 ? 351 VAL B CB  1 
ATOM   124 C CG1 . VAL A 1 16  ? 2.697   -7.891  6.843   1.00 12.40 ? 351 VAL B CG1 1 
ATOM   125 C CG2 . VAL A 1 16  ? 0.696   -6.519  7.429   1.00 12.30 ? 351 VAL B CG2 1 
ATOM   126 N N   . PHE A 1 17  ? -1.772  -7.672  5.055   1.00 10.59 ? 352 PHE B N   1 
ATOM   127 C CA  . PHE A 1 17  ? -3.216  -7.832  4.987   1.00 12.17 ? 352 PHE B CA  1 
ATOM   128 C C   . PHE A 1 17  ? -3.638  -7.304  3.629   1.00 13.88 ? 352 PHE B C   1 
ATOM   129 O O   . PHE A 1 17  ? -3.095  -6.302  3.168   1.00 12.54 ? 352 PHE B O   1 
ATOM   130 C CB  . PHE A 1 17  ? -3.926  -7.073  6.118   1.00 12.46 ? 352 PHE B CB  1 
ATOM   131 C CG  . PHE A 1 17  ? -5.415  -6.927  5.910   1.00 16.73 ? 352 PHE B CG  1 
ATOM   132 C CD1 . PHE A 1 17  ? -6.272  -7.997  6.128   1.00 21.00 ? 352 PHE B CD1 1 
ATOM   133 C CD2 . PHE A 1 17  ? -5.956  -5.729  5.477   1.00 15.69 ? 352 PHE B CD2 1 
ATOM   134 C CE1 . PHE A 1 17  ? -7.648  -7.866  5.923   1.00 21.63 ? 352 PHE B CE1 1 
ATOM   135 C CE2 . PHE A 1 17  ? -7.320  -5.598  5.273   1.00 17.25 ? 352 PHE B CE2 1 
ATOM   136 C CZ  . PHE A 1 17  ? -8.164  -6.663  5.499   1.00 17.96 ? 352 PHE B CZ  1 
ATOM   137 N N   . VAL A 1 18  ? -4.584  -7.987  2.986   1.00 12.03 ? 353 VAL B N   1 
ATOM   138 C CA  . VAL A 1 18  ? -5.083  -7.617  1.658   1.00 14.14 ? 353 VAL B CA  1 
ATOM   139 C C   . VAL A 1 18  ? -6.556  -7.983  1.612   1.00 15.90 ? 353 VAL B C   1 
ATOM   140 O O   . VAL A 1 18  ? -6.886  -9.172  1.646   1.00 14.75 ? 353 VAL B O   1 
ATOM   141 C CB  . VAL A 1 18  ? -4.343  -8.366  0.527   1.00 14.43 ? 353 VAL B CB  1 
ATOM   142 C CG1 . VAL A 1 18  ? -5.002  -8.091  -0.807  1.00 15.21 ? 353 VAL B CG1 1 
ATOM   143 C CG2 . VAL A 1 18  ? -2.884  -8.011  0.475   1.00 14.22 ? 353 VAL B CG2 1 
ATOM   144 N N   . ASP A 1 19  ? -7.460  -7.009  1.541   1.00 14.70 ? 354 ASP B N   1 
ATOM   145 C CA  . ASP A 1 19  ? -8.838  -7.482  1.526   1.00 15.78 ? 354 ASP B CA  1 
ATOM   146 C C   . ASP A 1 19  ? -9.212  -7.921  0.111   1.00 13.00 ? 354 ASP B C   1 
ATOM   147 O O   . ASP A 1 19  ? -8.565  -7.552  -0.873  1.00 12.99 ? 354 ASP B O   1 
ATOM   148 C CB  . ASP A 1 19  ? -9.809  -6.437  2.121   1.00 13.82 ? 354 ASP B CB  1 
ATOM   149 C CG  . ASP A 1 19  ? -10.267 -5.370  1.133   1.00 15.53 ? 354 ASP B CG  1 
ATOM   150 O OD1 . ASP A 1 19  ? -10.819 -5.699  0.057   1.00 15.08 ? 354 ASP B OD1 1 
ATOM   151 O OD2 . ASP A 1 19  ? -10.156 -4.173  1.488   1.00 15.18 ? 354 ASP B OD2 1 
ATOM   152 N N   . GLN A 1 20  ? -10.271 -8.735  0.025   1.00 16.54 ? 355 GLN B N   1 
ATOM   153 C CA  . GLN A 1 20  ? -10.558 -9.475  -1.201  1.00 14.93 ? 355 GLN B CA  1 
ATOM   154 C C   . GLN A 1 20  ? -10.866 -8.577  -2.394  1.00 15.98 ? 355 GLN B C   1 
ATOM   155 O O   . GLN A 1 20  ? -10.826 -9.064  -3.532  1.00 14.19 ? 355 GLN B O   1 
ATOM   156 C CB  . GLN A 1 20  ? -11.728 -10.435 -0.982  1.00 16.75 ? 355 GLN B CB  1 
ATOM   157 C CG  . GLN A 1 20  ? -13.009 -9.762  -0.525  1.00 17.57 ? 355 GLN B CG  1 
ATOM   158 C CD  . GLN A 1 20  ? -14.111 -10.769 -0.209  1.00 23.74 ? 355 GLN B CD  1 
ATOM   159 O OE1 . GLN A 1 20  ? -13.920 -11.979 -0.354  1.00 19.41 ? 355 GLN B OE1 1 
ATOM   160 N NE2 . GLN A 1 20  ? -15.264 -10.270 0.227   1.00 20.96 ? 355 GLN B NE2 1 
ATOM   161 N N   . ARG A 1 21  ? -11.168 -7.287  -2.176  1.00 12.00 ? 356 ARG B N   1 
ATOM   162 C CA  . ARG A 1 21  ? -11.437 -6.392  -3.297  1.00 12.47 ? 356 ARG B CA  1 
ATOM   163 C C   . ARG A 1 21  ? -10.204 -6.154  -4.156  1.00 14.29 ? 356 ARG B C   1 
ATOM   164 O O   . ARG A 1 21  ? -10.339 -5.632  -5.270  1.00 15.79 ? 356 ARG B O   1 
ATOM   165 C CB  . ARG A 1 21  ? -11.982 -5.046  -2.806  1.00 14.74 ? 356 ARG B CB  1 
ATOM   166 C CG  . ARG A 1 21  ? -13.375 -5.135  -2.173  1.00 14.68 ? 356 ARG B CG  1 
ATOM   167 C CD  . ARG A 1 21  ? -13.802 -3.786  -1.580  1.00 14.54 ? 356 ARG B CD  1 
ATOM   168 N NE  . ARG A 1 21  ? -12.913 -3.373  -0.501  1.00 12.63 ? 356 ARG B NE  1 
ATOM   169 C CZ  . ARG A 1 21  ? -13.051 -2.242  0.178   1.00 14.96 ? 356 ARG B CZ  1 
ATOM   170 N NH1 . ARG A 1 21  ? -14.045 -1.421  -0.111  1.00 13.70 ? 356 ARG B NH1 1 
ATOM   171 N NH2 . ARG A 1 21  ? -12.199 -1.939  1.142   1.00 14.11 ? 356 ARG B NH2 1 
ATOM   172 N N   . ALA A 1 22  ? -9.014  -6.535  -3.676  1.00 13.63 ? 357 ALA B N   1 
ATOM   173 C CA  . ALA A 1 22  ? -7.804  -6.343  -4.470  1.00 12.75 ? 357 ALA B CA  1 
ATOM   174 C C   . ALA A 1 22  ? -7.848  -7.125  -5.772  1.00 14.77 ? 357 ALA B C   1 
ATOM   175 O O   . ALA A 1 22  ? -7.295  -6.672  -6.785  1.00 15.22 ? 357 ALA B O   1 
ATOM   176 C CB  . ALA A 1 22  ? -6.565  -6.745  -3.667  1.00 14.24 ? 357 ALA B CB  1 
ATOM   177 N N   . THR A 1 23  ? -8.487  -8.303  -5.769  1.00 13.22 ? 358 THR B N   1 
ATOM   178 C CA  . THR A 1 23  ? -8.510  -9.118  -6.977  1.00 13.12 ? 358 THR B CA  1 
ATOM   179 C C   . THR A 1 23  ? -9.302  -8.432  -8.082  1.00 15.42 ? 358 THR B C   1 
ATOM   180 O O   . THR A 1 23  ? -8.895  -8.453  -9.247  1.00 16.71 ? 358 THR B O   1 
ATOM   181 C CB  . THR A 1 23  ? -9.080  -10.506 -6.670  1.00 15.10 ? 358 THR B CB  1 
ATOM   182 O OG1 . THR A 1 23  ? -8.310  -11.121 -5.625  1.00 12.76 ? 358 THR B OG1 1 
ATOM   183 C CG2 . THR A 1 23  ? -9.021  -11.406 -7.924  1.00 13.61 ? 358 THR B CG2 1 
ATOM   184 N N   . ALA A 1 24  ? -10.415 -7.782  -7.732  1.00 12.98 ? 359 ALA B N   1 
ATOM   185 C CA  . ALA A 1 24  ? -11.180 -7.054  -8.739  1.00 17.75 ? 359 ALA B CA  1 
ATOM   186 C C   . ALA A 1 24  ? -10.324 -5.990  -9.411  1.00 19.75 ? 359 ALA B C   1 
ATOM   187 O O   . ALA A 1 24  ? -10.401 -5.791  -10.629 1.00 20.11 ? 359 ALA B O   1 
ATOM   188 C CB  . ALA A 1 24  ? -12.419 -6.419  -8.103  1.00 16.65 ? 359 ALA B CB  1 
ATOM   189 N N   . ILE A 1 25  ? -9.480  -5.318  -8.636  1.00 17.47 ? 360 ILE B N   1 
ATOM   190 C CA  . ILE A 1 25  ? -8.755  -4.151  -9.124  1.00 14.68 ? 360 ILE B CA  1 
ATOM   191 C C   . ILE A 1 25  ? -7.434  -4.536  -9.761  1.00 16.73 ? 360 ILE B C   1 
ATOM   192 O O   . ILE A 1 25  ? -7.011  -3.917  -10.738 1.00 16.88 ? 360 ILE B O   1 
ATOM   193 C CB  . ILE A 1 25  ? -8.536  -3.179  -7.959  1.00 14.86 ? 360 ILE B CB  1 
ATOM   194 C CG1 . ILE A 1 25  ? -9.879  -2.636  -7.458  1.00 15.07 ? 360 ILE B CG1 1 
ATOM   195 C CG2 . ILE A 1 25  ? -7.564  -2.067  -8.365  1.00 13.31 ? 360 ILE B CG2 1 
ATOM   196 C CD1 . ILE A 1 25  ? -9.775  -1.950  -6.098  1.00 13.87 ? 360 ILE B CD1 1 
ATOM   197 N N   . LEU A 1 26  ? -6.760  -5.539  -9.201  1.00 14.53 ? 361 LEU B N   1 
ATOM   198 C CA  . LEU A 1 26  ? -5.388  -5.846  -9.571  1.00 17.22 ? 361 LEU B CA  1 
ATOM   199 C C   . LEU A 1 26  ? -5.219  -7.203  -10.236 1.00 17.27 ? 361 LEU B C   1 
ATOM   200 O O   . LEU A 1 26  ? -4.135  -7.474  -10.768 1.00 16.52 ? 361 LEU B O   1 
ATOM   201 C CB  . LEU A 1 26  ? -4.479  -5.772  -8.331  1.00 15.42 ? 361 LEU B CB  1 
ATOM   202 C CG  . LEU A 1 26  ? -4.537  -4.448  -7.552  1.00 12.87 ? 361 LEU B CG  1 
ATOM   203 C CD1 . LEU A 1 26  ? -3.840  -4.563  -6.194  1.00 12.26 ? 361 LEU B CD1 1 
ATOM   204 C CD2 . LEU A 1 26  ? -3.944  -3.306  -8.362  1.00 14.63 ? 361 LEU B CD2 1 
ATOM   205 N N   . ALA A 1 27  ? -6.255  -8.048  -10.228 1.00 15.72 ? 362 ALA B N   1 
ATOM   206 C CA  . ALA A 1 27  ? -6.246  -9.414  -10.745 1.00 16.49 ? 362 ALA B CA  1 
ATOM   207 C C   . ALA A 1 27  ? -5.275  -10.332 -10.014 1.00 18.63 ? 362 ALA B C   1 
ATOM   208 O O   . ALA A 1 27  ? -4.990  -11.425 -10.508 1.00 24.06 ? 362 ALA B O   1 
ATOM   209 C CB  . ALA A 1 27  ? -5.952  -9.471  -12.254 1.00 15.99 ? 362 ALA B CB  1 
ATOM   210 N N   . TYR A 1 28  ? -4.756  -9.935  -8.852  1.00 14.93 ? 363 TYR B N   1 
ATOM   211 C CA  . TYR A 1 28  ? -4.021  -10.860 -8.004  1.00 15.32 ? 363 TYR B CA  1 
ATOM   212 C C   . TYR A 1 28  ? -4.965  -11.428 -6.957  1.00 13.56 ? 363 TYR B C   1 
ATOM   213 O O   . TYR A 1 28  ? -5.815  -10.713 -6.424  1.00 15.19 ? 363 TYR B O   1 
ATOM   214 C CB  . TYR A 1 28  ? -2.850  -10.186 -7.277  1.00 13.41 ? 363 TYR B CB  1 
ATOM   215 C CG  . TYR A 1 28  ? -1.791  -9.566  -8.147  1.00 13.98 ? 363 TYR B CG  1 
ATOM   216 C CD1 . TYR A 1 28  ? -0.812  -10.348 -8.755  1.00 16.56 ? 363 TYR B CD1 1 
ATOM   217 C CD2 . TYR A 1 28  ? -1.733  -8.189  -8.314  1.00 14.95 ? 363 TYR B CD2 1 
ATOM   218 C CE1 . TYR A 1 28  ? 0.178   -9.768  -9.538  1.00 15.73 ? 363 TYR B CE1 1 
ATOM   219 C CE2 . TYR A 1 28  ? -0.756  -7.607  -9.090  1.00 15.10 ? 363 TYR B CE2 1 
ATOM   220 C CZ  . TYR A 1 28  ? 0.200   -8.399  -9.697  1.00 13.46 ? 363 TYR B CZ  1 
ATOM   221 O OH  . TYR A 1 28  ? 1.175   -7.802  -10.469 1.00 17.13 ? 363 TYR B OH  1 
ATOM   222 N N   . LEU A 1 29  ? -4.805  -12.715 -6.663  1.00 16.20 ? 364 LEU B N   1 
ATOM   223 C CA  . LEU A 1 29  ? -5.401  -13.249 -5.450  1.00 16.01 ? 364 LEU B CA  1 
ATOM   224 C C   . LEU A 1 29  ? -4.702  -12.608 -4.252  1.00 13.10 ? 364 LEU B C   1 
ATOM   225 O O   . LEU A 1 29  ? -3.535  -12.210 -4.351  1.00 13.50 ? 364 LEU B O   1 
ATOM   226 C CB  . LEU A 1 29  ? -5.267  -14.771 -5.403  1.00 15.08 ? 364 LEU B CB  1 
ATOM   227 C CG  . LEU A 1 29  ? -6.047  -15.573 -6.444  1.00 16.76 ? 364 LEU B CG  1 
ATOM   228 C CD1 . LEU A 1 29  ? -5.875  -17.083 -6.216  1.00 17.83 ? 364 LEU B CD1 1 
ATOM   229 C CD2 . LEU A 1 29  ? -7.535  -15.194 -6.407  1.00 14.74 ? 364 LEU B CD2 1 
ATOM   230 N N   . PRO A 1 30  ? -5.399  -12.453 -3.122  1.00 12.20 ? 365 PRO B N   1 
ATOM   231 C CA  . PRO A 1 30  ? -4.735  -11.850 -1.954  1.00 11.11 ? 365 PRO B CA  1 
ATOM   232 C C   . PRO A 1 30  ? -3.446  -12.568 -1.585  1.00 13.27 ? 365 PRO B C   1 
ATOM   233 O O   . PRO A 1 30  ? -2.471  -11.913 -1.196  1.00 12.76 ? 365 PRO B O   1 
ATOM   234 C CB  . PRO A 1 30  ? -5.796  -11.953 -0.850  1.00 12.74 ? 365 PRO B CB  1 
ATOM   235 C CG  . PRO A 1 30  ? -7.118  -12.028 -1.595  1.00 11.96 ? 365 PRO B CG  1 
ATOM   236 C CD  . PRO A 1 30  ? -6.816  -12.777 -2.868  1.00 12.80 ? 365 PRO B CD  1 
ATOM   237 N N   . GLN A 1 31  ? -3.405  -13.897 -1.755  1.00 11.99 ? 366 GLN B N   1 
ATOM   238 C CA  . GLN A 1 31  ? -2.235  -14.688 -1.393  1.00 14.78 ? 366 GLN B CA  1 
ATOM   239 C C   . GLN A 1 31  ? -1.024  -14.369 -2.260  1.00 14.86 ? 366 GLN B C   1 
ATOM   240 O O   . GLN A 1 31  ? 0.119   -14.577 -1.831  1.00 15.91 ? 366 GLN B O   1 
ATOM   241 C CB  . GLN A 1 31  ? -2.560  -16.179 -1.510  1.00 14.15 ? 366 GLN B CB  1 
ATOM   242 C CG  . GLN A 1 31  ? -3.585  -16.682 -0.513  1.00 14.24 ? 366 GLN B CG  1 
ATOM   243 C CD  . GLN A 1 31  ? -5.029  -16.493 -0.962  1.00 14.93 ? 366 GLN B CD  1 
ATOM   244 O OE1 . GLN A 1 31  ? -5.305  -15.956 -2.033  1.00 15.05 ? 366 GLN B OE1 1 
ATOM   245 N NE2 . GLN A 1 31  ? -5.961  -16.948 -0.129  1.00 18.56 ? 366 GLN B NE2 1 
ATOM   246 N N   . GLU A 1 32  ? -1.240  -13.897 -3.488  1.00 13.08 ? 367 GLU B N   1 
ATOM   247 C CA  . GLU A 1 32  ? -0.100  -13.525 -4.313  1.00 13.60 ? 367 GLU B CA  1 
ATOM   248 C C   . GLU A 1 32  ? 0.543   -12.235 -3.826  1.00 13.87 ? 367 GLU B C   1 
ATOM   249 O O   . GLU A 1 32  ? 1.759   -12.071 -3.942  1.00 14.69 ? 367 GLU B O   1 
ATOM   250 C CB  . GLU A 1 32  ? -0.532  -13.388 -5.766  1.00 16.89 ? 367 GLU B CB  1 
ATOM   251 C CG  . GLU A 1 32  ? -1.411  -14.531 -6.242  1.00 20.02 ? 367 GLU B CG  1 
ATOM   252 C CD  . GLU A 1 32  ? -1.735  -14.418 -7.716  1.00 21.26 ? 367 GLU B CD  1 
ATOM   253 O OE1 . GLU A 1 32  ? -0.788  -14.510 -8.535  1.00 27.23 ? 367 GLU B OE1 1 
ATOM   254 O OE2 . GLU A 1 32  ? -2.919  -14.208 -8.055  1.00 18.52 ? 367 GLU B OE2 1 
ATOM   255 N N   . LEU A 1 33  ? -0.246  -11.316 -3.268  1.00 12.25 ? 368 LEU B N   1 
ATOM   256 C CA  . LEU A 1 33  ? 0.322   -10.072 -2.754  1.00 11.35 ? 368 LEU B CA  1 
ATOM   257 C C   . LEU A 1 33  ? 0.902   -10.260 -1.355  1.00 10.08 ? 368 LEU B C   1 
ATOM   258 O O   . LEU A 1 33  ? 2.003   -9.778  -1.063  1.00 9.93  ? 368 LEU B O   1 
ATOM   259 C CB  . LEU A 1 33  ? -0.748  -8.979  -2.761  1.00 11.96 ? 368 LEU B CB  1 
ATOM   260 C CG  . LEU A 1 33  ? -1.307  -8.600  -4.132  1.00 14.10 ? 368 LEU B CG  1 
ATOM   261 C CD1 . LEU A 1 33  ? -2.566  -7.756  -3.997  1.00 10.79 ? 368 LEU B CD1 1 
ATOM   262 C CD2 . LEU A 1 33  ? -0.254  -7.861  -4.945  1.00 14.31 ? 368 LEU B CD2 1 
ATOM   263 N N   . LEU A 1 34  ? 0.165   -10.941 -0.472  1.00 12.17 ? 369 LEU B N   1 
ATOM   264 C CA  . LEU A 1 34  ? 0.646   -11.209 0.879   1.00 10.28 ? 369 LEU B CA  1 
ATOM   265 C C   . LEU A 1 34  ? 2.051   -11.796 0.850   1.00 11.04 ? 369 LEU B C   1 
ATOM   266 O O   . LEU A 1 34  ? 2.320   -12.746 0.115   1.00 12.64 ? 369 LEU B O   1 
ATOM   267 C CB  . LEU A 1 34  ? -0.305  -12.182 1.577   1.00 12.05 ? 369 LEU B CB  1 
ATOM   268 C CG  . LEU A 1 34  ? -1.697  -11.660 1.929   1.00 11.57 ? 369 LEU B CG  1 
ATOM   269 C CD1 . LEU A 1 34  ? -2.620  -12.833 2.265   1.00 12.13 ? 369 LEU B CD1 1 
ATOM   270 C CD2 . LEU A 1 34  ? -1.590  -10.708 3.098   1.00 11.17 ? 369 LEU B CD2 1 
ATOM   271 N N   . GLY A 1 35  ? 2.941   -11.251 1.666   1.00 10.24 ? 370 GLY B N   1 
ATOM   272 C CA  . GLY A 1 35  ? 4.293   -11.756 1.717   1.00 11.45 ? 370 GLY B CA  1 
ATOM   273 C C   . GLY A 1 35  ? 5.231   -11.202 0.667   1.00 14.13 ? 370 GLY B C   1 
ATOM   274 O O   . GLY A 1 35  ? 6.406   -11.588 0.648   1.00 15.24 ? 370 GLY B O   1 
ATOM   275 N N   . THR A 1 36  ? 4.739   -10.357 -0.232  1.00 13.78 ? 371 THR B N   1 
ATOM   276 C CA  . THR A 1 36  ? 5.552   -9.603  -1.176  1.00 11.63 ? 371 THR B CA  1 
ATOM   277 C C   . THR A 1 36  ? 5.448   -8.122  -0.845  1.00 12.08 ? 371 THR B C   1 
ATOM   278 O O   . THR A 1 36  ? 4.501   -7.679  -0.189  1.00 11.90 ? 371 THR B O   1 
ATOM   279 C CB  . THR A 1 36  ? 5.093   -9.835  -2.615  1.00 10.77 ? 371 THR B CB  1 
ATOM   280 O OG1 . THR A 1 36  ? 3.861   -9.137  -2.839  1.00 11.22 ? 371 THR B OG1 1 
ATOM   281 C CG2 . THR A 1 36  ? 4.884   -11.343 -2.878  1.00 14.37 ? 371 THR B CG2 1 
ATOM   282 N N   . SER A 1 37  ? 6.426   -7.348  -1.319  1.00 10.19 ? 372 SER B N   1 
ATOM   283 C CA  . SER A 1 37  ? 6.517   -5.930  -0.984  1.00 12.14 ? 372 SER B CA  1 
ATOM   284 C C   . SER A 1 37  ? 5.795   -5.094  -2.030  1.00 11.06 ? 372 SER B C   1 
ATOM   285 O O   . SER A 1 37  ? 5.891   -5.369  -3.225  1.00 10.62 ? 372 SER B O   1 
ATOM   286 C CB  . SER A 1 37  ? 7.985   -5.505  -0.883  1.00 13.53 ? 372 SER B CB  1 
ATOM   287 O OG  . SER A 1 37  ? 8.124   -4.097  -0.804  1.00 11.86 ? 372 SER B OG  1 
ATOM   288 N N   . CYS A 1 38  ? 5.048   -4.079  -1.572  1.00 10.99 ? 373 CYS B N   1 
ATOM   289 C CA  . CYS A 1 38  ? 4.400   -3.177  -2.518  1.00 9.66  ? 373 CYS B CA  1 
ATOM   290 C C   . CYS A 1 38  ? 5.414   -2.551  -3.458  1.00 9.33  ? 373 CYS B C   1 
ATOM   291 O O   . CYS A 1 38  ? 5.081   -2.232  -4.602  1.00 11.71 ? 373 CYS B O   1 
ATOM   292 C CB  . CYS A 1 38  ? 3.616   -2.070  -1.787  1.00 9.28  ? 373 CYS B CB  1 
ATOM   293 S SG  . CYS A 1 38  ? 4.507   -1.192  -0.501  1.00 12.85 ? 373 CYS B SG  1 
ATOM   294 N N   . TYR A 1 39  ? 6.654   -2.374  -3.004  1.00 9.63  ? 374 TYR B N   1 
ATOM   295 C CA  . TYR A 1 39  ? 7.635   -1.739  -3.880  1.00 11.51 ? 374 TYR B CA  1 
ATOM   296 C C   . TYR A 1 39  ? 7.957   -2.600  -5.090  1.00 10.73 ? 374 TYR B C   1 
ATOM   297 O O   . TYR A 1 39  ? 8.397   -2.063  -6.109  1.00 10.56 ? 374 TYR B O   1 
ATOM   298 C CB  . TYR A 1 39  ? 8.892   -1.392  -3.099  1.00 11.42 ? 374 TYR B CB  1 
ATOM   299 C CG  . TYR A 1 39  ? 8.604   -0.339  -2.063  1.00 9.61  ? 374 TYR B CG  1 
ATOM   300 C CD1 . TYR A 1 39  ? 8.444   0.984   -2.421  1.00 11.47 ? 374 TYR B CD1 1 
ATOM   301 C CD2 . TYR A 1 39  ? 8.442   -0.686  -0.729  1.00 11.26 ? 374 TYR B CD2 1 
ATOM   302 C CE1 . TYR A 1 39  ? 8.154   1.953   -1.472  1.00 12.18 ? 374 TYR B CE1 1 
ATOM   303 C CE2 . TYR A 1 39  ? 8.154   0.270   0.227   1.00 13.03 ? 374 TYR B CE2 1 
ATOM   304 C CZ  . TYR A 1 39  ? 8.008   1.584   -0.143  1.00 13.22 ? 374 TYR B CZ  1 
ATOM   305 O OH  . TYR A 1 39  ? 7.719   2.529   0.820   1.00 13.25 ? 374 TYR B OH  1 
ATOM   306 N N   . GLU A 1 40  ? 7.720   -3.907  -5.014  1.00 9.27  ? 375 GLU B N   1 
ATOM   307 C CA  . GLU A 1 40  ? 7.929   -4.746  -6.189  1.00 13.45 ? 375 GLU B CA  1 
ATOM   308 C C   . GLU A 1 40  ? 6.955   -4.433  -7.313  1.00 12.58 ? 375 GLU B C   1 
ATOM   309 O O   . GLU A 1 40  ? 7.229   -4.781  -8.464  1.00 12.64 ? 375 GLU B O   1 
ATOM   310 C CB  . GLU A 1 40  ? 7.788   -6.216  -5.825  1.00 13.93 ? 375 GLU B CB  1 
ATOM   311 C CG  . GLU A 1 40  ? 8.709   -6.673  -4.720  1.00 13.99 ? 375 GLU B CG  1 
ATOM   312 C CD  . GLU A 1 40  ? 8.372   -8.084  -4.293  1.00 18.60 ? 375 GLU B CD  1 
ATOM   313 O OE1 . GLU A 1 40  ? 8.281   -8.339  -3.072  1.00 14.12 ? 375 GLU B OE1 1 
ATOM   314 O OE2 . GLU A 1 40  ? 8.158   -8.929  -5.194  1.00 17.91 ? 375 GLU B OE2 1 
ATOM   315 N N   . TYR A 1 41  ? 5.827   -3.793  -7.008  1.00 10.45 ? 376 TYR B N   1 
ATOM   316 C CA  . TYR A 1 41  ? 4.806   -3.523  -8.010  1.00 10.76 ? 376 TYR B CA  1 
ATOM   317 C C   . TYR A 1 41  ? 4.750   -2.068  -8.440  1.00 11.25 ? 376 TYR B C   1 
ATOM   318 O O   . TYR A 1 41  ? 4.169   -1.782  -9.489  1.00 14.74 ? 376 TYR B O   1 
ATOM   319 C CB  . TYR A 1 41  ? 3.418   -3.931  -7.496  1.00 12.24 ? 376 TYR B CB  1 
ATOM   320 C CG  . TYR A 1 41  ? 3.350   -5.335  -6.939  1.00 13.80 ? 376 TYR B CG  1 
ATOM   321 C CD1 . TYR A 1 41  ? 3.735   -5.601  -5.634  1.00 13.66 ? 376 TYR B CD1 1 
ATOM   322 C CD2 . TYR A 1 41  ? 2.910   -6.398  -7.719  1.00 15.79 ? 376 TYR B CD2 1 
ATOM   323 C CE1 . TYR A 1 41  ? 3.691   -6.878  -5.121  1.00 12.46 ? 376 TYR B CE1 1 
ATOM   324 C CE2 . TYR A 1 41  ? 2.860   -7.677  -7.214  1.00 14.98 ? 376 TYR B CE2 1 
ATOM   325 C CZ  . TYR A 1 41  ? 3.251   -7.914  -5.913  1.00 13.51 ? 376 TYR B CZ  1 
ATOM   326 O OH  . TYR A 1 41  ? 3.205   -9.194  -5.396  1.00 12.58 ? 376 TYR B OH  1 
ATOM   327 N N   . PHE A 1 42  ? 5.327   -1.149  -7.671  1.00 12.03 ? 377 PHE B N   1 
ATOM   328 C CA  . PHE A 1 42  ? 5.294   0.258   -8.047  1.00 11.05 ? 377 PHE B CA  1 
ATOM   329 C C   . PHE A 1 42  ? 6.109   0.459   -9.311  1.00 13.17 ? 377 PHE B C   1 
ATOM   330 O O   . PHE A 1 42  ? 7.133   -0.196  -9.513  1.00 12.77 ? 377 PHE B O   1 
ATOM   331 C CB  . PHE A 1 42  ? 5.854   1.140   -6.924  1.00 9.59  ? 377 PHE B CB  1 
ATOM   332 C CG  . PHE A 1 42  ? 5.029   1.131   -5.660  1.00 10.15 ? 377 PHE B CG  1 
ATOM   333 C CD1 . PHE A 1 42  ? 3.665   0.855   -5.697  1.00 9.36  ? 377 PHE B CD1 1 
ATOM   334 C CD2 . PHE A 1 42  ? 5.622   1.387   -4.437  1.00 9.77  ? 377 PHE B CD2 1 
ATOM   335 C CE1 . PHE A 1 42  ? 2.908   0.842   -4.532  1.00 9.24  ? 377 PHE B CE1 1 
ATOM   336 C CE2 . PHE A 1 42  ? 4.877   1.391   -3.262  1.00 10.19 ? 377 PHE B CE2 1 
ATOM   337 C CZ  . PHE A 1 42  ? 3.513   1.105   -3.304  1.00 9.80  ? 377 PHE B CZ  1 
ATOM   338 N N   . HIS A 1 43  ? 5.643   1.358   -10.174 1.00 13.76 ? 378 HIS B N   1 
ATOM   339 C CA  . HIS A 1 43  ? 6.464   1.781   -11.299 1.00 13.96 ? 378 HIS B CA  1 
ATOM   340 C C   . HIS A 1 43  ? 7.772   2.351   -10.768 1.00 14.32 ? 378 HIS B C   1 
ATOM   341 O O   . HIS A 1 43  ? 7.786   3.067   -9.769  1.00 12.18 ? 378 HIS B O   1 
ATOM   342 C CB  . HIS A 1 43  ? 5.723   2.828   -12.127 1.00 14.44 ? 378 HIS B CB  1 
ATOM   343 C CG  . HIS A 1 43  ? 6.393   3.160   -13.425 1.00 16.87 ? 378 HIS B CG  1 
ATOM   344 N ND1 . HIS A 1 43  ? 7.519   3.952   -13.504 1.00 16.26 ? 378 HIS B ND1 1 
ATOM   345 C CD2 . HIS A 1 43  ? 6.089   2.811   -14.698 1.00 18.75 ? 378 HIS B CD2 1 
ATOM   346 C CE1 . HIS A 1 43  ? 7.876   4.081   -14.769 1.00 17.57 ? 378 HIS B CE1 1 
ATOM   347 N NE2 . HIS A 1 43  ? 7.026   3.396   -15.513 1.00 19.28 ? 378 HIS B NE2 1 
ATOM   348 N N   . GLN A 1 44  ? 8.888   2.029   -11.430 1.00 15.69 ? 379 GLN B N   1 
ATOM   349 C CA  . GLN A 1 44  ? 10.170  2.472   -10.892 1.00 14.51 ? 379 GLN B CA  1 
ATOM   350 C C   . GLN A 1 44  ? 10.266  3.994   -10.781 1.00 14.06 ? 379 GLN B C   1 
ATOM   351 O O   . GLN A 1 44  ? 11.011  4.489   -9.934  1.00 15.64 ? 379 GLN B O   1 
ATOM   352 C CB  . GLN A 1 44  ? 11.310  1.901   -11.727 1.00 17.01 ? 379 GLN B CB  1 
ATOM   353 C CG  . GLN A 1 44  ? 11.521  0.422   -11.443 1.00 15.83 ? 379 GLN B CG  1 
ATOM   354 C CD  . GLN A 1 44  ? 12.650  -0.182  -12.236 1.00 19.90 ? 379 GLN B CD  1 
ATOM   355 O OE1 . GLN A 1 44  ? 13.309  0.505   -13.018 1.00 22.92 ? 379 GLN B OE1 1 
ATOM   356 N NE2 . GLN A 1 44  ? 12.874  -1.482  -12.054 1.00 18.58 ? 379 GLN B NE2 1 
ATOM   357 N N   . ASP A 1 45  ? 9.497   4.746   -11.570 1.00 13.26 ? 380 ASP B N   1 
ATOM   358 C CA  . ASP A 1 45  ? 9.510   6.201   -11.443 1.00 15.05 ? 380 ASP B CA  1 
ATOM   359 C C   . ASP A 1 45  ? 8.917   6.676   -10.129 1.00 15.29 ? 380 ASP B C   1 
ATOM   360 O O   . ASP A 1 45  ? 9.194   7.807   -9.716  1.00 14.96 ? 380 ASP B O   1 
ATOM   361 C CB  . ASP A 1 45  ? 8.723   6.864   -12.572 1.00 16.08 ? 380 ASP B CB  1 
ATOM   362 C CG  . ASP A 1 45  ? 9.465   6.871   -13.898 1.00 19.38 ? 380 ASP B CG  1 
ATOM   363 O OD1 . ASP A 1 45  ? 10.585  6.336   -13.985 1.00 19.65 ? 380 ASP B OD1 1 
ATOM   364 O OD2 . ASP A 1 45  ? 8.912   7.431   -14.859 1.00 16.68 ? 380 ASP B OD2 1 
ATOM   365 N N   . ASP A 1 46  ? 8.079   5.857   -9.486  1.00 13.25 ? 381 ASP B N   1 
ATOM   366 C CA  . ASP A 1 46  ? 7.300   6.273   -8.324  1.00 12.55 ? 381 ASP B CA  1 
ATOM   367 C C   . ASP A 1 46  ? 7.895   5.807   -7.004  1.00 11.36 ? 381 ASP B C   1 
ATOM   368 O O   . ASP A 1 46  ? 7.430   6.243   -5.948  1.00 12.09 ? 381 ASP B O   1 
ATOM   369 C CB  . ASP A 1 46  ? 5.864   5.746   -8.430  1.00 12.72 ? 381 ASP B CB  1 
ATOM   370 C CG  . ASP A 1 46  ? 5.063   6.419   -9.536  1.00 14.46 ? 381 ASP B CG  1 
ATOM   371 O OD1 . ASP A 1 46  ? 5.002   7.660   -9.550  1.00 14.93 ? 381 ASP B OD1 1 
ATOM   372 O OD2 . ASP A 1 46  ? 4.487   5.708   -10.392 1.00 15.71 ? 381 ASP B OD2 1 
ATOM   373 N N   . ILE A 1 47  ? 8.899   4.931   -7.043  1.00 9.44  ? 382 ILE B N   1 
ATOM   374 C CA  . ILE A 1 47  ? 9.498   4.374   -5.824  1.00 12.28 ? 382 ILE B CA  1 
ATOM   375 C C   . ILE A 1 47  ? 9.919   5.468   -4.849  1.00 12.08 ? 382 ILE B C   1 
ATOM   376 O O   . ILE A 1 47  ? 9.693   5.368   -3.635  1.00 12.74 ? 382 ILE B O   1 
ATOM   377 C CB  . ILE A 1 47  ? 10.711  3.501   -6.186  1.00 12.48 ? 382 ILE B CB  1 
ATOM   378 C CG1 . ILE A 1 47  ? 10.278  2.331   -7.058  1.00 15.74 ? 382 ILE B CG1 1 
ATOM   379 C CG2 . ILE A 1 47  ? 11.415  3.033   -4.901  1.00 12.74 ? 382 ILE B CG2 1 
ATOM   380 C CD1 . ILE A 1 47  ? 9.579   1.258   -6.294  1.00 16.38 ? 382 ILE B CD1 1 
ATOM   381 N N   . GLY A 1 48  ? 10.587  6.506   -5.355  1.00 12.61 ? 383 GLY B N   1 
ATOM   382 C CA  . GLY A 1 48  ? 11.202  7.473   -4.456  1.00 14.29 ? 383 GLY B CA  1 
ATOM   383 C C   . GLY A 1 48  ? 10.186  8.226   -3.624  1.00 14.42 ? 383 GLY B C   1 
ATOM   384 O O   . GLY A 1 48  ? 10.286  8.288   -2.392  1.00 14.78 ? 383 GLY B O   1 
ATOM   385 N N   . HIS A 1 49  ? 9.200   8.830   -4.283  1.00 9.90  ? 384 HIS B N   1 
ATOM   386 C CA  . HIS A 1 49  ? 8.253   9.632   -3.531  1.00 11.10 ? 384 HIS B CA  1 
ATOM   387 C C   . HIS A 1 49  ? 7.323   8.759   -2.695  1.00 12.35 ? 384 HIS B C   1 
ATOM   388 O O   . HIS A 1 49  ? 6.873   9.188   -1.629  1.00 11.33 ? 384 HIS B O   1 
ATOM   389 C CB  . HIS A 1 49  ? 7.473   10.562  -4.468  1.00 12.33 ? 384 HIS B CB  1 
ATOM   390 C CG  . HIS A 1 49  ? 6.505   9.874   -5.384  1.00 13.72 ? 384 HIS B CG  1 
ATOM   391 N ND1 . HIS A 1 49  ? 5.194   9.631   -5.039  1.00 12.84 ? 384 HIS B ND1 1 
ATOM   392 C CD2 . HIS A 1 49  ? 6.642   9.442   -6.661  1.00 13.91 ? 384 HIS B CD2 1 
ATOM   393 C CE1 . HIS A 1 49  ? 4.574   9.046   -6.051  1.00 14.22 ? 384 HIS B CE1 1 
ATOM   394 N NE2 . HIS A 1 49  ? 5.433   8.920   -7.047  1.00 15.53 ? 384 HIS B NE2 1 
ATOM   395 N N   . LEU A 1 50  ? 7.040   7.528   -3.136  1.00 9.82  ? 385 LEU B N   1 
ATOM   396 C CA  . LEU A 1 50  ? 6.209   6.654   -2.307  1.00 10.07 ? 385 LEU B CA  1 
ATOM   397 C C   . LEU A 1 50  ? 6.967   6.219   -1.059  1.00 9.97  ? 385 LEU B C   1 
ATOM   398 O O   . LEU A 1 50  ? 6.401   6.177   0.039   1.00 12.08 ? 385 LEU B O   1 
ATOM   399 C CB  . LEU A 1 50  ? 5.728   5.451   -3.129  1.00 9.53  ? 385 LEU B CB  1 
ATOM   400 C CG  . LEU A 1 50  ? 4.678   5.807   -4.203  1.00 9.43  ? 385 LEU B CG  1 
ATOM   401 C CD1 . LEU A 1 50  ? 4.312   4.588   -5.087  1.00 12.50 ? 385 LEU B CD1 1 
ATOM   402 C CD2 . LEU A 1 50  ? 3.442   6.394   -3.570  1.00 12.02 ? 385 LEU B CD2 1 
ATOM   403 N N   . ALA A 1 51  ? 8.254   5.912   -1.207  1.00 10.26 ? 386 ALA B N   1 
ATOM   404 C CA  . ALA A 1 51  ? 9.088   5.559   -0.067  1.00 11.32 ? 386 ALA B CA  1 
ATOM   405 C C   . ALA A 1 51  ? 9.215   6.711   0.928   1.00 11.97 ? 386 ALA B C   1 
ATOM   406 O O   . ALA A 1 51  ? 9.276   6.481   2.140   1.00 12.31 ? 386 ALA B O   1 
ATOM   407 C CB  . ALA A 1 51  ? 10.473  5.118   -0.560  1.00 13.47 ? 386 ALA B CB  1 
ATOM   408 N N   . GLU A 1 52  ? 9.248   7.948   0.449   1.00 11.87 ? 387 GLU B N   1 
ATOM   409 C CA  . GLU A 1 52  ? 9.362   9.068   1.377   1.00 12.02 ? 387 GLU B CA  1 
ATOM   410 C C   . GLU A 1 52  ? 8.051   9.309   2.121   1.00 11.62 ? 387 GLU B C   1 
ATOM   411 O O   . GLU A 1 52  ? 8.061   9.657   3.305   1.00 11.77 ? 387 GLU B O   1 
ATOM   412 C CB  . GLU A 1 52  ? 9.809   10.319  0.627   1.00 13.15 ? 387 GLU B CB  1 
ATOM   413 C CG  . GLU A 1 52  ? 10.011  11.524  1.533   1.00 14.61 ? 387 GLU B CG  1 
ATOM   414 C CD  . GLU A 1 52  ? 11.069  11.289  2.585   1.00 21.85 ? 387 GLU B CD  1 
ATOM   415 O OE1 . GLU A 1 52  ? 10.988  11.929  3.661   1.00 22.35 ? 387 GLU B OE1 1 
ATOM   416 O OE2 . GLU A 1 52  ? 11.977  10.464  2.347   1.00 26.53 ? 387 GLU B OE2 1 
ATOM   417 N N   . CYS A 1 53  ? 6.916   9.133   1.447   1.00 11.03 ? 388 CYS B N   1 
ATOM   418 C CA  . CYS A 1 53  ? 5.623   9.208   2.129   1.00 11.39 ? 388 CYS B CA  1 
ATOM   419 C C   . CYS A 1 53  ? 5.443   8.066   3.113   1.00 12.59 ? 388 CYS B C   1 
ATOM   420 O O   . CYS A 1 53  ? 4.743   8.217   4.121   1.00 12.17 ? 388 CYS B O   1 
ATOM   421 C CB  . CYS A 1 53  ? 4.475   9.173   1.129   1.00 11.83 ? 388 CYS B CB  1 
ATOM   422 S SG  . CYS A 1 53  ? 4.325   10.585  0.044   1.00 13.33 ? 388 CYS B SG  1 
ATOM   423 N N   . HIS A 1 54  ? 6.026   6.909   2.808   1.00 9.98  ? 389 HIS B N   1 
ATOM   424 C CA  . HIS A 1 54  ? 5.998   5.801   3.744   1.00 11.93 ? 389 HIS B CA  1 
ATOM   425 C C   . HIS A 1 54  ? 6.850   6.114   4.960   1.00 12.79 ? 389 HIS B C   1 
ATOM   426 O O   . HIS A 1 54  ? 6.424   5.898   6.098   1.00 13.94 ? 389 HIS B O   1 
ATOM   427 C CB  . HIS A 1 54  ? 6.469   4.532   3.035   1.00 11.28 ? 389 HIS B CB  1 
ATOM   428 C CG  . HIS A 1 54  ? 6.271   3.279   3.828   1.00 13.02 ? 389 HIS B CG  1 
ATOM   429 N ND1 . HIS A 1 54  ? 6.602   2.031   3.338   1.00 13.14 ? 389 HIS B ND1 1 
ATOM   430 C CD2 . HIS A 1 54  ? 5.766   3.078   5.068   1.00 12.59 ? 389 HIS B CD2 1 
ATOM   431 C CE1 . HIS A 1 54  ? 6.325   1.117   4.252   1.00 12.15 ? 389 HIS B CE1 1 
ATOM   432 N NE2 . HIS A 1 54  ? 5.820   1.728   5.312   1.00 11.50 ? 389 HIS B NE2 1 
ATOM   433 N N   . ARG A 1 55  ? 8.042   6.662   4.737   1.00 11.30 ? 390 ARG B N   1 
ATOM   434 C CA  . ARG A 1 55  ? 8.882   7.066   5.855   1.00 13.03 ? 390 ARG B CA  1 
ATOM   435 C C   . ARG A 1 55  ? 8.213   8.147   6.699   1.00 13.15 ? 390 ARG B C   1 
ATOM   436 O O   . ARG A 1 55  ? 8.265   8.097   7.931   1.00 13.15 ? 390 ARG B O   1 
ATOM   437 C CB  . ARG A 1 55  ? 10.224  7.557   5.336   1.00 13.54 ? 390 ARG B CB  1 
ATOM   438 C CG  . ARG A 1 55  ? 11.150  7.971   6.433   1.00 19.32 ? 390 ARG B CG  1 
ATOM   439 C CD  . ARG A 1 55  ? 12.530  8.298   5.911   0.79 23.71 ? 390 ARG B CD  1 
ATOM   440 N NE  . ARG A 1 55  ? 12.605  9.619   5.296   0.67 27.63 ? 390 ARG B NE  1 
ATOM   441 C CZ  . ARG A 1 55  ? 12.595  10.763  5.975   0.30 31.54 ? 390 ARG B CZ  1 
ATOM   442 N NH1 . ARG A 1 55  ? 12.484  10.752  7.296   0.47 36.37 ? 390 ARG B NH1 1 
ATOM   443 N NH2 . ARG A 1 55  ? 12.690  11.918  5.330   0.93 25.94 ? 390 ARG B NH2 1 
ATOM   444 N N   . GLN A 1 56  ? 7.603   9.146   6.050   1.00 11.01 ? 391 GLN B N   1 
ATOM   445 C CA  . GLN A 1 56  ? 6.904   10.208  6.772   1.00 10.98 ? 391 GLN B CA  1 
ATOM   446 C C   . GLN A 1 56  ? 5.869   9.651   7.740   1.00 13.76 ? 391 GLN B C   1 
ATOM   447 O O   . GLN A 1 56  ? 5.824   10.042  8.910   1.00 14.42 ? 391 GLN B O   1 
ATOM   448 C CB  . GLN A 1 56  ? 6.215   11.150  5.790   1.00 15.27 ? 391 GLN B CB  1 
ATOM   449 C CG  . GLN A 1 56  ? 7.134   12.092  5.062   1.00 14.20 ? 391 GLN B CG  1 
ATOM   450 C CD  . GLN A 1 56  ? 6.386   12.861  4.000   1.00 17.28 ? 391 GLN B CD  1 
ATOM   451 O OE1 . GLN A 1 56  ? 5.241   12.544  3.686   1.00 19.21 ? 391 GLN B OE1 1 
ATOM   452 N NE2 . GLN A 1 56  ? 7.028   13.877  3.442   1.00 16.46 ? 391 GLN B NE2 1 
ATOM   453 N N   . VAL A 1 57  ? 5.008   8.750   7.256   1.00 12.02 ? 392 VAL B N   1 
ATOM   454 C CA  . VAL A 1 57  ? 3.884   8.281   8.058   1.00 13.73 ? 392 VAL B CA  1 
ATOM   455 C C   . VAL A 1 57  ? 4.352   7.431   9.234   1.00 14.60 ? 392 VAL B C   1 
ATOM   456 O O   . VAL A 1 57  ? 3.643   7.327   10.241  1.00 16.64 ? 392 VAL B O   1 
ATOM   457 C CB  . VAL A 1 57  ? 2.888   7.522   7.161   1.00 16.20 ? 392 VAL B CB  1 
ATOM   458 C CG1 . VAL A 1 57  ? 3.304   6.061   7.005   1.00 16.30 ? 392 VAL B CG1 1 
ATOM   459 C CG2 . VAL A 1 57  ? 1.466   7.652   7.699   1.00 13.71 ? 392 VAL B CG2 1 
ATOM   460 N N   . LEU A 1 58  ? 5.546   6.839   9.153   1.00 14.57 ? 393 LEU B N   1 
ATOM   461 C CA  . LEU A 1 58  ? 6.065   6.095   10.292  1.00 14.86 ? 393 LEU B CA  1 
ATOM   462 C C   . LEU A 1 58  ? 6.340   6.991   11.492  1.00 15.15 ? 393 LEU B C   1 
ATOM   463 O O   . LEU A 1 58  ? 6.487   6.482   12.603  1.00 12.63 ? 393 LEU B O   1 
ATOM   464 C CB  . LEU A 1 58  ? 7.353   5.359   9.914   1.00 15.15 ? 393 LEU B CB  1 
ATOM   465 C CG  . LEU A 1 58  ? 7.230   4.222   8.905   1.00 12.76 ? 393 LEU B CG  1 
ATOM   466 C CD1 . LEU A 1 58  ? 8.595   3.561   8.719   1.00 18.16 ? 393 LEU B CD1 1 
ATOM   467 C CD2 . LEU A 1 58  ? 6.178   3.223   9.342   1.00 12.56 ? 393 LEU B CD2 1 
ATOM   468 N N   . GLN A 1 59  ? 6.439   8.307   11.294  1.00 16.45 ? 394 GLN B N   1 
ATOM   469 C CA  . GLN A 1 59  ? 6.845   9.221   12.355  1.00 13.89 ? 394 GLN B CA  1 
ATOM   470 C C   . GLN A 1 59  ? 5.712   10.126  12.817  1.00 15.81 ? 394 GLN B C   1 
ATOM   471 O O   . GLN A 1 59  ? 5.960   11.077  13.564  1.00 14.22 ? 394 GLN B O   1 
ATOM   472 C CB  . GLN A 1 59  ? 8.031   10.077  11.898  1.00 15.26 ? 394 GLN B CB  1 
ATOM   473 C CG  . GLN A 1 59  ? 9.277   9.276   11.578  1.00 18.65 ? 394 GLN B CG  1 
ATOM   474 C CD  . GLN A 1 59  ? 9.887   8.663   12.821  1.00 19.38 ? 394 GLN B CD  1 
ATOM   475 O OE1 . GLN A 1 59  ? 9.842   9.254   13.896  1.00 25.39 ? 394 GLN B OE1 1 
ATOM   476 N NE2 . GLN A 1 59  ? 10.458  7.470   12.680  1.00 27.92 ? 394 GLN B NE2 1 
ATOM   477 N N   . THR A 1 60  ? 4.484   9.876   12.375  1.00 14.52 ? 395 THR B N   1 
ATOM   478 C CA  . THR A 1 60  ? 3.365   10.724  12.754  1.00 13.44 ? 395 THR B CA  1 
ATOM   479 C C   . THR A 1 60  ? 2.119   9.859   12.851  1.00 13.82 ? 395 THR B C   1 
ATOM   480 O O   . THR A 1 60  ? 2.040   8.799   12.231  1.00 14.72 ? 395 THR B O   1 
ATOM   481 C CB  . THR A 1 60  ? 3.156   11.865  11.743  1.00 14.16 ? 395 THR B CB  1 
ATOM   482 O OG1 . THR A 1 60  ? 1.989   12.605  12.101  1.00 13.52 ? 395 THR B OG1 1 
ATOM   483 C CG2 . THR A 1 60  ? 2.978   11.322  10.333  1.00 13.92 ? 395 THR B CG2 1 
ATOM   484 N N   . ARG A 1 61  ? 1.156   10.294  13.653  1.00 13.16 ? 396 ARG B N   1 
ATOM   485 C CA  . ARG A 1 61  ? -0.110  9.591   13.661  1.00 13.37 ? 396 ARG B CA  1 
ATOM   486 C C   . ARG A 1 61  ? -1.088  10.153  12.646  1.00 13.67 ? 396 ARG B C   1 
ATOM   487 O O   . ARG A 1 61  ? -2.183  9.601   12.498  1.00 12.53 ? 396 ARG B O   1 
ATOM   488 C CB  . ARG A 1 61  ? -0.706  9.593   15.063  1.00 19.37 ? 396 ARG B CB  1 
ATOM   489 C CG  . ARG A 1 61  ? -0.007  8.589   15.972  1.00 23.22 ? 396 ARG B CG  1 
ATOM   490 C CD  . ARG A 1 61  ? -0.037  9.049   17.393  0.88 24.38 ? 396 ARG B CD  1 
ATOM   491 N NE  . ARG A 1 61  ? -1.399  9.166   17.892  0.69 25.22 ? 396 ARG B NE  1 
ATOM   492 C CZ  . ARG A 1 61  ? -1.713  9.765   19.033  0.67 22.48 ? 396 ARG B CZ  1 
ATOM   493 N NH1 . ARG A 1 61  ? -2.976  9.830   19.423  0.49 20.90 ? 396 ARG B NH1 1 
ATOM   494 N NH2 . ARG A 1 61  ? -0.761  10.308  19.779  0.58 26.90 ? 396 ARG B NH2 1 
ATOM   495 N N   . GLU A 1 62  ? -0.700  11.195  11.911  1.00 13.53 ? 397 GLU B N   1 
ATOM   496 C CA  . GLU A 1 62  ? -1.549  11.799  10.895  1.00 12.20 ? 397 GLU B CA  1 
ATOM   497 C C   . GLU A 1 62  ? -1.557  10.938  9.631   1.00 13.05 ? 397 GLU B C   1 
ATOM   498 O O   . GLU A 1 62  ? -0.623  10.177  9.363   1.00 14.04 ? 397 GLU B O   1 
ATOM   499 C CB  . GLU A 1 62  ? -1.067  13.214  10.551  1.00 14.09 ? 397 GLU B CB  1 
ATOM   500 C CG  . GLU A 1 62  ? -0.846  14.131  11.752  1.00 11.58 ? 397 GLU B CG  1 
ATOM   501 C CD  . GLU A 1 62  ? -2.136  14.507  12.465  1.00 14.55 ? 397 GLU B CD  1 
ATOM   502 O OE1 . GLU A 1 62  ? -3.219  14.316  11.880  1.00 11.94 ? 397 GLU B OE1 1 
ATOM   503 O OE2 . GLU A 1 62  ? -2.060  15.008  13.610  1.00 16.90 ? 397 GLU B OE2 1 
ATOM   504 N N   . LYS A 1 63  ? -2.632  11.057  8.849   1.00 14.50 ? 398 LYS B N   1 
ATOM   505 C CA  . LYS A 1 63  ? -2.659  10.356  7.574   1.00 12.51 ? 398 LYS B CA  1 
ATOM   506 C C   . LYS A 1 63  ? -1.898  11.152  6.521   1.00 14.16 ? 398 LYS B C   1 
ATOM   507 O O   . LYS A 1 63  ? -1.760  12.375  6.605   1.00 15.04 ? 398 LYS B O   1 
ATOM   508 C CB  . LYS A 1 63  ? -4.091  10.063  7.113   1.00 12.80 ? 398 LYS B CB  1 
ATOM   509 C CG  . LYS A 1 63  ? -4.915  11.259  6.710   1.00 16.87 ? 398 LYS B CG  1 
ATOM   510 C CD  . LYS A 1 63  ? -6.389  10.861  6.513   1.00 16.64 ? 398 LYS B CD  1 
ATOM   511 C CE  . LYS A 1 63  ? -7.243  12.097  6.320   1.00 17.20 ? 398 LYS B CE  1 
ATOM   512 N NZ  . LYS A 1 63  ? -8.686  11.786  6.154   1.00 21.54 ? 398 LYS B NZ  1 
ATOM   513 N N   . ILE A 1 64  ? -1.364  10.421  5.547   1.00 14.19 ? 399 ILE B N   1 
ATOM   514 C CA  . ILE A 1 64  ? -0.576  10.956  4.446   1.00 16.22 ? 399 ILE B CA  1 
ATOM   515 C C   . ILE A 1 64  ? -1.232  10.483  3.156   1.00 17.37 ? 399 ILE B C   1 
ATOM   516 O O   . ILE A 1 64  ? -1.565  9.301   3.027   1.00 15.42 ? 399 ILE B O   1 
ATOM   517 C CB  . ILE A 1 64  ? 0.887   10.469  4.517   1.00 14.40 ? 399 ILE B CB  1 
ATOM   518 C CG1 . ILE A 1 64  ? 1.607   11.067  5.736   1.00 15.96 ? 399 ILE B CG1 1 
ATOM   519 C CG2 . ILE A 1 64  ? 1.608   10.760  3.235   1.00 18.28 ? 399 ILE B CG2 1 
ATOM   520 C CD1 . ILE A 1 64  ? 2.163   12.440  5.495   1.00 19.38 ? 399 ILE B CD1 1 
ATOM   521 N N   . THR A 1 65  ? -1.432  11.389  2.205   1.00 15.94 ? 400 THR B N   1 
ATOM   522 C CA  . THR A 1 65  ? -1.984  11.011  0.911   1.00 15.64 ? 400 THR B CA  1 
ATOM   523 C C   . THR A 1 65  ? -0.862  11.029  -0.118  1.00 16.08 ? 400 THR B C   1 
ATOM   524 O O   . THR A 1 65  ? -0.089  11.993  -0.178  1.00 14.25 ? 400 THR B O   1 
ATOM   525 C CB  . THR A 1 65  ? -3.130  11.937  0.493   1.00 21.29 ? 400 THR B CB  1 
ATOM   526 O OG1 . THR A 1 65  ? -4.127  11.963  1.527   1.00 23.18 ? 400 THR B OG1 1 
ATOM   527 C CG2 . THR A 1 65  ? -3.783  11.422  -0.775  1.00 19.30 ? 400 THR B CG2 1 
ATOM   528 N N   . THR A 1 66  ? -0.744  9.951   -0.899  1.00 13.10 ? 401 THR B N   1 
ATOM   529 C CA  . THR A 1 66  ? 0.278   9.935   -1.933  1.00 15.24 ? 401 THR B CA  1 
ATOM   530 C C   . THR A 1 66  ? -0.194  10.726  -3.150  1.00 15.92 ? 401 THR B C   1 
ATOM   531 O O   . THR A 1 66  ? -1.384  10.990  -3.329  1.00 17.37 ? 401 THR B O   1 
ATOM   532 C CB  . THR A 1 66  ? 0.611   8.512   -2.388  1.00 13.34 ? 401 THR B CB  1 
ATOM   533 O OG1 . THR A 1 66  ? -0.491  7.987   -3.145  1.00 16.97 ? 401 THR B OG1 1 
ATOM   534 C CG2 . THR A 1 66  ? 0.885   7.600   -1.206  1.00 14.13 ? 401 THR B CG2 1 
ATOM   535 N N   . ASN A 1 67  ? 0.765   11.082  -4.003  1.00 17.27 ? 402 ASN B N   1 
ATOM   536 C CA  . ASN A 1 67  ? 0.446   11.416  -5.377  1.00 19.14 ? 402 ASN B CA  1 
ATOM   537 C C   . ASN A 1 67  ? -0.115  10.176  -6.082  1.00 18.67 ? 402 ASN B C   1 
ATOM   538 O O   . ASN A 1 67  ? -0.052  9.053   -5.574  1.00 16.09 ? 402 ASN B O   1 
ATOM   539 C CB  . ASN A 1 67  ? 1.693   11.928  -6.093  1.00 17.91 ? 402 ASN B CB  1 
ATOM   540 C CG  . ASN A 1 67  ? 1.387   12.696  -7.379  1.00 19.94 ? 402 ASN B CG  1 
ATOM   541 O OD1 . ASN A 1 67  ? 0.250   12.743  -7.865  1.00 20.97 ? 402 ASN B OD1 1 
ATOM   542 N ND2 . ASN A 1 67  ? 2.423   13.313  -7.936  1.00 20.65 ? 402 ASN B ND2 1 
ATOM   543 N N   . CYS A 1 68  ? -0.695  10.392  -7.261  1.00 16.56 ? 403 CYS B N   1 
ATOM   544 C CA  . CYS A 1 68  ? -1.045  9.267   -8.112  1.00 17.80 ? 403 CYS B CA  1 
ATOM   545 C C   . CYS A 1 68  ? 0.217   8.490   -8.460  1.00 15.65 ? 403 CYS B C   1 
ATOM   546 O O   . CYS A 1 68  ? 1.300   9.062   -8.586  1.00 18.19 ? 403 CYS B O   1 
ATOM   547 C CB  . CYS A 1 68  ? -1.740  9.759   -9.381  1.00 19.76 ? 403 CYS B CB  1 
ATOM   548 S SG  . CYS A 1 68  ? -3.364  10.508  -9.040  1.00 27.19 ? 403 CYS B SG  1 
ATOM   549 N N   . TYR A 1 69  ? 0.084   7.169   -8.585  1.00 14.56 ? 404 TYR B N   1 
ATOM   550 C CA  . TYR A 1 69  ? 1.230   6.355   -8.981  1.00 13.84 ? 404 TYR B CA  1 
ATOM   551 C C   . TYR A 1 69  ? 0.730   5.180   -9.802  1.00 14.07 ? 404 TYR B C   1 
ATOM   552 O O   . TYR A 1 69  ? -0.469  4.892   -9.845  1.00 14.99 ? 404 TYR B O   1 
ATOM   553 C CB  . TYR A 1 69  ? 2.028   5.879   -7.765  1.00 13.76 ? 404 TYR B CB  1 
ATOM   554 C CG  . TYR A 1 69  ? 1.232   5.013   -6.795  1.00 13.61 ? 404 TYR B CG  1 
ATOM   555 C CD1 . TYR A 1 69  ? 1.265   3.625   -6.892  1.00 12.25 ? 404 TYR B CD1 1 
ATOM   556 C CD2 . TYR A 1 69  ? 0.453   5.581   -5.788  1.00 14.12 ? 404 TYR B CD2 1 
ATOM   557 C CE1 . TYR A 1 69  ? 0.561   2.825   -6.026  1.00 11.58 ? 404 TYR B CE1 1 
ATOM   558 C CE2 . TYR A 1 69  ? -0.269  4.776   -4.899  1.00 12.42 ? 404 TYR B CE2 1 
ATOM   559 C CZ  . TYR A 1 69  ? -0.211  3.398   -5.035  1.00 12.11 ? 404 TYR B CZ  1 
ATOM   560 O OH  . TYR A 1 69  ? -0.910  2.571   -4.181  1.00 13.15 ? 404 TYR B OH  1 
ATOM   561 N N   . LYS A 1 70  ? 1.664   4.488   -10.442 1.00 12.56 ? 405 LYS B N   1 
ATOM   562 C CA  . LYS A 1 70  ? 1.346   3.347   -11.293 1.00 13.26 ? 405 LYS B CA  1 
ATOM   563 C C   . LYS A 1 70  ? 1.712   2.056   -10.585 1.00 14.42 ? 405 LYS B C   1 
ATOM   564 O O   . LYS A 1 70  ? 2.793   1.942   -9.998  1.00 13.66 ? 405 LYS B O   1 
ATOM   565 C CB  . LYS A 1 70  ? 2.080   3.428   -12.632 1.00 16.03 ? 405 LYS B CB  1 
ATOM   566 C CG  . LYS A 1 70  ? 1.616   4.549   -13.541 1.00 20.87 ? 405 LYS B CG  1 
ATOM   567 C CD  . LYS A 1 70  ? 0.330   4.185   -14.252 1.00 24.50 ? 405 LYS B CD  1 
ATOM   568 C CE  . LYS A 1 70  ? 0.005   5.211   -15.325 1.00 29.83 ? 405 LYS B CE  1 
ATOM   569 N NZ  . LYS A 1 70  ? 1.255   5.681   -15.981 1.00 33.92 ? 405 LYS B NZ  1 
ATOM   570 N N   . PHE A 1 71  ? 0.807   1.083   -10.656 1.00 14.59 ? 406 PHE B N   1 
ATOM   571 C CA  . PHE A 1 71  ? 0.949   -0.203  -9.987  1.00 13.43 ? 406 PHE B CA  1 
ATOM   572 C C   . PHE A 1 71  ? 0.867   -1.302  -11.039 1.00 14.08 ? 406 PHE B C   1 
ATOM   573 O O   . PHE A 1 71  ? -0.084  -1.334  -11.825 1.00 14.77 ? 406 PHE B O   1 
ATOM   574 C CB  . PHE A 1 71  ? -0.155  -0.360  -8.932  1.00 13.51 ? 406 PHE B CB  1 
ATOM   575 C CG  . PHE A 1 71  ? 0.044   -1.511  -7.989  1.00 12.86 ? 406 PHE B CG  1 
ATOM   576 C CD1 . PHE A 1 71  ? -0.272  -2.805  -8.377  1.00 15.46 ? 406 PHE B CD1 1 
ATOM   577 C CD2 . PHE A 1 71  ? 0.508   -1.295  -6.693  1.00 13.74 ? 406 PHE B CD2 1 
ATOM   578 C CE1 . PHE A 1 71  ? -0.098  -3.875  -7.506  1.00 13.99 ? 406 PHE B CE1 1 
ATOM   579 C CE2 . PHE A 1 71  ? 0.676   -2.356  -5.805  1.00 12.45 ? 406 PHE B CE2 1 
ATOM   580 C CZ  . PHE A 1 71  ? 0.367   -3.653  -6.212  1.00 14.85 ? 406 PHE B CZ  1 
ATOM   581 N N   . LYS A 1 72  ? 1.854   -2.198  -11.052 1.00 14.11 ? 407 LYS B N   1 
ATOM   582 C CA  . LYS A 1 72  ? 1.902   -3.268  -12.051 1.00 14.83 ? 407 LYS B CA  1 
ATOM   583 C C   . LYS A 1 72  ? 0.952   -4.400  -11.674 1.00 15.17 ? 407 LYS B C   1 
ATOM   584 O O   . LYS A 1 72  ? 1.143   -5.061  -10.642 1.00 13.93 ? 407 LYS B O   1 
ATOM   585 C CB  . LYS A 1 72  ? 3.319   -3.812  -12.197 1.00 16.75 ? 407 LYS B CB  1 
ATOM   586 C CG  . LYS A 1 72  ? 3.416   -4.898  -13.235 1.00 16.95 ? 407 LYS B CG  1 
ATOM   587 C CD  . LYS A 1 72  ? 4.843   -5.278  -13.512 1.00 21.30 ? 407 LYS B CD  1 
ATOM   588 C CE  . LYS A 1 72  ? 5.464   -4.287  -14.465 1.00 24.99 ? 407 LYS B CE  1 
ATOM   589 N NZ  . LYS A 1 72  ? 6.796   -4.728  -14.970 1.00 33.26 ? 407 LYS B NZ  1 
ATOM   590 N N   . ILE A 1 73  ? -0.048  -4.651  -12.521 1.00 14.03 ? 408 ILE B N   1 
ATOM   591 C CA  . ILE A 1 73  ? -1.028  -5.699  -12.226 1.00 16.09 ? 408 ILE B CA  1 
ATOM   592 C C   . ILE A 1 73  ? -0.618  -7.033  -12.838 1.00 16.84 ? 408 ILE B C   1 
ATOM   593 O O   . ILE A 1 73  ? 0.430   -7.144  -13.483 1.00 16.84 ? 408 ILE B O   1 
ATOM   594 C CB  . ILE A 1 73  ? -2.442  -5.308  -12.689 1.00 16.54 ? 408 ILE B CB  1 
ATOM   595 C CG1 . ILE A 1 73  ? -2.529  -5.269  -14.218 1.00 15.43 ? 408 ILE B CG1 1 
ATOM   596 C CG2 . ILE A 1 73  ? -2.855  -4.001  -12.051 1.00 12.19 ? 408 ILE B CG2 1 
ATOM   597 C CD1 . ILE A 1 73  ? -3.948  -5.225  -14.730 1.00 18.32 ? 408 ILE B CD1 1 
ATOM   598 N N   . LYS A 1 74  ? -1.466  -8.053  -12.650 1.00 16.88 ? 409 LYS B N   1 
ATOM   599 C CA  . LYS A 1 74  ? -1.046  -9.427  -12.900 1.00 18.10 ? 409 LYS B CA  1 
ATOM   600 C C   . LYS A 1 74  ? -0.559  -9.630  -14.327 1.00 18.57 ? 409 LYS B C   1 
ATOM   601 O O   . LYS A 1 74  ? 0.407   -10.369 -14.557 1.00 18.32 ? 409 LYS B O   1 
ATOM   602 C CB  . LYS A 1 74  ? -2.189  -10.391 -12.584 1.00 20.25 ? 409 LYS B CB  1 
ATOM   603 C CG  . LYS A 1 74  ? -1.908  -11.798 -13.045 1.00 20.43 ? 409 LYS B CG  1 
ATOM   604 C CD  . LYS A 1 74  ? -2.903  -12.781 -12.480 1.00 25.34 ? 409 LYS B CD  1 
ATOM   605 C CE  . LYS A 1 74  ? -2.537  -13.165 -11.056 1.00 26.52 ? 409 LYS B CE  1 
ATOM   606 N NZ  . LYS A 1 74  ? -3.494  -14.181 -10.518 1.00 30.16 ? 409 LYS B NZ  1 
ATOM   607 N N   . ASP A 1 75  ? -1.206  -8.998  -15.302 1.00 18.53 ? 410 ASP B N   1 
ATOM   608 C CA  . ASP A 1 75  ? -0.809  -9.197  -16.690 1.00 19.94 ? 410 ASP B CA  1 
ATOM   609 C C   . ASP A 1 75  ? 0.337   -8.290  -17.112 1.00 19.74 ? 410 ASP B C   1 
ATOM   610 O O   . ASP A 1 75  ? 0.665   -8.237  -18.303 1.00 26.67 ? 410 ASP B O   1 
ATOM   611 C CB  . ASP A 1 75  ? -2.000  -9.004  -17.633 1.00 19.30 ? 410 ASP B CB  1 
ATOM   612 C CG  . ASP A 1 75  ? -2.469  -7.574  -17.711 1.00 19.85 ? 410 ASP B CG  1 
ATOM   613 O OD1 . ASP A 1 75  ? -1.908  -6.694  -17.019 1.00 19.25 ? 410 ASP B OD1 1 
ATOM   614 O OD2 . ASP A 1 75  ? -3.425  -7.328  -18.471 1.00 20.62 ? 410 ASP B OD2 1 
ATOM   615 N N   . GLY A 1 76  ? 0.937   -7.559  -16.177 1.00 21.15 ? 411 GLY B N   1 
ATOM   616 C CA  . GLY A 1 76  ? 2.101   -6.768  -16.477 1.00 19.40 ? 411 GLY B CA  1 
ATOM   617 C C   . GLY A 1 76  ? 1.828   -5.353  -16.928 1.00 18.43 ? 411 GLY B C   1 
ATOM   618 O O   . GLY A 1 76  ? 2.770   -4.552  -16.997 1.00 18.51 ? 411 GLY B O   1 
ATOM   619 N N   . SER A 1 77  ? 0.583   -5.019  -17.245 1.00 16.72 ? 412 SER B N   1 
ATOM   620 C CA  . SER A 1 77  ? 0.228   -3.635  -17.465 1.00 16.32 ? 412 SER B CA  1 
ATOM   621 C C   . SER A 1 77  ? 0.154   -2.901  -16.129 1.00 16.70 ? 412 SER B C   1 
ATOM   622 O O   . SER A 1 77  ? 0.214   -3.496  -15.052 1.00 17.17 ? 412 SER B O   1 
ATOM   623 C CB  . SER A 1 77  ? -1.110  -3.535  -18.186 1.00 19.01 ? 412 SER B CB  1 
ATOM   624 O OG  . SER A 1 77  ? -2.129  -4.108  -17.393 1.00 18.94 ? 412 SER B OG  1 
ATOM   625 N N   . PHE A 1 78  ? -0.007  -1.590  -16.210 1.00 16.47 ? 413 PHE B N   1 
ATOM   626 C CA  . PHE A 1 78  ? -0.017  -0.720  -15.042 1.00 17.83 ? 413 PHE B CA  1 
ATOM   627 C C   . PHE A 1 78  ? -1.379  -0.064  -14.883 1.00 19.55 ? 413 PHE B C   1 
ATOM   628 O O   . PHE A 1 78  ? -1.982  0.381   -15.863 1.00 20.36 ? 413 PHE B O   1 
ATOM   629 C CB  . PHE A 1 78  ? 1.041   0.376   -15.153 1.00 15.89 ? 413 PHE B CB  1 
ATOM   630 C CG  . PHE A 1 78  ? 2.439   -0.099  -14.937 1.00 16.12 ? 413 PHE B CG  1 
ATOM   631 C CD1 . PHE A 1 78  ? 2.987   -0.123  -13.660 1.00 14.43 ? 413 PHE B CD1 1 
ATOM   632 C CD2 . PHE A 1 78  ? 3.224   -0.487  -16.009 1.00 17.26 ? 413 PHE B CD2 1 
ATOM   633 C CE1 . PHE A 1 78  ? 4.284   -0.537  -13.451 1.00 15.02 ? 413 PHE B CE1 1 
ATOM   634 C CE2 . PHE A 1 78  ? 4.526   -0.908  -15.808 1.00 20.79 ? 413 PHE B CE2 1 
ATOM   635 C CZ  . PHE A 1 78  ? 5.058   -0.938  -14.530 1.00 16.19 ? 413 PHE B CZ  1 
ATOM   636 N N   . ILE A 1 79  ? -1.858  0.018   -13.651 1.00 14.67 ? 414 ILE B N   1 
ATOM   637 C CA  . ILE A 1 79  ? -2.997  0.873   -13.373 1.00 19.15 ? 414 ILE B CA  1 
ATOM   638 C C   . ILE A 1 79  ? -2.514  2.020   -12.513 1.00 17.30 ? 414 ILE B C   1 
ATOM   639 O O   . ILE A 1 79  ? -1.436  1.976   -11.917 1.00 18.61 ? 414 ILE B O   1 
ATOM   640 C CB  . ILE A 1 79  ? -4.174  0.151   -12.694 1.00 17.65 ? 414 ILE B CB  1 
ATOM   641 C CG1 . ILE A 1 79  ? -3.735  -0.460  -11.374 1.00 15.71 ? 414 ILE B CG1 1 
ATOM   642 C CG2 . ILE A 1 79  ? -4.757  -0.896  -13.626 1.00 24.07 ? 414 ILE B CG2 1 
ATOM   643 C CD1 . ILE A 1 79  ? -4.895  -0.706  -10.468 1.00 22.37 ? 414 ILE B CD1 1 
ATOM   644 N N   . THR A 1 80  ? -3.325  3.065   -12.460 1.00 17.94 ? 415 THR B N   1 
ATOM   645 C CA  . THR A 1 80  ? -3.033  4.232   -11.648 1.00 17.03 ? 415 THR B CA  1 
ATOM   646 C C   . THR A 1 80  ? -3.829  4.145   -10.352 1.00 16.85 ? 415 THR B C   1 
ATOM   647 O O   . THR A 1 80  ? -5.043  3.911   -10.375 1.00 18.53 ? 415 THR B O   1 
ATOM   648 C CB  . THR A 1 80  ? -3.364  5.517   -12.407 1.00 20.35 ? 415 THR B CB  1 
ATOM   649 O OG1 . THR A 1 80  ? -2.638  5.529   -13.647 1.00 19.49 ? 415 THR B OG1 1 
ATOM   650 C CG2 . THR A 1 80  ? -2.983  6.736   -11.591 1.00 18.09 ? 415 THR B CG2 1 
ATOM   651 N N   . LEU A 1 81  ? -3.136  4.307   -9.233  1.00 15.16 ? 416 LEU B N   1 
ATOM   652 C CA  . LEU A 1 81  ? -3.742  4.322   -7.914  1.00 14.28 ? 416 LEU B CA  1 
ATOM   653 C C   . LEU A 1 81  ? -3.376  5.612   -7.198  1.00 15.00 ? 416 LEU B C   1 
ATOM   654 O O   . LEU A 1 81  ? -2.397  6.278   -7.546  1.00 12.55 ? 416 LEU B O   1 
ATOM   655 C CB  . LEU A 1 81  ? -3.266  3.139   -7.073  1.00 12.25 ? 416 LEU B CB  1 
ATOM   656 C CG  . LEU A 1 81  ? -3.527  1.746   -7.637  1.00 14.25 ? 416 LEU B CG  1 
ATOM   657 C CD1 . LEU A 1 81  ? -2.826  0.718   -6.757  1.00 10.99 ? 416 LEU B CD1 1 
ATOM   658 C CD2 . LEU A 1 81  ? -5.030  1.501   -7.699  1.00 17.04 ? 416 LEU B CD2 1 
ATOM   659 N N   . ARG A 1 82  ? -4.163  5.944   -6.173  1.00 14.09 ? 417 ARG B N   1 
ATOM   660 C CA  . ARG A 1 82  ? -3.766  6.903   -5.149  1.00 15.13 ? 417 ARG B CA  1 
ATOM   661 C C   . ARG A 1 82  ? -4.093  6.296   -3.791  1.00 16.01 ? 417 ARG B C   1 
ATOM   662 O O   . ARG A 1 82  ? -5.154  5.688   -3.623  1.00 16.22 ? 417 ARG B O   1 
ATOM   663 C CB  . ARG A 1 82  ? -4.474  8.262   -5.309  1.00 16.91 ? 417 ARG B CB  1 
ATOM   664 C CG  . ARG A 1 82  ? -4.155  9.250   -4.185  1.00 20.18 ? 417 ARG B CG  1 
ATOM   665 C CD  . ARG A 1 82  ? -4.847  10.601  -4.378  1.00 23.62 ? 417 ARG B CD  1 
ATOM   666 N NE  . ARG A 1 82  ? -4.339  11.304  -5.551  1.00 33.05 ? 417 ARG B NE  1 
ATOM   667 C CZ  . ARG A 1 82  ? -3.481  12.328  -5.512  1.00 33.27 ? 417 ARG B CZ  1 
ATOM   668 N NH1 . ARG A 1 82  ? -3.030  12.788  -4.347  1.00 30.49 ? 417 ARG B NH1 1 
ATOM   669 N NH2 . ARG A 1 82  ? -3.076  12.904  -6.645  1.00 38.20 ? 417 ARG B NH2 1 
ATOM   670 N N   . SER A 1 83  ? -3.177  6.430   -2.832  1.00 13.98 ? 418 SER B N   1 
ATOM   671 C CA  . SER A 1 83  ? -3.334  5.795   -1.531  1.00 12.67 ? 418 SER B CA  1 
ATOM   672 C C   . SER A 1 83  ? -3.373  6.830   -0.412  1.00 14.76 ? 418 SER B C   1 
ATOM   673 O O   . SER A 1 83  ? -2.732  7.883   -0.496  1.00 16.60 ? 418 SER B O   1 
ATOM   674 C CB  . SER A 1 83  ? -2.210  4.780   -1.261  1.00 13.25 ? 418 SER B CB  1 
ATOM   675 O OG  . SER A 1 83  ? -2.356  3.641   -2.087  1.00 14.89 ? 418 SER B OG  1 
ATOM   676 N N   . ARG A 1 84  ? -4.172  6.534   0.613   1.00 15.24 ? 419 ARG B N   1 
ATOM   677 C CA  . ARG A 1 84  ? -4.164  7.246   1.883   1.00 12.71 ? 419 ARG B CA  1 
ATOM   678 C C   . ARG A 1 84  ? -3.620  6.292   2.936   1.00 13.20 ? 419 ARG B C   1 
ATOM   679 O O   . ARG A 1 84  ? -4.182  5.211   3.145   1.00 10.82 ? 419 ARG B O   1 
ATOM   680 C CB  . ARG A 1 84  ? -5.556  7.729   2.269   1.00 16.87 ? 419 ARG B CB  1 
ATOM   681 C CG  . ARG A 1 84  ? -6.127  8.782   1.355   1.00 23.01 ? 419 ARG B CG  1 
ATOM   682 C CD  . ARG A 1 84  ? -7.237  9.523   2.077   1.00 27.08 ? 419 ARG B CD  1 
ATOM   683 N NE  . ARG A 1 84  ? -8.501  9.447   1.353   1.00 34.53 ? 419 ARG B NE  1 
ATOM   684 C CZ  . ARG A 1 84  ? -8.836  10.263  0.361   1.00 35.25 ? 419 ARG B CZ  1 
ATOM   685 N NH1 . ARG A 1 84  ? -7.994  11.213  -0.028  1.00 36.25 ? 419 ARG B NH1 1 
ATOM   686 N NH2 . ARG A 1 84  ? -10.010 10.132  -0.244  1.00 37.23 ? 419 ARG B NH2 1 
ATOM   687 N N   . TRP A 1 85  ? -2.534  6.701   3.588   1.00 14.16 ? 420 TRP B N   1 
ATOM   688 C CA  . TRP A 1 85  ? -1.774  5.898   4.537   1.00 12.59 ? 420 TRP B CA  1 
ATOM   689 C C   . TRP A 1 85  ? -1.864  6.479   5.936   1.00 11.75 ? 420 TRP B C   1 
ATOM   690 O O   . TRP A 1 85  ? -1.786  7.694   6.112   1.00 10.44 ? 420 TRP B O   1 
ATOM   691 C CB  . TRP A 1 85  ? -0.284  5.874   4.157   1.00 11.86 ? 420 TRP B CB  1 
ATOM   692 C CG  . TRP A 1 85  ? 0.026   5.089   2.984   1.00 13.62 ? 420 TRP B CG  1 
ATOM   693 C CD1 . TRP A 1 85  ? -0.767  4.160   2.400   1.00 17.41 ? 420 TRP B CD1 1 
ATOM   694 C CD2 . TRP A 1 85  ? 1.224   5.143   2.210   1.00 16.85 ? 420 TRP B CD2 1 
ATOM   695 N NE1 . TRP A 1 85  ? -0.133  3.616   1.300   1.00 15.59 ? 420 TRP B NE1 1 
ATOM   696 C CE2 . TRP A 1 85  ? 1.093   4.202   1.167   1.00 16.60 ? 420 TRP B CE2 1 
ATOM   697 C CE3 . TRP A 1 85  ? 2.394   5.888   2.297   1.00 14.48 ? 420 TRP B CE3 1 
ATOM   698 C CZ2 . TRP A 1 85  ? 2.083   3.994   0.219   1.00 14.97 ? 420 TRP B CZ2 1 
ATOM   699 C CZ3 . TRP A 1 85  ? 3.379   5.677   1.357   1.00 12.22 ? 420 TRP B CZ3 1 
ATOM   700 C CH2 . TRP A 1 85  ? 3.217   4.742   0.329   1.00 14.35 ? 420 TRP B CH2 1 
ATOM   701 N N   . PHE A 1 86  ? -1.942  5.611   6.942   1.00 11.71 ? 421 PHE B N   1 
ATOM   702 C CA  . PHE A 1 86  ? -1.675  6.058   8.302   1.00 12.58 ? 421 PHE B CA  1 
ATOM   703 C C   . PHE A 1 86  ? -1.002  4.920   9.052   1.00 12.20 ? 421 PHE B C   1 
ATOM   704 O O   . PHE A 1 86  ? -1.204  3.749   8.726   1.00 11.20 ? 421 PHE B O   1 
ATOM   705 C CB  . PHE A 1 86  ? -2.944  6.527   9.029   1.00 11.29 ? 421 PHE B CB  1 
ATOM   706 C CG  . PHE A 1 86  ? -3.992  5.449   9.236   1.00 10.82 ? 421 PHE B CG  1 
ATOM   707 C CD1 . PHE A 1 86  ? -3.944  4.619   10.340  1.00 13.74 ? 421 PHE B CD1 1 
ATOM   708 C CD2 . PHE A 1 86  ? -5.065  5.331   8.363   1.00 10.62 ? 421 PHE B CD2 1 
ATOM   709 C CE1 . PHE A 1 86  ? -4.932  3.653   10.547  1.00 13.53 ? 421 PHE B CE1 1 
ATOM   710 C CE2 . PHE A 1 86  ? -6.047  4.375   8.562   1.00 12.94 ? 421 PHE B CE2 1 
ATOM   711 C CZ  . PHE A 1 86  ? -5.980  3.540   9.654   1.00 13.35 ? 421 PHE B CZ  1 
ATOM   712 N N   . SER A 1 87  ? -0.191  5.265   10.045  1.00 12.94 ? 422 SER B N   1 
ATOM   713 C CA  . SER A 1 87  ? 0.575   4.240   10.736  1.00 11.62 ? 422 SER B CA  1 
ATOM   714 C C   . SER A 1 87  ? -0.170  3.779   11.980  1.00 16.66 ? 422 SER B C   1 
ATOM   715 O O   . SER A 1 87  ? -0.956  4.525   12.580  1.00 14.64 ? 422 SER B O   1 
ATOM   716 C CB  . SER A 1 87  ? 1.979   4.737   11.092  1.00 13.22 ? 422 SER B CB  1 
ATOM   717 O OG  . SER A 1 87  ? 1.928   5.930   11.838  1.00 19.00 ? 422 SER B OG  1 
ATOM   718 N N   . PHE A 1 88  ? 0.058   2.521   12.346  1.00 14.28 ? 423 PHE B N   1 
ATOM   719 C CA  . PHE A 1 88  ? -0.617  1.908   13.484  1.00 16.34 ? 423 PHE B CA  1 
ATOM   720 C C   . PHE A 1 88  ? 0.405   1.740   14.598  1.00 18.62 ? 423 PHE B C   1 
ATOM   721 O O   . PHE A 1 88  ? 1.220   0.811   14.574  1.00 19.21 ? 423 PHE B O   1 
ATOM   722 C CB  . PHE A 1 88  ? -1.246  0.578   13.097  1.00 18.34 ? 423 PHE B CB  1 
ATOM   723 C CG  . PHE A 1 88  ? -2.182  0.032   14.138  1.00 18.12 ? 423 PHE B CG  1 
ATOM   724 C CD1 . PHE A 1 88  ? -3.555  0.177   13.991  1.00 20.30 ? 423 PHE B CD1 1 
ATOM   725 C CD2 . PHE A 1 88  ? -1.689  -0.600  15.273  1.00 20.52 ? 423 PHE B CD2 1 
ATOM   726 C CE1 . PHE A 1 88  ? -4.432  -0.326  14.953  1.00 21.78 ? 423 PHE B CE1 1 
ATOM   727 C CE2 . PHE A 1 88  ? -2.549  -1.093  16.242  1.00 20.05 ? 423 PHE B CE2 1 
ATOM   728 C CZ  . PHE A 1 88  ? -3.922  -0.954  16.082  1.00 22.97 ? 423 PHE B CZ  1 
ATOM   729 N N   . MET A 1 89  ? 0.369   2.659   15.558  1.00 18.51 ? 424 MET B N   1 
ATOM   730 C CA  . MET A 1 89  ? 1.230   2.614   16.730  1.00 21.85 ? 424 MET B CA  1 
ATOM   731 C C   . MET A 1 89  ? 0.553   1.738   17.777  1.00 26.09 ? 424 MET B C   1 
ATOM   732 O O   . MET A 1 89  ? -0.598  1.991   18.143  1.00 25.44 ? 424 MET B O   1 
ATOM   733 C CB  . MET A 1 89  ? 1.464   4.030   17.263  1.00 25.64 ? 424 MET B CB  1 
ATOM   734 C CG  . MET A 1 89  ? 2.015   4.117   18.683  1.00 30.96 ? 424 MET B CG  1 
ATOM   735 S SD  . MET A 1 89  ? 3.806   3.941   18.799  1.00 35.54 ? 424 MET B SD  1 
ATOM   736 C CE  . MET A 1 89  ? 4.360   5.391   17.904  1.00 31.58 ? 424 MET B CE  1 
ATOM   737 N N   . ASN A 1 90  ? 1.237   0.696   18.217  1.00 26.06 ? 425 ASN B N   1 
ATOM   738 C CA  . ASN A 1 90  ? 0.752   -0.072  19.355  1.00 27.57 ? 425 ASN B CA  1 
ATOM   739 C C   . ASN A 1 90  ? 0.874   0.793   20.600  1.00 30.83 ? 425 ASN B C   1 
ATOM   740 O O   . ASN A 1 90  ? 1.998   1.138   20.992  1.00 28.05 ? 425 ASN B O   1 
ATOM   741 C CB  . ASN A 1 90  ? 1.545   -1.366  19.509  1.00 31.98 ? 425 ASN B CB  1 
ATOM   742 C CG  . ASN A 1 90  ? 1.071   -2.221  20.687  1.00 36.67 ? 425 ASN B CG  1 
ATOM   743 O OD1 . ASN A 1 90  ? 0.835   -1.724  21.798  1.00 34.33 ? 425 ASN B OD1 1 
ATOM   744 N ND2 . ASN A 1 90  ? 0.935   -3.525  20.443  1.00 35.45 ? 425 ASN B ND2 1 
ATOM   745 N N   . PRO A 1 91  ? -0.234  1.148   21.260  1.00 31.18 ? 426 PRO B N   1 
ATOM   746 C CA  . PRO A 1 91  ? -0.167  2.107   22.373  1.00 33.04 ? 426 PRO B CA  1 
ATOM   747 C C   . PRO A 1 91  ? 0.484   1.564   23.636  1.00 36.31 ? 426 PRO B C   1 
ATOM   748 O O   . PRO A 1 91  ? 0.632   2.325   24.602  1.00 34.07 ? 426 PRO B O   1 
ATOM   749 C CB  . PRO A 1 91  ? -1.640  2.443   22.625  1.00 35.13 ? 426 PRO B CB  1 
ATOM   750 C CG  . PRO A 1 91  ? -2.367  1.212   22.221  1.00 31.39 ? 426 PRO B CG  1 
ATOM   751 C CD  . PRO A 1 91  ? -1.604  0.654   21.041  1.00 33.62 ? 426 PRO B CD  1 
ATOM   752 N N   . TRP A 1 92  ? 0.864   0.286   23.675  1.00 34.01 ? 427 TRP B N   1 
ATOM   753 C CA  . TRP A 1 92  ? 1.568   -0.279  24.819  1.00 35.15 ? 427 TRP B CA  1 
ATOM   754 C C   . TRP A 1 92  ? 3.037   -0.544  24.529  1.00 34.60 ? 427 TRP B C   1 
ATOM   755 O O   . TRP A 1 92  ? 3.899   -0.148  25.323  1.00 35.50 ? 427 TRP B O   1 
ATOM   756 C CB  . TRP A 1 92  ? 0.887   -1.576  25.290  1.00 34.80 ? 427 TRP B CB  1 
ATOM   757 C CG  . TRP A 1 92  ? -0.485  -1.363  25.894  1.00 34.59 ? 427 TRP B CG  1 
ATOM   758 C CD1 . TRP A 1 92  ? -0.775  -1.006  27.185  1.00 35.57 ? 427 TRP B CD1 1 
ATOM   759 C CD2 . TRP A 1 92  ? -1.744  -1.495  25.224  1.00 35.45 ? 427 TRP B CD2 1 
ATOM   760 N NE1 . TRP A 1 92  ? -2.134  -0.904  27.354  1.00 36.55 ? 427 TRP B NE1 1 
ATOM   761 C CE2 . TRP A 1 92  ? -2.752  -1.204  26.168  1.00 35.13 ? 427 TRP B CE2 1 
ATOM   762 C CE3 . TRP A 1 92  ? -2.118  -1.830  23.917  1.00 34.52 ? 427 TRP B CE3 1 
ATOM   763 C CZ2 . TRP A 1 92  ? -4.109  -1.240  25.846  1.00 36.58 ? 427 TRP B CZ2 1 
ATOM   764 C CZ3 . TRP A 1 92  ? -3.465  -1.867  23.599  1.00 37.48 ? 427 TRP B CZ3 1 
ATOM   765 C CH2 . TRP A 1 92  ? -4.444  -1.571  24.560  1.00 36.10 ? 427 TRP B CH2 1 
ATOM   766 N N   . THR A 1 93  ? 3.346   -1.208  23.408  1.00 33.13 ? 428 THR B N   1 
ATOM   767 C CA  . THR A 1 93  ? 4.727   -1.483  23.022  1.00 33.66 ? 428 THR B CA  1 
ATOM   768 C C   . THR A 1 93  ? 5.425   -0.283  22.395  1.00 34.71 ? 428 THR B C   1 
ATOM   769 O O   . THR A 1 93  ? 6.640   -0.346  22.178  1.00 35.23 ? 428 THR B O   1 
ATOM   770 C CB  . THR A 1 93  ? 4.790   -2.651  22.037  1.00 35.67 ? 428 THR B CB  1 
ATOM   771 O OG1 . THR A 1 93  ? 4.467   -2.185  20.720  1.00 33.71 ? 428 THR B OG1 1 
ATOM   772 C CG2 . THR A 1 93  ? 3.798   -3.733  22.436  1.00 38.59 ? 428 THR B CG2 1 
ATOM   773 N N   . LYS A 1 94  ? 4.690   0.789   22.083  1.00 34.00 ? 429 LYS B N   1 
ATOM   774 C CA  . LYS A 1 94  ? 5.258   2.017   21.518  1.00 30.47 ? 429 LYS B CA  1 
ATOM   775 C C   . LYS A 1 94  ? 5.977   1.750   20.195  1.00 35.17 ? 429 LYS B C   1 
ATOM   776 O O   . LYS A 1 94  ? 6.979   2.396   19.868  1.00 35.15 ? 429 LYS B O   1 
ATOM   777 C CB  . LYS A 1 94  ? 6.190   2.704   22.523  1.00 30.72 ? 429 LYS B CB  1 
ATOM   778 C CG  . LYS A 1 94  ? 5.526   2.988   23.870  1.00 29.42 ? 429 LYS B CG  1 
ATOM   779 C CD  . LYS A 1 94  ? 4.263   3.833   23.709  1.00 31.20 ? 429 LYS B CD  1 
ATOM   780 C CE  . LYS A 1 94  ? 3.617   4.150   25.052  1.00 33.92 ? 429 LYS B CE  1 
ATOM   781 N NZ  . LYS A 1 94  ? 2.395   4.980   24.882  1.00 32.19 ? 429 LYS B NZ  1 
ATOM   782 N N   . GLU A 1 95  ? 5.464   0.796   19.425  1.00 30.93 ? 430 GLU B N   1 
ATOM   783 C CA  . GLU A 1 95  ? 6.034   0.416   18.143  1.00 28.05 ? 430 GLU B CA  1 
ATOM   784 C C   . GLU A 1 95  ? 4.994   0.610   17.050  1.00 25.79 ? 430 GLU B C   1 
ATOM   785 O O   . GLU A 1 95  ? 3.816   0.286   17.239  1.00 26.59 ? 430 GLU B O   1 
ATOM   786 C CB  . GLU A 1 95  ? 6.495   -1.045  18.158  1.00 31.92 ? 430 GLU B CB  1 
ATOM   787 C CG  . GLU A 1 95  ? 7.562   -1.361  19.193  0.96 36.09 ? 430 GLU B CG  1 
ATOM   788 C CD  . GLU A 1 95  ? 8.000   -2.814  19.145  1.00 39.11 ? 430 GLU B CD  1 
ATOM   789 O OE1 . GLU A 1 95  ? 7.297   -3.627  18.508  0.63 44.64 ? 430 GLU B OE1 1 
ATOM   790 O OE2 . GLU A 1 95  ? 9.047   -3.141  19.742  0.31 40.97 ? 430 GLU B OE2 1 
ATOM   791 N N   . VAL A 1 96  ? 5.422   1.147   15.911  1.00 21.39 ? 431 VAL B N   1 
ATOM   792 C CA  . VAL A 1 96  ? 4.579   1.162   14.719  1.00 19.47 ? 431 VAL B CA  1 
ATOM   793 C C   . VAL A 1 96  ? 4.648   -0.233  14.114  1.00 18.64 ? 431 VAL B C   1 
ATOM   794 O O   . VAL A 1 96  ? 5.697   -0.652  13.622  1.00 22.91 ? 431 VAL B O   1 
ATOM   795 C CB  . VAL A 1 96  ? 5.023   2.231   13.715  1.00 20.87 ? 431 VAL B CB  1 
ATOM   796 C CG1 . VAL A 1 96  ? 4.300   2.065   12.405  1.00 14.92 ? 431 VAL B CG1 1 
ATOM   797 C CG2 . VAL A 1 96  ? 4.747   3.616   14.279  1.00 17.67 ? 431 VAL B CG2 1 
ATOM   798 N N   . GLU A 1 97  ? 3.542   -0.972  14.176  1.00 17.89 ? 432 GLU B N   1 
ATOM   799 C CA  . GLU A 1 97  ? 3.581   -2.355  13.706  1.00 22.63 ? 432 GLU B CA  1 
ATOM   800 C C   . GLU A 1 97  ? 3.454   -2.447  12.190  1.00 20.45 ? 432 GLU B C   1 
ATOM   801 O O   . GLU A 1 97  ? 4.093   -3.296  11.563  1.00 18.23 ? 432 GLU B O   1 
ATOM   802 C CB  . GLU A 1 97  ? 2.475   -3.171  14.363  1.00 20.18 ? 432 GLU B CB  1 
ATOM   803 C CG  . GLU A 1 97  ? 2.626   -3.334  15.857  1.00 24.59 ? 432 GLU B CG  1 
ATOM   804 C CD  . GLU A 1 97  ? 1.457   -4.084  16.450  1.00 28.09 ? 432 GLU B CD  1 
ATOM   805 O OE1 . GLU A 1 97  ? 0.606   -4.559  15.665  1.00 28.17 ? 432 GLU B OE1 1 
ATOM   806 O OE2 . GLU A 1 97  ? 1.385   -4.193  17.693  1.00 32.20 ? 432 GLU B OE2 1 
ATOM   807 N N   . TYR A 1 98  ? 2.628   -1.590  11.594  1.00 17.69 ? 433 TYR B N   1 
ATOM   808 C CA  . TYR A 1 98  ? 2.360   -1.618  10.164  1.00 14.07 ? 433 TYR B CA  1 
ATOM   809 C C   . TYR A 1 98  ? 1.709   -0.294  9.807   1.00 13.92 ? 433 TYR B C   1 
ATOM   810 O O   . TYR A 1 98  ? 1.356   0.494   10.683  1.00 12.93 ? 433 TYR B O   1 
ATOM   811 C CB  . TYR A 1 98  ? 1.453   -2.803  9.793   1.00 14.19 ? 433 TYR B CB  1 
ATOM   812 C CG  . TYR A 1 98  ? 0.168   -2.877  10.617  1.00 15.75 ? 433 TYR B CG  1 
ATOM   813 C CD1 . TYR A 1 98  ? -0.949  -2.121  10.271  1.00 14.55 ? 433 TYR B CD1 1 
ATOM   814 C CD2 . TYR A 1 98  ? 0.088   -3.678  11.755  1.00 15.32 ? 433 TYR B CD2 1 
ATOM   815 C CE1 . TYR A 1 98  ? -2.112  -2.172  11.021  1.00 13.43 ? 433 TYR B CE1 1 
ATOM   816 C CE2 . TYR A 1 98  ? -1.073  -3.735  12.505  1.00 17.01 ? 433 TYR B CE2 1 
ATOM   817 C CZ  . TYR A 1 98  ? -2.171  -2.984  12.127  1.00 15.70 ? 433 TYR B CZ  1 
ATOM   818 O OH  . TYR A 1 98  ? -3.324  -3.026  12.877  1.00 17.90 ? 433 TYR B OH  1 
ATOM   819 N N   . ILE A 1 99  ? 1.535   -0.063  8.512   1.00 10.29 ? 434 ILE B N   1 
ATOM   820 C CA  . ILE A 1 99  ? 0.728   1.057   8.062   1.00 11.34 ? 434 ILE B CA  1 
ATOM   821 C C   . ILE A 1 99  ? -0.526  0.501   7.407   1.00 11.46 ? 434 ILE B C   1 
ATOM   822 O O   . ILE A 1 99  ? -0.517  -0.589  6.817   1.00 10.46 ? 434 ILE B O   1 
ATOM   823 C CB  . ILE A 1 99  ? 1.490   2.000   7.102   1.00 12.10 ? 434 ILE B CB  1 
ATOM   824 C CG1 . ILE A 1 99  ? 1.757   1.317   5.763   1.00 11.61 ? 434 ILE B CG1 1 
ATOM   825 C CG2 . ILE A 1 99  ? 2.814   2.468   7.733   1.00 11.81 ? 434 ILE B CG2 1 
ATOM   826 C CD1 . ILE A 1 99  ? 2.124   2.302   4.646   1.00 10.48 ? 434 ILE B CD1 1 
ATOM   827 N N   . VAL A 1 100 ? -1.630  1.243   7.546   1.00 11.05 ? 435 VAL B N   1 
ATOM   828 C CA  . VAL A 1 100 ? -2.893  0.934   6.883   1.00 10.20 ? 435 VAL B CA  1 
ATOM   829 C C   . VAL A 1 100 ? -2.977  1.773   5.619   1.00 13.35 ? 435 VAL B C   1 
ATOM   830 O O   . VAL A 1 100 ? -2.611  2.958   5.622   1.00 12.62 ? 435 VAL B O   1 
ATOM   831 C CB  . VAL A 1 100 ? -4.103  1.206   7.802   1.00 11.95 ? 435 VAL B CB  1 
ATOM   832 C CG1 . VAL A 1 100 ? -5.395  0.905   7.074   1.00 14.05 ? 435 VAL B CG1 1 
ATOM   833 C CG2 . VAL A 1 100 ? -4.005  0.393   9.084   1.00 11.47 ? 435 VAL B CG2 1 
ATOM   834 N N   . SER A 1 101 ? -3.454  1.166   4.532   1.00 12.70 ? 436 SER B N   1 
ATOM   835 C CA  . SER A 1 101 ? -3.481  1.826   3.233   1.00 12.87 ? 436 SER B CA  1 
ATOM   836 C C   . SER A 1 101 ? -4.806  1.542   2.554   1.00 13.56 ? 436 SER B C   1 
ATOM   837 O O   . SER A 1 101 ? -5.132  0.379   2.308   1.00 16.37 ? 436 SER B O   1 
ATOM   838 C CB  . SER A 1 101 ? -2.340  1.350   2.337   1.00 14.16 ? 436 SER B CB  1 
ATOM   839 O OG  . SER A 1 101 ? -2.404  2.027   1.085   1.00 15.65 ? 436 SER B OG  1 
ATOM   840 N N   . THR A 1 102 ? -5.550  2.602   2.242   1.00 11.74 ? 437 THR B N   1 
ATOM   841 C CA  . THR A 1 102 ? -6.695  2.529   1.345   1.00 13.29 ? 437 THR B CA  1 
ATOM   842 C C   . THR A 1 102 ? -6.204  2.844   -0.061  1.00 16.11 ? 437 THR B C   1 
ATOM   843 O O   . THR A 1 102 ? -5.674  3.934   -0.307  1.00 15.34 ? 437 THR B O   1 
ATOM   844 C CB  . THR A 1 102 ? -7.793  3.513   1.752   1.00 15.81 ? 437 THR B CB  1 
ATOM   845 O OG1 . THR A 1 102 ? -8.079  3.368   3.145   1.00 12.99 ? 437 THR B OG1 1 
ATOM   846 C CG2 . THR A 1 102 ? -9.049  3.273   0.938   1.00 16.28 ? 437 THR B CG2 1 
ATOM   847 N N   . ASN A 1 103 ? -6.380  1.900   -0.977  1.00 14.91 ? 438 ASN B N   1 
ATOM   848 C CA  . ASN A 1 103 ? -5.814  1.999   -2.316  1.00 12.68 ? 438 ASN B CA  1 
ATOM   849 C C   . ASN A 1 103 ? -6.954  2.201   -3.300  1.00 16.88 ? 438 ASN B C   1 
ATOM   850 O O   . ASN A 1 103 ? -7.816  1.328   -3.446  1.00 14.25 ? 438 ASN B O   1 
ATOM   851 C CB  . ASN A 1 103 ? -4.991  0.749   -2.613  1.00 13.67 ? 438 ASN B CB  1 
ATOM   852 C CG  . ASN A 1 103 ? -4.035  0.441   -1.497  1.00 14.29 ? 438 ASN B CG  1 
ATOM   853 O OD1 . ASN A 1 103 ? -3.141  1.241   -1.209  1.00 12.25 ? 438 ASN B OD1 1 
ATOM   854 N ND2 . ASN A 1 103 ? -4.227  -0.699  -0.830  1.00 15.22 ? 438 ASN B ND2 1 
ATOM   855 N N   . THR A 1 104 ? -6.981  3.365   -3.943  1.00 16.24 ? 439 THR B N   1 
ATOM   856 C CA  . THR A 1 104 ? -8.138  3.792   -4.716  1.00 16.01 ? 439 THR B CA  1 
ATOM   857 C C   . THR A 1 104 ? -7.742  3.901   -6.177  1.00 15.67 ? 439 THR B C   1 
ATOM   858 O O   . THR A 1 104 ? -6.726  4.527   -6.504  1.00 15.99 ? 439 THR B O   1 
ATOM   859 C CB  . THR A 1 104 ? -8.687  5.134   -4.207  1.00 16.47 ? 439 THR B CB  1 
ATOM   860 O OG1 . THR A 1 104 ? -8.955  5.041   -2.802  1.00 18.36 ? 439 THR B OG1 1 
ATOM   861 C CG2 . THR A 1 104 ? -9.984  5.491   -4.926  1.00 17.96 ? 439 THR B CG2 1 
ATOM   862 N N   . VAL A 1 105 ? -8.538  3.277   -7.047  1.00 15.66 ? 440 VAL B N   1 
ATOM   863 C CA  . VAL A 1 105 ? -8.325  3.378   -8.483  1.00 14.92 ? 440 VAL B CA  1 
ATOM   864 C C   . VAL A 1 105 ? -8.595  4.804   -8.931  1.00 15.68 ? 440 VAL B C   1 
ATOM   865 O O   . VAL A 1 105 ? -9.639  5.383   -8.610  1.00 15.81 ? 440 VAL B O   1 
ATOM   866 C CB  . VAL A 1 105 ? -9.245  2.410   -9.238  1.00 18.39 ? 440 VAL B CB  1 
ATOM   867 C CG1 . VAL A 1 105 ? -8.830  2.338   -10.699 1.00 19.97 ? 440 VAL B CG1 1 
ATOM   868 C CG2 . VAL A 1 105 ? -9.230  1.041   -8.594  1.00 20.80 ? 440 VAL B CG2 1 
ATOM   869 N N   . VAL A 1 106 ? -7.683  5.354   -9.723  1.00 18.21 ? 441 VAL B N   1 
ATOM   870 C CA  . VAL A 1 106 ? -7.825  6.697   -10.262 1.00 19.12 ? 441 VAL B CA  1 
ATOM   871 C C   . VAL A 1 106 ? -8.386  6.605   -11.667 1.00 21.49 ? 441 VAL B C   1 
ATOM   872 O O   . VAL A 1 106 ? -7.826  5.877   -12.494 1.00 24.13 ? 441 VAL B O   1 
ATOM   873 C CB  . VAL A 1 106 ? -6.482  7.427   -10.273 1.00 20.32 ? 441 VAL B CB  1 
ATOM   874 C CG1 . VAL A 1 106 ? -6.633  8.804   -10.898 1.00 20.78 ? 441 VAL B CG1 1 
ATOM   875 C CG2 . VAL A 1 106 ? -5.922  7.514   -8.876  1.00 19.14 ? 441 VAL B CG2 1 
HETATM 876 O O   . HOH B 2 .   ? 3.798   14.032  2.556   1.00 22.57 ? 501 HOH B O   1 
HETATM 877 O O   . HOH B 2 .   ? -2.677  -1.757  -4.403  1.00 20.79 ? 502 HOH B O   1 
HETATM 878 O O   . HOH B 2 .   ? 9.788   -1.882  -8.225  1.00 20.45 ? 503 HOH B O   1 
HETATM 879 O O   . HOH B 2 .   ? 3.481   10.560  -3.264  1.00 17.35 ? 504 HOH B O   1 
HETATM 880 O O   . HOH B 2 .   ? -0.145  7.814   10.751  1.00 12.79 ? 505 HOH B O   1 
HETATM 881 O O   . HOH B 2 .   ? 2.091   14.892  10.757  1.00 20.23 ? 506 HOH B O   1 
HETATM 882 O O   . HOH B 2 .   ? -5.694  -10.594 3.705   1.00 17.73 ? 507 HOH B O   1 
HETATM 883 O O   . HOH B 2 .   ? -0.338  -0.047  -3.439  1.00 17.26 ? 508 HOH B O   1 
HETATM 884 O O   . HOH B 2 .   ? -3.688  -5.209  14.563  1.00 21.64 ? 509 HOH B O   1 
HETATM 885 O O   . HOH B 2 .   ? 8.807   0.273   -13.623 1.00 16.90 ? 510 HOH B O   1 
HETATM 886 O O   . HOH B 2 .   ? 6.726   12.605  9.631   1.00 13.81 ? 511 HOH B O   1 
HETATM 887 O O   . HOH B 2 .   ? -5.797  3.242   -13.868 1.00 27.24 ? 512 HOH B O   1 
HETATM 888 O O   . HOH B 2 .   ? -4.422  13.210  9.540   1.00 13.26 ? 513 HOH B O   1 
HETATM 889 O O   . HOH B 2 .   ? 11.676  6.531   -8.014  1.00 14.69 ? 514 HOH B O   1 
HETATM 890 O O   . HOH B 2 .   ? 5.250   0.002   7.689   1.00 13.33 ? 515 HOH B O   1 
HETATM 891 O O   . HOH B 2 .   ? 9.934   8.998   -7.080  1.00 15.51 ? 516 HOH B O   1 
HETATM 892 O O   . HOH B 2 .   ? 4.699   12.981  -6.151  1.00 21.17 ? 517 HOH B O   1 
HETATM 893 O O   . HOH B 2 .   ? 8.125   -12.299 -1.640  1.00 23.96 ? 518 HOH B O   1 
HETATM 894 O O   . HOH B 2 .   ? -0.074  0.383   -0.637  1.00 18.74 ? 519 HOH B O   1 
HETATM 895 O O   . HOH B 2 .   ? -15.587 1.750   -3.972  1.00 18.84 ? 520 HOH B O   1 
HETATM 896 O O   . HOH B 2 .   ? -13.368 -6.704  1.294   1.00 21.83 ? 521 HOH B O   1 
HETATM 897 O O   . HOH B 2 .   ? -17.545 -11.831 1.428   1.00 15.63 ? 522 HOH B O   1 
HETATM 898 O O   . HOH B 2 .   ? 6.861   -3.584  10.332  1.00 21.50 ? 523 HOH B O   1 
HETATM 899 O O   . HOH B 2 .   ? -10.861 -3.741  4.466   1.00 20.68 ? 524 HOH B O   1 
HETATM 900 O O   . HOH B 2 .   ? -7.958  12.680  3.211   1.00 22.45 ? 525 HOH B O   1 
HETATM 901 O O   . HOH B 2 .   ? 10.788  -3.116  -10.241 1.00 21.67 ? 526 HOH B O   1 
HETATM 902 O O   . HOH B 2 .   ? -2.100  2.356   27.279  1.00 39.80 ? 527 HOH B O   1 
HETATM 903 O O   . HOH B 2 .   ? -8.399  -5.763  -13.412 1.00 29.48 ? 528 HOH B O   1 
HETATM 904 O O   . HOH B 2 .   ? 6.080   -0.791  10.023  1.00 17.27 ? 529 HOH B O   1 
HETATM 905 O O   . HOH B 2 .   ? -17.845 2.469   -5.720  1.00 20.74 ? 530 HOH B O   1 
HETATM 906 O O   . HOH B 2 .   ? 7.616   12.853  -7.190  1.00 13.28 ? 531 HOH B O   1 
HETATM 907 O O   . HOH B 2 .   ? -11.987 -6.902  5.390   1.00 27.31 ? 532 HOH B O   1 
HETATM 908 O O   . HOH B 2 .   ? -12.901 11.062  -16.481 1.00 20.20 ? 533 HOH B O   1 
# 
loop_
_atom_site_anisotrop.id 
_atom_site_anisotrop.type_symbol 
_atom_site_anisotrop.pdbx_label_atom_id 
_atom_site_anisotrop.pdbx_label_alt_id 
_atom_site_anisotrop.pdbx_label_comp_id 
_atom_site_anisotrop.pdbx_label_asym_id 
_atom_site_anisotrop.pdbx_label_seq_id 
_atom_site_anisotrop.pdbx_PDB_ins_code 
_atom_site_anisotrop.U[1][1] 
_atom_site_anisotrop.U[2][2] 
_atom_site_anisotrop.U[3][3] 
_atom_site_anisotrop.U[1][2] 
_atom_site_anisotrop.U[1][3] 
_atom_site_anisotrop.U[2][3] 
_atom_site_anisotrop.pdbx_auth_seq_id 
_atom_site_anisotrop.pdbx_auth_comp_id 
_atom_site_anisotrop.pdbx_auth_asym_id 
_atom_site_anisotrop.pdbx_auth_atom_id 
1   N N   . GLY A 1   ? 0.2800 0.3402 0.3157 0.0003  -0.0200 0.0028  336 GLY B N   
2   C CA  . GLY A 1   ? 0.2206 0.2790 0.2543 -0.0025 -0.0223 0.0021  336 GLY B CA  
3   C C   . GLY A 1   ? 0.2437 0.2959 0.2718 -0.0044 -0.0207 0.0014  336 GLY B C   
4   O O   . GLY A 1   ? 0.2360 0.2869 0.2643 -0.0044 -0.0175 0.0018  336 GLY B O   
5   N N   . SER A 2   ? 0.2185 0.2673 0.2421 -0.0061 -0.0227 0.0003  337 SER B N   
6   C CA  . SER A 2   ? 0.2556 0.2987 0.2745 -0.0081 -0.0212 -0.0008 337 SER B CA  
7   C C   . SER A 2   ? 0.2431 0.2809 0.2542 -0.0071 -0.0220 -0.0009 337 SER B C   
8   O O   . SER A 2   ? 0.2705 0.3044 0.2773 -0.0093 -0.0220 -0.0023 337 SER B O   
9   C CB  . SER A 2   ? 0.2339 0.2779 0.2550 -0.0116 -0.0221 -0.0026 337 SER B CB  
10  O OG  . SER A 2   ? 0.3886 0.4286 0.4092 -0.0135 -0.0192 -0.0033 337 SER B OG  
11  N N   . MET A 3   ? 0.2180 0.2555 0.2276 -0.0042 -0.0226 0.0004  338 MET B N   
12  C CA  . MET A 3   ? 0.2069 0.2388 0.2096 -0.0030 -0.0227 0.0009  338 MET B CA  
13  C C   . MET A 3   ? 0.2206 0.2485 0.2218 -0.0021 -0.0193 0.0009  338 MET B C   
14  O O   . MET A 3   ? 0.1915 0.2149 0.1881 -0.0011 -0.0190 0.0012  338 MET B O   
15  C CB  . MET A 3   ? 0.2441 0.2774 0.2468 -0.0002 -0.0251 0.0025  338 MET B CB  
16  C CG  . MET A 3   ? 0.2410 0.2785 0.2448 -0.0007 -0.0290 0.0029  338 MET B CG  
17  S SD  . MET A 3   ? 0.4042 0.4384 0.4000 -0.0037 -0.0307 0.0017  338 MET B SD  
18  C CE  . MET A 3   ? 0.3190 0.3566 0.3193 -0.0073 -0.0305 -0.0010 338 MET B CE  
19  N N   . GLU A 4   ? 0.1811 0.2107 0.1861 -0.0024 -0.0171 0.0007  339 GLU B N   
20  C CA  . GLU A 4   ? 0.1838 0.2103 0.1875 -0.0016 -0.0143 0.0007  339 GLU B CA  
21  C C   . GLU A 4   ? 0.1742 0.2020 0.1810 -0.0035 -0.0122 0.0005  339 GLU B C   
22  O O   . GLU A 4   ? 0.1596 0.1914 0.1708 -0.0049 -0.0129 0.0006  339 GLU B O   
23  C CB  . GLU A 4   ? 0.1958 0.2240 0.2013 0.0015  -0.0135 0.0012  339 GLU B CB  
24  C CG  . GLU A 4   ? 0.1977 0.2325 0.2092 0.0023  -0.0130 0.0017  339 GLU B CG  
25  C CD  . GLU A 4   ? 0.2316 0.2683 0.2450 0.0055  -0.0122 0.0017  339 GLU B CD  
26  O OE1 . GLU A 4   ? 0.2348 0.2701 0.2473 0.0074  -0.0138 0.0018  339 GLU B OE1 
27  O OE2 . GLU A 4   ? 0.1886 0.2284 0.2041 0.0062  -0.0100 0.0015  339 GLU B OE2 
28  N N   . TYR A 5   ? 0.1640 0.1886 0.1693 -0.0036 -0.0101 0.0003  340 TYR B N   
29  C CA  . TYR A 5   ? 0.1532 0.1791 0.1616 -0.0048 -0.0081 0.0009  340 TYR B CA  
30  C C   . TYR A 5   ? 0.1609 0.1854 0.1679 -0.0033 -0.0061 0.0013  340 TYR B C   
31  O O   . TYR A 5   ? 0.1562 0.1772 0.1596 -0.0020 -0.0062 0.0005  340 TYR B O   
32  C CB  . TYR A 5   ? 0.1530 0.1762 0.1617 -0.0079 -0.0079 0.0000  340 TYR B CB  
33  C CG  . TYR A 5   ? 0.1613 0.1790 0.1665 -0.0084 -0.0066 -0.0009 340 TYR B CG  
34  C CD1 . TYR A 5   ? 0.1868 0.2033 0.1940 -0.0089 -0.0047 -0.0002 340 TYR B CD1 
35  C CD2 . TYR A 5   ? 0.1646 0.1781 0.1647 -0.0083 -0.0074 -0.0022 340 TYR B CD2 
36  C CE1 . TYR A 5   ? 0.1720 0.1837 0.1768 -0.0092 -0.0034 -0.0010 340 TYR B CE1 
37  C CE2 . TYR A 5   ? 0.1645 0.1730 0.1619 -0.0087 -0.0059 -0.0031 340 TYR B CE2 
38  C CZ  . TYR A 5   ? 0.1806 0.1884 0.1806 -0.0092 -0.0039 -0.0026 340 TYR B CZ  
39  O OH  . TYR A 5   ? 0.2079 0.2112 0.2062 -0.0096 -0.0025 -0.0035 340 TYR B OH  
40  N N   . VAL A 6   ? 0.1343 0.1615 0.1443 -0.0035 -0.0045 0.0025  341 VAL B N   
41  C CA  . VAL A 6   ? 0.1637 0.1909 0.1726 -0.0019 -0.0029 0.0030  341 VAL B CA  
42  C C   . VAL A 6   ? 0.1778 0.2019 0.1868 -0.0036 -0.0017 0.0034  341 VAL B C   
43  O O   . VAL A 6   ? 0.1610 0.1855 0.1732 -0.0056 -0.0013 0.0044  341 VAL B O   
44  C CB  . VAL A 6   ? 0.1655 0.1990 0.1772 -0.0007 -0.0018 0.0043  341 VAL B CB  
45  C CG1 . VAL A 6   ? 0.1605 0.1948 0.1707 0.0008  -0.0003 0.0046  341 VAL B CG1 
46  C CG2 . VAL A 6   ? 0.1414 0.1781 0.1540 0.0012  -0.0030 0.0035  341 VAL B CG2 
47  N N   . SER A 7   ? 0.1563 0.1772 0.1626 -0.0026 -0.0011 0.0028  342 SER B N   
48  C CA  . SER A 7   ? 0.1326 0.1508 0.1393 -0.0037 0.0001  0.0033  342 SER B CA  
49  C C   . SER A 7   ? 0.1475 0.1675 0.1534 -0.0019 0.0009  0.0039  342 SER B C   
50  O O   . SER A 7   ? 0.1645 0.1865 0.1686 0.0001  0.0007  0.0029  342 SER B O   
51  C CB  . SER A 7   ? 0.1451 0.1573 0.1496 -0.0048 -0.0001 0.0014  342 SER B CB  
52  O OG  . SER A 7   ? 0.1459 0.1559 0.1467 -0.0033 -0.0006 -0.0001 342 SER B OG  
53  N N   . ARG A 8   ? 0.1335 0.1527 0.1407 -0.0025 0.0017  0.0052  343 ARG B N   
54  C CA  . ARG A 8   ? 0.1222 0.1428 0.1283 -0.0009 0.0021  0.0054  343 ARG B CA  
55  C C   . ARG A 8   ? 0.1565 0.1720 0.1626 -0.0016 0.0023  0.0047  343 ARG B C   
56  O O   . ARG A 8   ? 0.1471 0.1595 0.1553 -0.0035 0.0027  0.0050  343 ARG B O   
57  C CB  . ARG A 8   ? 0.1496 0.1754 0.1574 -0.0005 0.0028  0.0084  343 ARG B CB  
58  C CG  . ARG A 8   ? 0.1533 0.1848 0.1615 0.0002  0.0030  0.0092  343 ARG B CG  
59  C CD  . ARG A 8   ? 0.1630 0.1997 0.1726 0.0002  0.0041  0.0126  343 ARG B CD  
60  N NE  . ARG A 8   ? 0.1941 0.2365 0.2045 0.0007  0.0047  0.0133  343 ARG B NE  
61  C CZ  . ARG A 8   ? 0.2112 0.2589 0.2233 0.0005  0.0060  0.0164  343 ARG B CZ  
62  N NH1 . ARG A 8   ? 0.1700 0.2181 0.1828 -0.0001 0.0065  0.0197  343 ARG B NH1 
63  N NH2 . ARG A 8   ? 0.1815 0.2343 0.1946 0.0009  0.0068  0.0166  343 ARG B NH2 
64  N N   . HIS A 9   ? 0.1292 0.1442 0.1335 -0.0002 0.0022  0.0034  344 HIS B N   
65  C CA  . HIS A 9   ? 0.1424 0.1528 0.1470 -0.0007 0.0025  0.0023  344 HIS B CA  
66  C C   . HIS A 9   ? 0.1657 0.1782 0.1707 0.0006  0.0022  0.0029  344 HIS B C   
67  O O   . HIS A 9   ? 0.1573 0.1730 0.1603 0.0023  0.0018  0.0019  344 HIS B O   
68  C CB  . HIS A 9   ? 0.1273 0.1333 0.1293 -0.0006 0.0024  -0.0006 344 HIS B CB  
69  C CG  . HIS A 9   ? 0.1422 0.1463 0.1433 -0.0019 0.0023  -0.0011 344 HIS B CG  
70  N ND1 . HIS A 9   ? 0.1364 0.1368 0.1384 -0.0040 0.0027  -0.0014 344 HIS B ND1 
71  C CD2 . HIS A 9   ? 0.1615 0.1672 0.1610 -0.0014 0.0015  -0.0013 344 HIS B CD2 
72  C CE1 . HIS A 9   ? 0.1563 0.1565 0.1569 -0.0048 0.0022  -0.0019 344 HIS B CE1 
73  N NE2 . HIS A 9   ? 0.1706 0.1738 0.1698 -0.0031 0.0013  -0.0016 344 HIS B NE2 
74  N N   . ALA A 10  ? 0.1642 0.1754 0.1721 -0.0002 0.0026  0.0043  345 ALA B N   
75  C CA  . ALA A 10  ? 0.1519 0.1644 0.1605 0.0009  0.0020  0.0047  345 ALA B CA  
76  C C   . ALA A 10  ? 0.1608 0.1696 0.1685 0.0012  0.0021  0.0013  345 ALA B C   
77  O O   . ALA A 10  ? 0.1531 0.1580 0.1594 0.0005  0.0026  -0.0010 345 ALA B O   
78  C CB  . ALA A 10  ? 0.1730 0.1850 0.1861 0.0000  0.0023  0.0076  345 ALA B CB  
79  N N   . ILE A 11  ? 0.1668 0.1770 0.1757 0.0022  0.0014  0.0011  346 ILE B N   
80  C CA  . ILE A 11  ? 0.1834 0.1914 0.1916 0.0027  0.0013  -0.0023 346 ILE B CA  
81  C C   . ILE A 11  ? 0.1794 0.1811 0.1891 0.0013  0.0026  -0.0041 346 ILE B C   
82  O O   . ILE A 11  ? 0.1509 0.1500 0.1595 0.0014  0.0030  -0.0069 346 ILE B O   
83  C CB  . ILE A 11  ? 0.2194 0.2312 0.2288 0.0040  0.0000  -0.0023 346 ILE B CB  
84  C CG1 . ILE A 11  ? 0.2010 0.2119 0.2093 0.0048  -0.0003 -0.0062 346 ILE B CG1 
85  C CG2 . ILE A 11  ? 0.2083 0.2187 0.2221 0.0034  0.0000  -0.0004 346 ILE B CG2 
86  C CD1 . ILE A 11  ? 0.2593 0.2759 0.2667 0.0065  -0.0018 -0.0070 346 ILE B CD1 
87  N N   . ASP A 12  ? 0.1507 0.1498 0.1631 -0.0001 0.0033  -0.0028 347 ASP B N   
88  C CA  . ASP A 12  ? 0.1657 0.1592 0.1788 -0.0016 0.0049  -0.0049 347 ASP B CA  
89  C C   . ASP A 12  ? 0.1709 0.1619 0.1812 -0.0029 0.0056  -0.0054 347 ASP B C   
90  O O   . ASP A 12  ? 0.1626 0.1494 0.1731 -0.0043 0.0069  -0.0068 347 ASP B O   
91  C CB  . ASP A 12  ? 0.1919 0.1836 0.2103 -0.0024 0.0056  -0.0041 347 ASP B CB  
92  C CG  . ASP A 12  ? 0.1966 0.1893 0.2174 -0.0031 0.0056  -0.0013 347 ASP B CG  
93  O OD1 . ASP A 12  ? 0.1945 0.1896 0.2131 -0.0032 0.0050  0.0001  347 ASP B OD1 
94  O OD2 . ASP A 12  ? 0.2032 0.1944 0.2292 -0.0037 0.0061  -0.0005 347 ASP B OD2 
95  N N   . GLY A 13  ? 0.1490 0.1431 0.1567 -0.0023 0.0047  -0.0043 348 GLY B N   
96  C CA  . GLY A 13  ? 0.1512 0.1439 0.1565 -0.0033 0.0049  -0.0045 348 GLY B CA  
97  C C   . GLY A 13  ? 0.1289 0.1227 0.1364 -0.0046 0.0050  -0.0026 348 GLY B C   
98  O O   . GLY A 13  ? 0.1455 0.1394 0.1515 -0.0054 0.0047  -0.0027 348 GLY B O   
99  N N   . LYS A 14  ? 0.1274 0.1224 0.1392 -0.0047 0.0051  -0.0007 349 LYS B N   
100 C CA  . LYS A 14  ? 0.1376 0.1329 0.1526 -0.0061 0.0054  0.0010  349 LYS B CA  
101 C C   . LYS A 14  ? 0.1163 0.1155 0.1300 -0.0060 0.0046  0.0027  349 LYS B C   
102 O O   . LYS A 14  ? 0.1288 0.1324 0.1412 -0.0044 0.0039  0.0041  349 LYS B O   
103 C CB  . LYS A 14  ? 0.1384 0.1350 0.1584 -0.0058 0.0055  0.0037  349 LYS B CB  
104 C CG  . LYS A 14  ? 0.1544 0.1499 0.1794 -0.0075 0.0062  0.0052  349 LYS B CG  
105 C CD  . LYS A 14  ? 0.1528 0.1487 0.1833 -0.0071 0.0063  0.0081  349 LYS B CD  
106 C CE  . LYS A 14  ? 0.1444 0.1460 0.1740 -0.0053 0.0051  0.0118  349 LYS B CE  
107 N NZ  . LYS A 14  ? 0.1723 0.1747 0.2065 -0.0045 0.0047  0.0147  349 LYS B NZ  
108 N N   . PHE A 15  ? 0.1355 0.1335 0.1497 -0.0077 0.0048  0.0020  350 PHE B N   
109 C CA  . PHE A 15  ? 0.1167 0.1185 0.1311 -0.0079 0.0042  0.0035  350 PHE B CA  
110 C C   . PHE A 15  ? 0.1408 0.1460 0.1594 -0.0078 0.0045  0.0072  350 PHE B C   
111 O O   . PHE A 15  ? 0.1221 0.1254 0.1454 -0.0090 0.0052  0.0083  350 PHE B O   
112 C CB  . PHE A 15  ? 0.1361 0.1360 0.1511 -0.0100 0.0042  0.0019  350 PHE B CB  
113 C CG  . PHE A 15  ? 0.1238 0.1219 0.1338 -0.0101 0.0035  -0.0007 350 PHE B CG  
114 C CD1 . PHE A 15  ? 0.1185 0.1198 0.1264 -0.0095 0.0023  -0.0004 350 PHE B CD1 
115 C CD2 . PHE A 15  ? 0.1334 0.1268 0.1412 -0.0109 0.0042  -0.0033 350 PHE B CD2 
116 C CE1 . PHE A 15  ? 0.1388 0.1387 0.1426 -0.0094 0.0014  -0.0023 350 PHE B CE1 
117 C CE2 . PHE A 15  ? 0.1229 0.1151 0.1261 -0.0109 0.0036  -0.0051 350 PHE B CE2 
118 C CZ  . PHE A 15  ? 0.1552 0.1505 0.1561 -0.0102 0.0021  -0.0044 350 PHE B CZ  
119 N N   . VAL A 16  ? 0.1160 0.1262 0.1333 -0.0064 0.0040  0.0092  351 VAL B N   
120 C CA  . VAL A 16  ? 0.1151 0.1294 0.1359 -0.0064 0.0045  0.0131  351 VAL B CA  
121 C C   . VAL A 16  ? 0.1694 0.1877 0.1908 -0.0069 0.0046  0.0145  351 VAL B C   
122 O O   . VAL A 16  ? 0.1430 0.1648 0.1674 -0.0072 0.0052  0.0181  351 VAL B O   
123 C CB  . VAL A 16  ? 0.1375 0.1552 0.1564 -0.0043 0.0043  0.0150  351 VAL B CB  
124 C CG1 . VAL A 16  ? 0.1459 0.1599 0.1654 -0.0040 0.0041  0.0138  351 VAL B CG1 
125 C CG2 . VAL A 16  ? 0.1440 0.1652 0.1581 -0.0026 0.0037  0.0134  351 VAL B CG2 
126 N N   . PHE A 17  ? 0.1217 0.1399 0.1408 -0.0071 0.0039  0.0119  352 PHE B N   
127 C CA  . PHE A 17  ? 0.1399 0.1617 0.1607 -0.0078 0.0039  0.0126  352 PHE B CA  
128 C C   . PHE A 17  ? 0.1632 0.1823 0.1821 -0.0085 0.0028  0.0092  352 PHE B C   
129 O O   . PHE A 17  ? 0.1483 0.1651 0.1631 -0.0074 0.0022  0.0070  352 PHE B O   
130 C CB  . PHE A 17  ? 0.1421 0.1700 0.1611 -0.0059 0.0040  0.0140  352 PHE B CB  
131 C CG  . PHE A 17  ? 0.1945 0.2261 0.2151 -0.0063 0.0039  0.0140  352 PHE B CG  
132 C CD1 . PHE A 17  ? 0.2460 0.2801 0.2716 -0.0080 0.0047  0.0164  352 PHE B CD1 
133 C CD2 . PHE A 17  ? 0.1819 0.2144 0.1997 -0.0050 0.0029  0.0114  352 PHE B CD2 
134 C CE1 . PHE A 17  ? 0.2520 0.2900 0.2799 -0.0084 0.0044  0.0161  352 PHE B CE1 
135 C CE2 . PHE A 17  ? 0.1998 0.2359 0.2197 -0.0053 0.0025  0.0113  352 PHE B CE2 
136 C CZ  . PHE A 17  ? 0.2061 0.2451 0.2310 -0.0071 0.0032  0.0135  352 PHE B CZ  
137 N N   . VAL A 18  ? 0.1383 0.1581 0.1605 -0.0104 0.0025  0.0090  353 VAL B N   
138 C CA  . VAL A 18  ? 0.1663 0.1841 0.1866 -0.0113 0.0012  0.0061  353 VAL B CA  
139 C C   . VAL A 18  ? 0.1859 0.2081 0.2100 -0.0123 0.0006  0.0068  353 VAL B C   
140 O O   . VAL A 18  ? 0.1694 0.1921 0.1987 -0.0143 0.0013  0.0078  353 VAL B O   
141 C CB  . VAL A 18  ? 0.1717 0.1841 0.1926 -0.0134 0.0013  0.0038  353 VAL B CB  
142 C CG1 . VAL A 18  ? 0.1824 0.1942 0.2013 -0.0146 -0.0002 0.0010  353 VAL B CG1 
143 C CG2 . VAL A 18  ? 0.1714 0.1796 0.1893 -0.0125 0.0019  0.0029  353 VAL B CG2 
144 N N   . ASP A 19  ? 0.1702 0.1958 0.1925 -0.0110 -0.0006 0.0062  354 ASP B N   
145 C CA  . ASP A 19  ? 0.1809 0.2110 0.2079 -0.0122 -0.0010 0.0069  354 ASP B CA  
146 C C   . ASP A 19  ? 0.1462 0.1741 0.1739 -0.0144 -0.0026 0.0044  354 ASP B C   
147 O O   . ASP A 19  ? 0.1488 0.1725 0.1722 -0.0146 -0.0036 0.0021  354 ASP B O   
148 C CB  . ASP A 19  ? 0.1544 0.1898 0.1808 -0.0100 -0.0014 0.0076  354 ASP B CB  
149 C CG  . ASP A 19  ? 0.1773 0.2123 0.2007 -0.0090 -0.0036 0.0053  354 ASP B CG  
150 O OD1 . ASP A 19  ? 0.1714 0.2060 0.1958 -0.0107 -0.0053 0.0039  354 ASP B OD1 
151 O OD2 . ASP A 19  ? 0.1737 0.2093 0.1939 -0.0065 -0.0038 0.0051  354 ASP B OD2 
152 N N   . GLN A 20  ? 0.1879 0.2191 0.2214 -0.0163 -0.0029 0.0048  355 GLN B N   
153 C CA  . GLN A 20  ? 0.1674 0.1970 0.2029 -0.0189 -0.0042 0.0021  355 GLN B CA  
154 C C   . GLN A 20  ? 0.1826 0.2116 0.2129 -0.0185 -0.0068 -0.0006 355 GLN B C   
155 O O   . GLN A 20  ? 0.1607 0.1877 0.1907 -0.0206 -0.0080 -0.0034 355 GLN B O   
156 C CB  . GLN A 20  ? 0.1865 0.2201 0.2299 -0.0210 -0.0041 0.0030  355 GLN B CB  
157 C CG  . GLN A 20  ? 0.1942 0.2342 0.2392 -0.0197 -0.0048 0.0042  355 GLN B CG  
158 C CD  . GLN A 20  ? 0.2681 0.3124 0.3217 -0.0219 -0.0042 0.0053  355 GLN B CD  
159 O OE1 . GLN A 20  ? 0.2123 0.2544 0.2708 -0.0245 -0.0033 0.0051  355 GLN B OE1 
160 N NE2 . GLN A 20  ? 0.2299 0.2803 0.2864 -0.0209 -0.0046 0.0064  355 GLN B NE2 
161 N N   . ARG A 21  ? 0.1326 0.1638 0.1596 -0.0159 -0.0078 0.0001  356 ARG B N   
162 C CA  . ARG A 21  ? 0.1402 0.1709 0.1625 -0.0152 -0.0103 -0.0017 356 ARG B CA  
163 C C   . ARG A 21  ? 0.1675 0.1921 0.1835 -0.0155 -0.0103 -0.0034 356 ARG B C   
164 O O   . ARG A 21  ? 0.1881 0.2119 0.1998 -0.0156 -0.0124 -0.0049 356 ARG B O   
165 C CB  . ARG A 21  ? 0.1684 0.2023 0.1894 -0.0121 -0.0111 -0.0003 356 ARG B CB  
166 C CG  . ARG A 21  ? 0.1634 0.2039 0.1906 -0.0118 -0.0115 0.0010  356 ARG B CG  
167 C CD  . ARG A 21  ? 0.1609 0.2044 0.1872 -0.0085 -0.0117 0.0020  356 ARG B CD  
168 N NE  . ARG A 21  ? 0.1380 0.1798 0.1621 -0.0067 -0.0093 0.0030  356 ARG B NE  
169 C CZ  . ARG A 21  ? 0.1671 0.2109 0.1904 -0.0039 -0.0090 0.0035  356 ARG B CZ  
170 N NH1 . ARG A 21  ? 0.1495 0.1967 0.1745 -0.0024 -0.0107 0.0033  356 ARG B NH1 
171 N NH2 . ARG A 21  ? 0.1574 0.2001 0.1786 -0.0026 -0.0068 0.0039  356 ARG B NH2 
172 N N   . ALA A 22  ? 0.1606 0.1814 0.1759 -0.0156 -0.0080 -0.0031 357 ALA B N   
173 C CA  . ALA A 22  ? 0.1531 0.1684 0.1630 -0.0159 -0.0075 -0.0049 357 ALA B CA  
174 C C   . ALA A 22  ? 0.1795 0.1930 0.1887 -0.0187 -0.0084 -0.0078 357 ALA B C   
175 O O   . ALA A 22  ? 0.1881 0.1986 0.1914 -0.0190 -0.0090 -0.0096 357 ALA B O   
176 C CB  . ALA A 22  ? 0.1727 0.1848 0.1835 -0.0156 -0.0049 -0.0040 357 ALA B CB  
177 N N   . THR A 23  ? 0.1572 0.1728 0.1724 -0.0210 -0.0085 -0.0086 358 THR B N   
178 C CA  . THR A 23  ? 0.1565 0.1705 0.1714 -0.0238 -0.0093 -0.0122 358 THR B CA  
179 C C   . THR A 23  ? 0.1863 0.2028 0.1968 -0.0239 -0.0124 -0.0135 358 THR B C   
180 O O   . THR A 23  ? 0.2051 0.2192 0.2106 -0.0252 -0.0131 -0.0163 358 THR B O   
181 C CB  . THR A 23  ? 0.1781 0.1939 0.2017 -0.0262 -0.0086 -0.0126 358 THR B CB  
182 O OG1 . THR A 23  ? 0.1479 0.1614 0.1756 -0.0260 -0.0059 -0.0106 358 THR B OG1 
183 C CG2 . THR A 23  ? 0.1597 0.1737 0.1836 -0.0294 -0.0093 -0.0172 358 THR B CG2 
184 N N   . ALA A 24  ? 0.1533 0.1745 0.1653 -0.0224 -0.0143 -0.0116 359 ALA B N   
185 C CA  . ALA A 24  ? 0.2143 0.2381 0.2223 -0.0221 -0.0177 -0.0124 359 ALA B CA  
186 C C   . ALA A 24  ? 0.2437 0.2638 0.2430 -0.0206 -0.0178 -0.0122 359 ALA B C   
187 O O   . ALA A 24  ? 0.2501 0.2700 0.2442 -0.0215 -0.0198 -0.0138 359 ALA B O   
188 C CB  . ALA A 24  ? 0.1971 0.2266 0.2089 -0.0202 -0.0193 -0.0100 359 ALA B CB  
189 N N   . ILE A 25  ? 0.2163 0.2334 0.2140 -0.0185 -0.0158 -0.0102 360 ILE B N   
190 C CA  . ILE A 25  ? 0.1844 0.1983 0.1750 -0.0168 -0.0158 -0.0095 360 ILE B CA  
191 C C   . ILE A 25  ? 0.2135 0.2221 0.1999 -0.0183 -0.0137 -0.0115 360 ILE B C   
192 O O   . ILE A 25  ? 0.2184 0.2248 0.1982 -0.0183 -0.0142 -0.0120 360 ILE B O   
193 C CB  . ILE A 25  ? 0.1863 0.2001 0.1780 -0.0137 -0.0146 -0.0068 360 ILE B CB  
194 C CG1 . ILE A 25  ? 0.1859 0.2052 0.1814 -0.0119 -0.0166 -0.0050 360 ILE B CG1 
195 C CG2 . ILE A 25  ? 0.1703 0.1797 0.1557 -0.0122 -0.0140 -0.0061 360 ILE B CG2 
196 C CD1 . ILE A 25  ? 0.1696 0.1896 0.1676 -0.0093 -0.0150 -0.0030 360 ILE B CD1 
197 N N   . LEU A 26  ? 0.1851 0.1917 0.1753 -0.0195 -0.0112 -0.0126 361 LEU B N   
198 C CA  . LEU A 26  ? 0.2217 0.2231 0.2092 -0.0205 -0.0087 -0.0144 361 LEU B CA  
199 C C   . LEU A 26  ? 0.2220 0.2224 0.2117 -0.0237 -0.0080 -0.0178 361 LEU B C   
200 O O   . LEU A 26  ? 0.2146 0.2111 0.2018 -0.0247 -0.0060 -0.0201 361 LEU B O   
201 C CB  . LEU A 26  ? 0.1987 0.1981 0.1892 -0.0190 -0.0062 -0.0126 361 LEU B CB  
202 C CG  . LEU A 26  ? 0.1666 0.1668 0.1556 -0.0159 -0.0066 -0.0097 361 LEU B CG  
203 C CD1 . LEU A 26  ? 0.1578 0.1574 0.1507 -0.0146 -0.0046 -0.0082 361 LEU B CD1 
204 C CD2 . LEU A 26  ? 0.1921 0.1893 0.1743 -0.0150 -0.0067 -0.0098 361 LEU B CD2 
205 N N   . ALA A 27  ? 0.1995 0.2034 0.1942 -0.0253 -0.0094 -0.0189 362 ALA B N   
206 C CA  . ALA A 27  ? 0.2082 0.2116 0.2068 -0.0284 -0.0088 -0.0225 362 ALA B CA  
207 C C   . ALA A 27  ? 0.2346 0.2343 0.2387 -0.0289 -0.0056 -0.0227 362 ALA B C   
208 O O   . ALA A 27  ? 0.3030 0.3010 0.3103 -0.0313 -0.0045 -0.0260 362 ALA B O   
209 C CB  . ALA A 27  ? 0.2045 0.2064 0.1966 -0.0303 -0.0094 -0.0264 362 ALA B CB  
210 N N   . TYR A 28  ? 0.1875 0.1863 0.1933 -0.0266 -0.0042 -0.0192 363 TYR B N   
211 C CA  . TYR A 28  ? 0.1910 0.1875 0.2032 -0.0269 -0.0017 -0.0185 363 TYR B CA  
212 C C   . TYR A 28  ? 0.1651 0.1654 0.1847 -0.0268 -0.0020 -0.0159 363 TYR B C   
213 O O   . TYR A 28  ? 0.1847 0.1889 0.2035 -0.0253 -0.0035 -0.0133 363 TYR B O   
214 C CB  . TYR A 28  ? 0.1685 0.1624 0.1786 -0.0246 0.0001  -0.0164 363 TYR B CB  
215 C CG  . TYR A 28  ? 0.1791 0.1691 0.1828 -0.0245 0.0010  -0.0184 363 TYR B CG  
216 C CD1 . TYR A 28  ? 0.2126 0.1989 0.2174 -0.0262 0.0031  -0.0215 363 TYR B CD1 
217 C CD2 . TYR A 28  ? 0.1936 0.1839 0.1906 -0.0226 0.0001  -0.0172 363 TYR B CD2 
218 C CE1 . TYR A 28  ? 0.2052 0.1883 0.2041 -0.0261 0.0044  -0.0233 363 TYR B CE1 
219 C CE2 . TYR A 28  ? 0.1985 0.1853 0.1898 -0.0225 0.0013  -0.0187 363 TYR B CE2 
220 C CZ  . TYR A 28  ? 0.1786 0.1619 0.1708 -0.0244 0.0035  -0.0217 363 TYR B CZ  
221 O OH  . TYR A 28  ? 0.2279 0.2082 0.2146 -0.0245 0.0050  -0.0232 363 TYR B OH  
222 N N   . LEU A 29  ? 0.1966 0.1955 0.2234 -0.0286 -0.0006 -0.0162 364 LEU B N   
223 C CA  . LEU A 29  ? 0.1908 0.1926 0.2249 -0.0282 -0.0001 -0.0126 364 LEU B CA  
224 C C   . LEU A 29  ? 0.1546 0.1562 0.1871 -0.0254 0.0010  -0.0087 364 LEU B C   
225 O O   . LEU A 29  ? 0.1621 0.1601 0.1909 -0.0245 0.0020  -0.0092 364 LEU B O   
226 C CB  . LEU A 29  ? 0.1768 0.1766 0.2196 -0.0307 0.0014  -0.0136 364 LEU B CB  
227 C CG  . LEU A 29  ? 0.1968 0.1973 0.2429 -0.0338 0.0004  -0.0178 364 LEU B CG  
228 C CD1 . LEU A 29  ? 0.2078 0.2059 0.2640 -0.0360 0.0023  -0.0184 364 LEU B CD1 
229 C CD2 . LEU A 29  ? 0.1692 0.1754 0.2156 -0.0339 -0.0019 -0.0169 364 LEU B CD2 
230 N N   . PRO A 30  ? 0.1411 0.1466 0.1761 -0.0242 0.0009  -0.0048 365 PRO B N   
231 C CA  . PRO A 30  ? 0.1277 0.1337 0.1610 -0.0216 0.0018  -0.0015 365 PRO B CA  
232 C C   . PRO A 30  ? 0.1554 0.1574 0.1916 -0.0216 0.0037  -0.0008 365 PRO B C   
233 O O   . PRO A 30  ? 0.1506 0.1512 0.1832 -0.0198 0.0041  -0.0001 365 PRO B O   
234 C CB  . PRO A 30  ? 0.1452 0.1566 0.1823 -0.0210 0.0019  0.0021  365 PRO B CB  
235 C CG  . PRO A 30  ? 0.1339 0.1481 0.1724 -0.0226 0.0002  0.0003  365 PRO B CG  
236 C CD  . PRO A 30  ? 0.1455 0.1559 0.1851 -0.0251 -0.0001 -0.0037 365 PRO B CD  
237 N N   . GLN A 31  ? 0.1375 0.1376 0.1805 -0.0239 0.0047  -0.0012 366 GLN B N   
238 C CA  . GLN A 31  ? 0.1726 0.1690 0.2200 -0.0239 0.0064  -0.0004 366 GLN B CA  
239 C C   . GLN A 31  ? 0.1764 0.1682 0.2199 -0.0237 0.0070  -0.0039 366 GLN B C   
240 O O   . GLN A 31  ? 0.1899 0.1792 0.2351 -0.0228 0.0082  -0.0029 366 GLN B O   
241 C CB  . GLN A 31  ? 0.1620 0.1572 0.2185 -0.0264 0.0074  -0.0004 366 GLN B CB  
242 C CG  . GLN A 31  ? 0.1599 0.1593 0.2219 -0.0267 0.0075  0.0040  366 GLN B CG  
243 C CD  . GLN A 31  ? 0.1674 0.1706 0.2291 -0.0280 0.0062  0.0025  366 GLN B CD  
244 O OE1 . GLN A 31  ? 0.1706 0.1735 0.2275 -0.0285 0.0048  -0.0016 366 GLN B OE1 
245 N NE2 . GLN A 31  ? 0.2103 0.2174 0.2773 -0.0284 0.0066  0.0062  366 GLN B NE2 
246 N N   . GLU A 32  ? 0.1560 0.1468 0.1944 -0.0247 0.0062  -0.0080 367 GLU B N   
247 C CA  . GLU A 32  ? 0.1652 0.1521 0.1994 -0.0247 0.0070  -0.0113 367 GLU B CA  
248 C C   . GLU A 32  ? 0.1705 0.1578 0.1987 -0.0220 0.0068  -0.0096 367 GLU B C   
249 O O   . GLU A 32  ? 0.1823 0.1664 0.2096 -0.0214 0.0080  -0.0106 367 GLU B O   
250 C CB  . GLU A 32  ? 0.2086 0.1949 0.2384 -0.0265 0.0062  -0.0158 367 GLU B CB  
251 C CG  . GLU A 32  ? 0.2460 0.2331 0.2817 -0.0293 0.0059  -0.0179 367 GLU B CG  
252 C CD  . GLU A 32  ? 0.2634 0.2502 0.2943 -0.0312 0.0050  -0.0229 367 GLU B CD  
253 O OE1 . GLU A 32  ? 0.3410 0.3242 0.3694 -0.0320 0.0064  -0.0264 367 GLU B OE1 
254 O OE2 . GLU A 32  ? 0.2281 0.2184 0.2574 -0.0320 0.0029  -0.0233 367 GLU B OE2 
255 N N   . LEU A 33  ? 0.1498 0.1409 0.1746 -0.0205 0.0053  -0.0073 368 LEU B N   
256 C CA  . LEU A 33  ? 0.1400 0.1314 0.1597 -0.0180 0.0051  -0.0061 368 LEU B CA  
257 C C   . LEU A 33  ? 0.1224 0.1149 0.1456 -0.0164 0.0058  -0.0026 368 LEU B C   
258 O O   . LEU A 33  ? 0.1216 0.1125 0.1432 -0.0151 0.0064  -0.0026 368 LEU B O   
259 C CB  . LEU A 33  ? 0.1481 0.1429 0.1632 -0.0168 0.0033  -0.0054 368 LEU B CB  
260 C CG  . LEU A 33  ? 0.1769 0.1712 0.1877 -0.0181 0.0022  -0.0083 368 LEU B CG  
261 C CD1 . LEU A 33  ? 0.1343 0.1328 0.1428 -0.0170 0.0002  -0.0069 368 LEU B CD1 
262 C CD2 . LEU A 33  ? 0.1827 0.1730 0.1880 -0.0178 0.0028  -0.0103 368 LEU B CD2 
263 N N   . LEU A 34  ? 0.1463 0.1421 0.1741 -0.0164 0.0057  0.0005  369 LEU B N   
264 C CA  . LEU A 34  ? 0.1208 0.1183 0.1515 -0.0150 0.0062  0.0042  369 LEU B CA  
265 C C   . LEU A 34  ? 0.1306 0.1242 0.1646 -0.0151 0.0073  0.0038  369 LEU B C   
266 O O   . LEU A 34  ? 0.1507 0.1409 0.1888 -0.0170 0.0082  0.0020  369 LEU B O   
267 C CB  . LEU A 34  ? 0.1403 0.1410 0.1766 -0.0159 0.0064  0.0075  369 LEU B CB  
268 C CG  . LEU A 34  ? 0.1331 0.1389 0.1677 -0.0155 0.0054  0.0087  369 LEU B CG  
269 C CD1 . LEU A 34  ? 0.1371 0.1451 0.1786 -0.0173 0.0060  0.0111  369 LEU B CD1 
270 C CD2 . LEU A 34  ? 0.1281 0.1376 0.1589 -0.0130 0.0052  0.0110  369 LEU B CD2 
271 N N   . GLY A 35  ? 0.1209 0.1150 0.1533 -0.0131 0.0071  0.0053  370 GLY B N   
272 C CA  . GLY A 35  ? 0.1360 0.1271 0.1720 -0.0129 0.0081  0.0050  370 GLY B CA  
273 C C   . GLY A 35  ? 0.1724 0.1592 0.2054 -0.0132 0.0088  0.0010  370 GLY B C   
274 O O   . GLY A 35  ? 0.1860 0.1703 0.2226 -0.0130 0.0097  0.0004  370 GLY B O   
275 N N   . THR A 36  ? 0.1699 0.1562 0.1973 -0.0137 0.0084  -0.0018 371 THR B N   
276 C CA  . THR A 36  ? 0.1451 0.1281 0.1685 -0.0138 0.0092  -0.0052 371 THR B CA  
277 C C   . THR A 36  ? 0.1522 0.1370 0.1696 -0.0119 0.0081  -0.0049 371 THR B C   
278 O O   . THR A 36  ? 0.1492 0.1378 0.1649 -0.0110 0.0068  -0.0030 371 THR B O   
279 C CB  . THR A 36  ? 0.1357 0.1163 0.1569 -0.0160 0.0097  -0.0086 371 THR B CB  
280 O OG1 . THR A 36  ? 0.1421 0.1253 0.1586 -0.0159 0.0081  -0.0084 371 THR B OG1 
281 C CG2 . THR A 36  ? 0.1794 0.1590 0.2073 -0.0179 0.0105  -0.0092 371 THR B CG2 
282 N N   . SER A 37  ? 0.1299 0.1122 0.1448 -0.0116 0.0089  -0.0070 372 SER B N   
283 C CA  . SER A 37  ? 0.1557 0.1391 0.1661 -0.0098 0.0081  -0.0070 372 SER B CA  
284 C C   . SER A 37  ? 0.1444 0.1266 0.1491 -0.0104 0.0078  -0.0084 372 SER B C   
285 O O   . SER A 37  ? 0.1402 0.1197 0.1435 -0.0120 0.0087  -0.0105 372 SER B O   
286 C CB  . SER A 37  ? 0.1738 0.1550 0.1852 -0.0091 0.0092  -0.0081 372 SER B CB  
287 O OG  . SER A 37  ? 0.1540 0.1352 0.1612 -0.0079 0.0087  -0.0088 372 SER B OG  
288 N N   . CYS A 38  ? 0.1437 0.1287 0.1455 -0.0088 0.0064  -0.0073 373 CYS B N   
289 C CA  . CYS A 38  ? 0.1287 0.1129 0.1256 -0.0090 0.0059  -0.0082 373 CYS B CA  
290 C C   . CYS A 38  ? 0.1270 0.1067 0.1210 -0.0095 0.0072  -0.0101 373 CYS B C   
291 O O   . CYS A 38  ? 0.1589 0.1371 0.1490 -0.0104 0.0073  -0.0110 373 CYS B O   
292 C CB  . CYS A 38  ? 0.1234 0.1106 0.1185 -0.0069 0.0044  -0.0069 373 CYS B CB  
293 S SG  . CYS A 38  ? 0.1678 0.1563 0.1642 -0.0046 0.0045  -0.0067 373 CYS B SG  
294 N N   . TYR A 39  ? 0.1304 0.1089 0.1266 -0.0089 0.0084  -0.0106 374 TYR B N   
295 C CA  . TYR A 39  ? 0.1563 0.1307 0.1503 -0.0095 0.0100  -0.0124 374 TYR B CA  
296 C C   . TYR A 39  ? 0.1476 0.1192 0.1410 -0.0118 0.0117  -0.0142 374 TYR B C   
297 O O   . TYR A 39  ? 0.1477 0.1164 0.1374 -0.0126 0.0130  -0.0155 374 TYR B O   
298 C CB  . TYR A 39  ? 0.1543 0.1282 0.1516 -0.0085 0.0108  -0.0128 374 TYR B CB  
299 C CG  . TYR A 39  ? 0.1305 0.1070 0.1275 -0.0064 0.0093  -0.0118 374 TYR B CG  
300 C CD1 . TYR A 39  ? 0.1556 0.1309 0.1494 -0.0056 0.0093  -0.0121 374 TYR B CD1 
301 C CD2 . TYR A 39  ? 0.1492 0.1297 0.1492 -0.0051 0.0080  -0.0106 374 TYR B CD2 
302 C CE1 . TYR A 39  ? 0.1637 0.1413 0.1579 -0.0036 0.0079  -0.0117 374 TYR B CE1 
303 C CE2 . TYR A 39  ? 0.1708 0.1541 0.1703 -0.0032 0.0068  -0.0102 374 TYR B CE2 
304 C CZ  . TYR A 39  ? 0.1745 0.1564 0.1714 -0.0024 0.0068  -0.0110 374 TYR B CZ  
305 O OH  . TYR A 39  ? 0.1739 0.1587 0.1711 -0.0005 0.0057  -0.0112 374 TYR B OH  
306 N N   . GLU A 40  ? 0.1277 0.1001 0.1244 -0.0128 0.0117  -0.0144 375 GLU B N   
307 C CA  . GLU A 40  ? 0.1817 0.1515 0.1779 -0.0151 0.0133  -0.0169 375 GLU B CA  
308 C C   . GLU A 40  ? 0.1726 0.1426 0.1628 -0.0162 0.0125  -0.0176 375 GLU B C   
309 O O   . GLU A 40  ? 0.1748 0.1427 0.1626 -0.0181 0.0139  -0.0199 375 GLU B O   
310 C CB  . GLU A 40  ? 0.1855 0.1562 0.1877 -0.0160 0.0134  -0.0170 375 GLU B CB  
311 C CG  . GLU A 40  ? 0.1840 0.1551 0.1926 -0.0148 0.0139  -0.0159 375 GLU B CG  
312 C CD  . GLU A 40  ? 0.2400 0.2120 0.2547 -0.0156 0.0136  -0.0151 375 GLU B CD  
313 O OE1 . GLU A 40  ? 0.1812 0.1557 0.1996 -0.0143 0.0125  -0.0122 375 GLU B OE1 
314 O OE2 . GLU A 40  ? 0.2315 0.2018 0.2471 -0.0175 0.0147  -0.0173 375 GLU B OE2 
315 N N   . TYR A 41  ? 0.1455 0.1183 0.1333 -0.0151 0.0102  -0.0156 376 TYR B N   
316 C CA  . TYR A 41  ? 0.1509 0.1244 0.1336 -0.0160 0.0089  -0.0158 376 TYR B CA  
317 C C   . TYR A 41  ? 0.1593 0.1319 0.1365 -0.0148 0.0084  -0.0146 376 TYR B C   
318 O O   . TYR A 41  ? 0.2052 0.1777 0.1772 -0.0157 0.0076  -0.0147 376 TYR B O   
319 C CB  . TYR A 41  ? 0.1677 0.1451 0.1522 -0.0157 0.0065  -0.0144 376 TYR B CB  
320 C CG  . TYR A 41  ? 0.1851 0.1637 0.1759 -0.0167 0.0069  -0.0148 376 TYR B CG  
321 C CD1 . TYR A 41  ? 0.1812 0.1607 0.1770 -0.0154 0.0072  -0.0130 376 TYR B CD1 
322 C CD2 . TYR A 41  ? 0.2099 0.1884 0.2016 -0.0189 0.0069  -0.0169 376 TYR B CD2 
323 C CE1 . TYR A 41  ? 0.1637 0.1441 0.1656 -0.0162 0.0076  -0.0127 376 TYR B CE1 
324 C CE2 . TYR A 41  ? 0.1973 0.1763 0.1956 -0.0199 0.0074  -0.0171 376 TYR B CE2 
325 C CZ  . TYR A 41  ? 0.1767 0.1565 0.1801 -0.0184 0.0078  -0.0147 376 TYR B CZ  
326 O OH  . TYR A 41  ? 0.1626 0.1427 0.1729 -0.0193 0.0083  -0.0142 376 TYR B OH  
327 N N   . PHE A 42  ? 0.1690 0.1409 0.1472 -0.0130 0.0088  -0.0134 377 PHE B N   
328 C CA  . PHE A 42  ? 0.1582 0.1289 0.1325 -0.0119 0.0085  -0.0121 377 PHE B CA  
329 C C   . PHE A 42  ? 0.1877 0.1548 0.1577 -0.0135 0.0107  -0.0133 377 PHE B C   
330 O O   . PHE A 42  ? 0.1828 0.1478 0.1544 -0.0147 0.0130  -0.0152 377 PHE B O   
331 C CB  . PHE A 42  ? 0.1388 0.1094 0.1162 -0.0098 0.0087  -0.0112 377 PHE B CB  
332 C CG  . PHE A 42  ? 0.1435 0.1181 0.1241 -0.0081 0.0067  -0.0101 377 PHE B CG  
333 C CD1 . PHE A 42  ? 0.1328 0.1104 0.1126 -0.0080 0.0047  -0.0091 377 PHE B CD1 
334 C CD2 . PHE A 42  ? 0.1370 0.1127 0.1215 -0.0066 0.0069  -0.0101 377 PHE B CD2 
335 C CE1 . PHE A 42  ? 0.1287 0.1105 0.1117 -0.0064 0.0033  -0.0080 377 PHE B CE1 
336 C CE2 . PHE A 42  ? 0.1403 0.1200 0.1270 -0.0050 0.0054  -0.0090 377 PHE B CE2 
337 C CZ  . PHE A 42  ? 0.1345 0.1173 0.1207 -0.0050 0.0038  -0.0079 377 PHE B CZ  
338 N N   . HIS A 43  ? 0.1974 0.1637 0.1619 -0.0133 0.0099  -0.0119 378 HIS B N   
339 C CA  . HIS A 43  ? 0.2027 0.1655 0.1625 -0.0147 0.0122  -0.0123 378 HIS B CA  
340 C C   . HIS A 43  ? 0.2070 0.1672 0.1703 -0.0140 0.0146  -0.0126 378 HIS B C   
341 O O   . HIS A 43  ? 0.1785 0.1391 0.1453 -0.0121 0.0137  -0.0115 378 HIS B O   
342 C CB  . HIS A 43  ? 0.2108 0.1734 0.1647 -0.0141 0.0107  -0.0097 378 HIS B CB  
343 C CG  . HIS A 43  ? 0.2444 0.2042 0.1924 -0.0158 0.0129  -0.0098 378 HIS B CG  
344 N ND1 . HIS A 43  ? 0.2377 0.1942 0.1861 -0.0156 0.0157  -0.0092 378 HIS B ND1 
345 C CD2 . HIS A 43  ? 0.2703 0.2305 0.2118 -0.0176 0.0130  -0.0102 378 HIS B CD2 
346 C CE1 . HIS A 43  ? 0.2570 0.2116 0.1992 -0.0174 0.0176  -0.0090 378 HIS B CE1 
347 N NE2 . HIS A 43  ? 0.2793 0.2365 0.2169 -0.0186 0.0159  -0.0097 378 HIS B NE2 
348 N N   . GLN A 44  ? 0.2253 0.1828 0.1879 -0.0157 0.0177  -0.0144 379 GLN B N   
349 C CA  . GLN A 44  ? 0.2097 0.1650 0.1767 -0.0152 0.0199  -0.0150 379 GLN B CA  
350 C C   . GLN A 44  ? 0.2048 0.1584 0.1708 -0.0138 0.0198  -0.0127 379 GLN B C   
351 O O   . GLN A 44  ? 0.2234 0.1763 0.1944 -0.0128 0.0204  -0.0131 379 GLN B O   
352 C CB  . GLN A 44  ? 0.2422 0.1953 0.2087 -0.0174 0.0236  -0.0174 379 GLN B CB  
353 C CG  . GLN A 44  ? 0.2254 0.1797 0.1962 -0.0183 0.0239  -0.0201 379 GLN B CG  
354 C CD  . GLN A 44  ? 0.2774 0.2297 0.2489 -0.0203 0.0276  -0.0230 379 GLN B CD  
355 O OE1 . GLN A 44  ? 0.3176 0.2675 0.2857 -0.0211 0.0302  -0.0229 379 GLN B OE1 
356 N NE2 . GLN A 44  ? 0.2590 0.2120 0.2349 -0.0211 0.0282  -0.0255 379 GLN B NE2 
357 N N   . ASP A 45  ? 0.1966 0.1499 0.1572 -0.0137 0.0188  -0.0104 380 ASP B N   
358 C CA  . ASP A 45  ? 0.2199 0.1713 0.1805 -0.0122 0.0186  -0.0080 380 ASP B CA  
359 C C   . ASP A 45  ? 0.2207 0.1741 0.1861 -0.0097 0.0161  -0.0074 380 ASP B C   
360 O O   . ASP A 45  ? 0.2161 0.1680 0.1841 -0.0084 0.0162  -0.0066 380 ASP B O   
361 C CB  . ASP A 45  ? 0.2355 0.1861 0.1893 -0.0124 0.0176  -0.0049 380 ASP B CB  
362 C CG  . ASP A 45  ? 0.2799 0.2280 0.2282 -0.0146 0.0207  -0.0048 380 ASP B CG  
363 O OD1 . ASP A 45  ? 0.2833 0.2299 0.2334 -0.0161 0.0238  -0.0073 380 ASP B OD1 
364 O OD2 . ASP A 45  ? 0.2479 0.1955 0.1902 -0.0148 0.0201  -0.0019 380 ASP B OD2 
365 N N   . ASP A 46  ? 0.1932 0.1503 0.1600 -0.0091 0.0137  -0.0080 381 ASP B N   
366 C CA  . ASP A 46  ? 0.1822 0.1422 0.1526 -0.0069 0.0113  -0.0075 381 ASP B CA  
367 C C   . ASP A 46  ? 0.1647 0.1264 0.1408 -0.0063 0.0115  -0.0094 381 ASP B C   
368 O O   . ASP A 46  ? 0.1721 0.1363 0.1511 -0.0043 0.0100  -0.0093 381 ASP B O   
369 C CB  . ASP A 46  ? 0.1839 0.1473 0.1522 -0.0066 0.0087  -0.0065 381 ASP B CB  
370 C CG  . ASP A 46  ? 0.2079 0.1705 0.1710 -0.0065 0.0075  -0.0040 381 ASP B CG  
371 O OD1 . ASP A 46  ? 0.2144 0.1753 0.1777 -0.0051 0.0072  -0.0022 381 ASP B OD1 
372 O OD2 . ASP A 46  ? 0.2247 0.1886 0.1837 -0.0080 0.0066  -0.0039 381 ASP B OD2 
373 N N   . ILE A 47  ? 0.1400 0.1009 0.1178 -0.0077 0.0134  -0.0112 382 ILE B N   
374 C CA  . ILE A 47  ? 0.1735 0.1364 0.1568 -0.0071 0.0133  -0.0127 382 ILE B CA  
375 C C   . ILE A 47  ? 0.1698 0.1329 0.1565 -0.0053 0.0130  -0.0130 382 ILE B C   
376 O O   . ILE A 47  ? 0.1760 0.1425 0.1658 -0.0039 0.0115  -0.0134 382 ILE B O   
377 C CB  . ILE A 47  ? 0.1760 0.1371 0.1611 -0.0089 0.0158  -0.0144 382 ILE B CB  
378 C CG1 . ILE A 47  ? 0.2183 0.1793 0.2006 -0.0106 0.0161  -0.0148 382 ILE B CG1 
379 C CG2 . ILE A 47  ? 0.1766 0.1399 0.1677 -0.0080 0.0154  -0.0155 382 ILE B CG2 
380 C CD1 . ILE A 47  ? 0.2243 0.1889 0.2092 -0.0103 0.0143  -0.0146 382 ILE B CD1 
381 N N   . GLY A 48  ? 0.1776 0.1373 0.1642 -0.0055 0.0145  -0.0131 383 GLY B N   
382 C CA  . GLY A 48  ? 0.1975 0.1571 0.1884 -0.0042 0.0145  -0.0142 383 GLY B CA  
383 C C   . GLY A 48  ? 0.1980 0.1603 0.1896 -0.0020 0.0122  -0.0137 383 GLY B C   
384 O O   . GLY A 48  ? 0.2004 0.1656 0.1955 -0.0007 0.0111  -0.0151 383 GLY B O   
385 N N   . HIS A 49  ? 0.1422 0.1033 0.1305 -0.0015 0.0115  -0.0116 384 HIS B N   
386 C CA  . HIS A 49  ? 0.1561 0.1196 0.1459 0.0007  0.0096  -0.0115 384 HIS B CA  
387 C C   . HIS A 49  ? 0.1703 0.1388 0.1601 0.0015  0.0077  -0.0115 384 HIS B C   
388 O O   . HIS A 49  ? 0.1554 0.1271 0.1477 0.0033  0.0065  -0.0124 384 HIS B O   
389 C CB  . HIS A 49  ? 0.1734 0.1343 0.1605 0.0013  0.0092  -0.0090 384 HIS B CB  
390 C CG  . HIS A 49  ? 0.1924 0.1542 0.1746 0.0005  0.0082  -0.0068 384 HIS B CG  
391 N ND1 . HIS A 49  ? 0.1801 0.1458 0.1619 0.0016  0.0058  -0.0061 384 HIS B ND1 
392 C CD2 . HIS A 49  ? 0.1971 0.1567 0.1746 -0.0014 0.0090  -0.0055 384 HIS B CD2 
393 C CE1 . HIS A 49  ? 0.1991 0.1648 0.1764 0.0005  0.0052  -0.0044 384 HIS B CE1 
394 N NE2 . HIS A 49  ? 0.2179 0.1800 0.1922 -0.0014 0.0070  -0.0041 384 HIS B NE2 
395 N N   . LEU A 50  ? 0.1386 0.1083 0.1260 0.0001  0.0075  -0.0107 385 LEU B N   
396 C CA  . LEU A 50  ? 0.1400 0.1144 0.1280 0.0006  0.0060  -0.0106 385 LEU B CA  
397 C C   . LEU A 50  ? 0.1366 0.1138 0.1283 0.0011  0.0062  -0.0121 385 LEU B C   
398 O O   . LEU A 50  ? 0.1615 0.1428 0.1545 0.0024  0.0049  -0.0123 385 LEU B O   
399 C CB  . LEU A 50  ? 0.1340 0.1088 0.1193 -0.0010 0.0059  -0.0096 385 LEU B CB  
400 C CG  . LEU A 50  ? 0.1343 0.1082 0.1157 -0.0012 0.0049  -0.0078 385 LEU B CG  
401 C CD1 . LEU A 50  ? 0.1739 0.1481 0.1527 -0.0033 0.0047  -0.0075 385 LEU B CD1 
402 C CD2 . LEU A 50  ? 0.1655 0.1430 0.1482 0.0008  0.0029  -0.0069 385 LEU B CD2 
403 N N   . ALA A 51  ? 0.1408 0.1155 0.1337 -0.0001 0.0076  -0.0133 386 ALA B N   
404 C CA  . ALA A 51  ? 0.1521 0.1293 0.1487 0.0004  0.0074  -0.0146 386 ALA B CA  
405 C C   . ALA A 51  ? 0.1589 0.1380 0.1579 0.0022  0.0067  -0.0162 386 ALA B C   
406 O O   . ALA A 51  ? 0.1613 0.1446 0.1620 0.0032  0.0057  -0.0169 386 ALA B O   
407 C CB  . ALA A 51  ? 0.1798 0.1539 0.1782 -0.0011 0.0093  -0.0156 386 ALA B CB  
408 N N   . GLU A 52  ? 0.1587 0.1346 0.1577 0.0026  0.0073  -0.0168 387 GLU B N   
409 C CA  . GLU A 52  ? 0.1592 0.1366 0.1610 0.0043  0.0067  -0.0189 387 GLU B CA  
410 C C   . GLU A 52  ? 0.1529 0.1345 0.1539 0.0061  0.0051  -0.0187 387 GLU B C   
411 O O   . GLU A 52  ? 0.1529 0.1383 0.1558 0.0073  0.0043  -0.0207 387 GLU B O   
412 C CB  . GLU A 52  ? 0.1747 0.1472 0.1777 0.0041  0.0079  -0.0194 387 GLU B CB  
413 C CG  . GLU A 52  ? 0.1916 0.1649 0.1985 0.0057  0.0075  -0.0222 387 GLU B CG  
414 C CD  . GLU A 52  ? 0.2812 0.2575 0.2915 0.0057  0.0072  -0.0250 387 GLU B CD  
415 O OE1 . GLU A 52  ? 0.2857 0.2652 0.2983 0.0070  0.0062  -0.0277 387 GLU B OE1 
416 O OE2 . GLU A 52  ? 0.3406 0.3161 0.3511 0.0042  0.0079  -0.0247 387 GLU B OE2 
417 N N   . CYS A 53  ? 0.1464 0.1278 0.1447 0.0061  0.0047  -0.0165 388 CYS B N   
418 C CA  . CYS A 53  ? 0.1495 0.1355 0.1475 0.0077  0.0034  -0.0161 388 CYS B CA  
419 C C   . CYS A 53  ? 0.1631 0.1543 0.1609 0.0076  0.0028  -0.0159 388 CYS B C   
420 O O   . CYS A 53  ? 0.1559 0.1519 0.1545 0.0090  0.0020  -0.0165 388 CYS B O   
421 C CB  . CYS A 53  ? 0.1563 0.1410 0.1519 0.0075  0.0029  -0.0136 388 CYS B CB  
422 S SG  . CYS A 53  ? 0.1770 0.1566 0.1726 0.0081  0.0032  -0.0129 388 CYS B SG  
423 N N   . HIS A 54  ? 0.1306 0.1210 0.1277 0.0059  0.0032  -0.0147 389 HIS B N   
424 C CA  . HIS A 54  ? 0.1535 0.1485 0.1511 0.0058  0.0027  -0.0139 389 HIS B CA  
425 C C   . HIS A 54  ? 0.1628 0.1605 0.1624 0.0068  0.0023  -0.0160 389 HIS B C   
426 O O   . HIS A 54  ? 0.1756 0.1788 0.1751 0.0078  0.0016  -0.0159 389 HIS B O   
427 C CB  . HIS A 54  ? 0.1462 0.1388 0.1435 0.0039  0.0033  -0.0124 389 HIS B CB  
428 C CG  . HIS A 54  ? 0.1667 0.1633 0.1648 0.0036  0.0028  -0.0107 389 HIS B CG  
429 N ND1 . HIS A 54  ? 0.1683 0.1634 0.1674 0.0020  0.0033  -0.0094 389 HIS B ND1 
430 C CD2 . HIS A 54  ? 0.1591 0.1614 0.1578 0.0047  0.0020  -0.0101 389 HIS B CD2 
431 C CE1 . HIS A 54  ? 0.1540 0.1532 0.1543 0.0021  0.0028  -0.0076 389 HIS B CE1 
432 N NE2 . HIS A 54  ? 0.1445 0.1483 0.1442 0.0038  0.0020  -0.0078 389 HIS B NE2 
433 N N   . ARG A 55  ? 0.1446 0.1391 0.1459 0.0064  0.0029  -0.0178 390 ARG B N   
434 C CA  . ARG A 55  ? 0.1647 0.1621 0.1682 0.0073  0.0023  -0.0204 390 ARG B CA  
435 C C   . ARG A 55  ? 0.1651 0.1659 0.1687 0.0092  0.0016  -0.0225 390 ARG B C   
436 O O   . ARG A 55  ? 0.1632 0.1693 0.1670 0.0101  0.0007  -0.0238 390 ARG B O   
437 C CB  . ARG A 55  ? 0.1717 0.1648 0.1779 0.0064  0.0032  -0.0221 390 ARG B CB  
438 C CG  . ARG A 55  ? 0.2430 0.2390 0.2519 0.0072  0.0022  -0.0250 390 ARG B CG  
439 C CD  . ARG A 55  ? 0.2987 0.2909 0.3112 0.0061  0.0032  -0.0266 390 ARG B CD  
440 N NE  . ARG A 55  ? 0.3494 0.3372 0.3632 0.0061  0.0043  -0.0284 390 ARG B NE  
441 C CZ  . ARG A 55  ? 0.3977 0.3869 0.4137 0.0073  0.0038  -0.0316 390 ARG B CZ  
442 N NH1 . ARG A 55  ? 0.4569 0.4520 0.4729 0.0085  0.0021  -0.0335 390 ARG B NH1 
443 N NH2 . ARG A 55  ? 0.3277 0.3122 0.3457 0.0071  0.0050  -0.0328 390 ARG B NH2 
444 N N   . GLN A 56  ? 0.1391 0.1367 0.1428 0.0096  0.0021  -0.0231 391 GLN B N   
445 C CA  . GLN A 56  ? 0.1373 0.1378 0.1421 0.0115  0.0017  -0.0255 391 GLN B CA  
446 C C   . GLN A 56  ? 0.1709 0.1781 0.1739 0.0125  0.0010  -0.0247 391 GLN B C   
447 O O   . GLN A 56  ? 0.1775 0.1895 0.1809 0.0137  0.0006  -0.0273 391 GLN B O   
448 C CB  . GLN A 56  ? 0.1930 0.1891 0.1984 0.0120  0.0023  -0.0250 391 GLN B CB  
449 C CG  . GLN A 56  ? 0.1806 0.1707 0.1884 0.0115  0.0032  -0.0263 391 GLN B CG  
450 C CD  . GLN A 56  ? 0.2210 0.2068 0.2288 0.0118  0.0036  -0.0246 391 GLN B CD  
451 O OE1 . GLN A 56  ? 0.2457 0.2330 0.2515 0.0123  0.0031  -0.0223 391 GLN B OE1 
452 N NE2 . GLN A 56  ? 0.2115 0.1923 0.2219 0.0117  0.0046  -0.0255 391 GLN B NE2 
453 N N   . VAL A 57  ? 0.1494 0.1570 0.1503 0.0119  0.0010  -0.0214 392 VAL B N   
454 C CA  . VAL A 57  ? 0.1694 0.1831 0.1691 0.0127  0.0008  -0.0203 392 VAL B CA  
455 C C   . VAL A 57  ? 0.1791 0.1980 0.1779 0.0126  0.0003  -0.0199 392 VAL B C   
456 O O   . VAL A 57  ? 0.2033 0.2282 0.2010 0.0136  0.0002  -0.0200 392 VAL B O   
457 C CB  . VAL A 57  ? 0.2016 0.2141 0.2001 0.0118  0.0009  -0.0169 392 VAL B CB  
458 C CG1 . VAL A 57  ? 0.2033 0.2156 0.2007 0.0100  0.0008  -0.0141 392 VAL B CG1 
459 C CG2 . VAL A 57  ? 0.1684 0.1859 0.1669 0.0130  0.0008  -0.0166 392 VAL B CG2 
460 N N   . LEU A 58  ? 0.1792 0.1962 0.1783 0.0115  0.0001  -0.0195 393 LEU B N   
461 C CA  . LEU A 58  ? 0.1813 0.2035 0.1799 0.0116  -0.0006 -0.0188 393 LEU B CA  
462 C C   . LEU A 58  ? 0.1835 0.2104 0.1819 0.0130  -0.0013 -0.0225 393 LEU B C   
463 O O   . LEU A 58  ? 0.1501 0.1828 0.1471 0.0135  -0.0021 -0.0219 393 LEU B O   
464 C CB  . LEU A 58  ? 0.1855 0.2045 0.1855 0.0103  -0.0009 -0.0177 393 LEU B CB  
465 C CG  . LEU A 58  ? 0.1564 0.1716 0.1566 0.0086  -0.0003 -0.0143 393 LEU B CG  
466 C CD1 . LEU A 58  ? 0.2249 0.2379 0.2274 0.0077  -0.0004 -0.0139 393 LEU B CD1 
467 C CD2 . LEU A 58  ? 0.1530 0.1723 0.1518 0.0086  -0.0003 -0.0110 393 LEU B CD2 
468 N N   . GLN A 59  ? 0.2002 0.2247 0.2002 0.0139  -0.0011 -0.0263 394 GLN B N   
469 C CA  . GLN A 59  ? 0.1661 0.1946 0.1670 0.0151  -0.0017 -0.0308 394 GLN B CA  
470 C C   . GLN A 59  ? 0.1895 0.2210 0.1902 0.0167  -0.0011 -0.0333 394 GLN B C   
471 O O   . GLN A 59  ? 0.1680 0.2022 0.1700 0.0177  -0.0014 -0.0379 394 GLN B O   
472 C CB  . GLN A 59  ? 0.1840 0.2076 0.1882 0.0147  -0.0018 -0.0340 394 GLN B CB  
473 C CG  . GLN A 59  ? 0.2274 0.2486 0.2326 0.0133  -0.0024 -0.0322 394 GLN B CG  
474 C CD  . GLN A 59  ? 0.2348 0.2626 0.2390 0.0136  -0.0040 -0.0324 394 GLN B CD  
475 O OE1 . GLN A 59  ? 0.3093 0.3425 0.3129 0.0147  -0.0048 -0.0358 394 GLN B OE1 
476 N NE2 . GLN A 59  ? 0.3430 0.3706 0.3471 0.0126  -0.0044 -0.0289 394 GLN B NE2 
477 N N   . THR A 60  ? 0.1734 0.2048 0.1733 0.0169  -0.0003 -0.0307 395 THR B N   
478 C CA  . THR A 60  ? 0.1586 0.1930 0.1591 0.0185  0.0004  -0.0331 395 THR B CA  
479 C C   . THR A 60  ? 0.1628 0.2010 0.1614 0.0185  0.0010  -0.0295 395 THR B C   
480 O O   . THR A 60  ? 0.1752 0.2114 0.1727 0.0171  0.0008  -0.0252 395 THR B O   
481 C CB  . THR A 60  ? 0.1686 0.1966 0.1727 0.0190  0.0008  -0.0346 395 THR B CB  
482 O OG1 . THR A 60  ? 0.1591 0.1900 0.1646 0.0207  0.0016  -0.0366 395 THR B OG1 
483 C CG2 . THR A 60  ? 0.1677 0.1898 0.1715 0.0177  0.0010  -0.0303 395 THR B CG2 
484 N N   . ARG A 61  ? 0.1525 0.1963 0.1510 0.0199  0.0016  -0.0313 396 ARG B N   
485 C CA  . ARG A 61  ? 0.1544 0.2016 0.1519 0.0199  0.0025  -0.0281 396 ARG B CA  
486 C C   . ARG A 61  ? 0.1585 0.2019 0.1591 0.0205  0.0028  -0.0277 396 ARG B C   
487 O O   . ARG A 61  ? 0.1432 0.1890 0.1439 0.0204  0.0033  -0.0249 396 ARG B O   
488 C CB  . ARG A 61  ? 0.2281 0.2840 0.2238 0.0210  0.0034  -0.0297 396 ARG B CB  
489 C CG  . ARG A 61  ? 0.2765 0.3371 0.2685 0.0201  0.0029  -0.0276 396 ARG B CG  
490 C CD  . ARG A 61  ? 0.2894 0.3578 0.2791 0.0214  0.0033  -0.0313 396 ARG B CD  
491 N NE  . ARG A 61  ? 0.2981 0.3722 0.2878 0.0223  0.0051  -0.0316 396 ARG B NE  
492 C CZ  . ARG A 61  ? 0.2616 0.3427 0.2498 0.0237  0.0061  -0.0356 396 ARG B CZ  
493 N NH1 . ARG A 61  ? 0.2398 0.3259 0.2284 0.0245  0.0081  -0.0358 396 ARG B NH1 
494 N NH2 . ARG A 61  ? 0.3175 0.4008 0.3039 0.0241  0.0052  -0.0398 396 ARG B NH2 
495 N N   . GLU A 62  ? 0.1577 0.1954 0.1611 0.0210  0.0025  -0.0298 397 GLU B N   
496 C CA  . GLU A 62  ? 0.1411 0.1749 0.1474 0.0217  0.0025  -0.0291 397 GLU B CA  
497 C C   . GLU A 62  ? 0.1539 0.1829 0.1589 0.0199  0.0018  -0.0245 397 GLU B C   
498 O O   . GLU A 62  ? 0.1680 0.1946 0.1708 0.0183  0.0015  -0.0230 397 GLU B O   
499 C CB  . GLU A 62  ? 0.1656 0.1945 0.1753 0.0228  0.0025  -0.0326 397 GLU B CB  
500 C CG  . GLU A 62  ? 0.1319 0.1647 0.1435 0.0243  0.0031  -0.0380 397 GLU B CG  
501 C CD  . GLU A 62  ? 0.1668 0.2057 0.1803 0.0262  0.0041  -0.0400 397 GLU B CD  
502 O OE1 . GLU A 62  ? 0.1334 0.1722 0.1481 0.0266  0.0041  -0.0371 397 GLU B OE1 
503 O OE2 . GLU A 62  ? 0.1947 0.2386 0.2086 0.0273  0.0048  -0.0445 397 GLU B OE2 
504 N N   . LYS A 63  ? 0.1721 0.2002 0.1787 0.0203  0.0016  -0.0227 398 LYS B N   
505 C CA  . LYS A 63  ? 0.1488 0.1724 0.1541 0.0186  0.0008  -0.0190 398 LYS B CA  
506 C C   . LYS A 63  ? 0.1720 0.1883 0.1778 0.0184  0.0003  -0.0193 398 LYS B C   
507 O O   . LYS A 63  ? 0.1829 0.1972 0.1913 0.0200  0.0005  -0.0217 398 LYS B O   
508 C CB  . LYS A 63  ? 0.1513 0.1773 0.1578 0.0189  0.0003  -0.0167 398 LYS B CB  
509 C CG  . LYS A 63  ? 0.2019 0.2269 0.2121 0.0209  -0.0001 -0.0176 398 LYS B CG  
510 C CD  . LYS A 63  ? 0.1970 0.2263 0.2090 0.0212  -0.0005 -0.0157 398 LYS B CD  
511 C CE  . LYS A 63  ? 0.2024 0.2318 0.2192 0.0237  -0.0010 -0.0169 398 LYS B CE  
512 N NZ  . LYS A 63  ? 0.2551 0.2890 0.2745 0.0242  -0.0015 -0.0153 398 LYS B NZ  
513 N N   . ILE A 64  ? 0.1745 0.1867 0.1779 0.0165  0.0000  -0.0167 399 ILE B N   
514 C CA  . ILE A 64  ? 0.2028 0.2080 0.2057 0.0158  -0.0001 -0.0163 399 ILE B CA  
515 C C   . ILE A 64  ? 0.2186 0.2215 0.2199 0.0147  -0.0010 -0.0130 399 ILE B C   
516 O O   . ILE A 64  ? 0.1939 0.1990 0.1932 0.0133  -0.0012 -0.0112 399 ILE B O   
517 C CB  . ILE A 64  ? 0.1811 0.1837 0.1824 0.0142  0.0005  -0.0169 399 ILE B CB  
518 C CG1 . ILE A 64  ? 0.1996 0.2044 0.2027 0.0152  0.0010  -0.0205 399 ILE B CG1 
519 C CG2 . ILE A 64  ? 0.2327 0.2287 0.2332 0.0130  0.0007  -0.0158 399 ILE B CG2 
520 C CD1 . ILE A 64  ? 0.2432 0.2439 0.2493 0.0161  0.0013  -0.0229 399 ILE B CD1 
521 N N   . THR A 65  ? 0.2016 0.2005 0.2035 0.0154  -0.0015 -0.0121 400 THR B N   
522 C CA  . THR A 65  ? 0.1993 0.1962 0.1988 0.0144  -0.0025 -0.0091 400 THR B CA  
523 C C   . THR A 65  ? 0.2080 0.1985 0.2045 0.0127  -0.0019 -0.0082 400 THR B C   
524 O O   . THR A 65  ? 0.1856 0.1724 0.1836 0.0132  -0.0011 -0.0091 400 THR B O   
525 C CB  . THR A 65  ? 0.2699 0.2671 0.2718 0.0163  -0.0038 -0.0080 400 THR B CB  
526 O OG1 . THR A 65  ? 0.2908 0.2940 0.2961 0.0179  -0.0039 -0.0093 400 THR B OG1 
527 C CG2 . THR A 65  ? 0.2459 0.2422 0.2451 0.0151  -0.0053 -0.0048 400 THR B CG2 
528 N N   . THR A 66  ? 0.1717 0.1614 0.1647 0.0105  -0.0022 -0.0065 401 THR B N   
529 C CA  . THR A 66  ? 0.2016 0.1859 0.1916 0.0088  -0.0012 -0.0058 401 THR B CA  
530 C C   . THR A 66  ? 0.2117 0.1929 0.2002 0.0092  -0.0021 -0.0035 401 THR B C   
531 O O   . THR A 66  ? 0.2291 0.2126 0.2183 0.0104  -0.0039 -0.0020 401 THR B O   
532 C CB  . THR A 66  ? 0.1785 0.1630 0.1656 0.0064  -0.0009 -0.0055 401 THR B CB  
533 O OG1 . THR A 66  ? 0.2245 0.2107 0.2096 0.0057  -0.0024 -0.0037 401 THR B OG1 
534 C CG2 . THR A 66  ? 0.1866 0.1747 0.1755 0.0060  -0.0003 -0.0069 401 THR B CG2 
535 N N   . ASN A 67  ? 0.2313 0.2074 0.2174 0.0081  -0.0010 -0.0028 402 ASN B N   
536 C CA  . ASN A 67  ? 0.2571 0.2304 0.2397 0.0076  -0.0018 0.0001  402 ASN B CA  
537 C C   . ASN A 67  ? 0.2518 0.2273 0.2302 0.0057  -0.0028 0.0010  402 ASN B C   
538 O O   . ASN A 67  ? 0.2181 0.1963 0.1968 0.0046  -0.0026 -0.0006 402 ASN B O   
539 C CB  . ASN A 67  ? 0.2440 0.2116 0.2248 0.0064  0.0003  0.0006  402 ASN B CB  
540 C CG  . ASN A 67  ? 0.2719 0.2363 0.2494 0.0066  -0.0003 0.0042  402 ASN B CG  
541 O OD1 . ASN A 67  ? 0.2847 0.2511 0.2609 0.0074  -0.0026 0.0064  402 ASN B OD1 
542 N ND2 . ASN A 67  ? 0.2829 0.2422 0.2595 0.0057  0.0017  0.0049  402 ASN B ND2 
543 N N   . CYS A 68  ? 0.2266 0.2013 0.2014 0.0055  -0.0042 0.0035  403 CYS B N   
544 C CA  . CYS A 68  ? 0.2432 0.2194 0.2135 0.0034  -0.0051 0.0039  403 CYS B CA  
545 C C   . CYS A 68  ? 0.2179 0.1914 0.1855 0.0009  -0.0027 0.0023  403 CYS B C   
546 O O   . CYS A 68  ? 0.2515 0.2208 0.2188 0.0006  -0.0006 0.0021  403 CYS B O   
547 C CB  . CYS A 68  ? 0.2696 0.2453 0.2359 0.0035  -0.0072 0.0070  403 CYS B CB  
548 S SG  . CYS A 68  ? 0.3607 0.3406 0.3315 0.0065  -0.0105 0.0089  403 CYS B SG  
549 N N   . TYR A 69  ? 0.2037 0.1794 0.1701 -0.0010 -0.0028 0.0008  404 TYR B N   
550 C CA  . TYR A 69  ? 0.1962 0.1693 0.1604 -0.0033 -0.0005 -0.0009 404 TYR B CA  
551 C C   . TYR A 69  ? 0.1995 0.1745 0.1604 -0.0055 -0.0014 -0.0016 404 TYR B C   
552 O O   . TYR A 69  ? 0.2098 0.1885 0.1711 -0.0052 -0.0038 -0.0010 404 TYR B O   
553 C CB  . TYR A 69  ? 0.1935 0.1669 0.1624 -0.0032 0.0012  -0.0030 404 TYR B CB  
554 C CG  . TYR A 69  ? 0.1889 0.1670 0.1612 -0.0028 0.0000  -0.0038 404 TYR B CG  
555 C CD1 . TYR A 69  ? 0.1712 0.1505 0.1437 -0.0048 0.0003  -0.0050 404 TYR B CD1 
556 C CD2 . TYR A 69  ? 0.1932 0.1744 0.1690 -0.0006 -0.0014 -0.0032 404 TYR B CD2 
557 C CE1 . TYR A 69  ? 0.1601 0.1435 0.1363 -0.0047 -0.0007 -0.0052 404 TYR B CE1 
558 C CE2 . TYR A 69  ? 0.1691 0.1548 0.1480 -0.0004 -0.0021 -0.0035 404 TYR B CE2 
559 C CZ  . TYR A 69  ? 0.1647 0.1515 0.1439 -0.0025 -0.0018 -0.0044 404 TYR B CZ  
560 O OH  . TYR A 69  ? 0.1753 0.1664 0.1578 -0.0024 -0.0024 -0.0042 404 TYR B OH  
561 N N   . LYS A 70  ? 0.1822 0.1547 0.1404 -0.0078 0.0008  -0.0032 405 LYS B N   
562 C CA  . LYS A 70  ? 0.1915 0.1655 0.1468 -0.0101 0.0003  -0.0047 405 LYS B CA  
563 C C   . LYS A 70  ? 0.2045 0.1794 0.1642 -0.0112 0.0014  -0.0073 405 LYS B C   
564 O O   . LYS A 70  ? 0.1946 0.1674 0.1571 -0.0112 0.0038  -0.0084 405 LYS B O   
565 C CB  . LYS A 70  ? 0.2298 0.2006 0.1787 -0.0120 0.0020  -0.0050 405 LYS B CB  
566 C CG  . LYS A 70  ? 0.2930 0.2632 0.2367 -0.0112 0.0006  -0.0020 405 LYS B CG  
567 C CD  . LYS A 70  ? 0.3389 0.3129 0.2793 -0.0117 -0.0027 -0.0014 405 LYS B CD  
568 C CE  . LYS A 70  ? 0.4087 0.3820 0.3429 -0.0112 -0.0041 0.0020  405 LYS B CE  
569 N NZ  . LYS A 70  ? 0.4633 0.4321 0.3933 -0.0122 -0.0008 0.0026  405 LYS B NZ  
570 N N   . PHE A 71  ? 0.2053 0.1834 0.1659 -0.0123 -0.0001 -0.0082 406 PHE B N   
571 C CA  . PHE A 71  ? 0.1883 0.1678 0.1541 -0.0133 0.0007  -0.0101 406 PHE B CA  
572 C C   . PHE A 71  ? 0.1974 0.1768 0.1609 -0.0161 0.0009  -0.0126 406 PHE B C   
573 O O   . PHE A 71  ? 0.2064 0.1881 0.1668 -0.0168 -0.0013 -0.0126 406 PHE B O   
574 C CB  . PHE A 71  ? 0.1865 0.1702 0.1569 -0.0120 -0.0013 -0.0088 406 PHE B CB  
575 C CG  . PHE A 71  ? 0.1759 0.1608 0.1520 -0.0126 -0.0003 -0.0097 406 PHE B CG  
576 C CD1 . PHE A 71  ? 0.2079 0.1937 0.1858 -0.0148 -0.0004 -0.0115 406 PHE B CD1 
577 C CD2 . PHE A 71  ? 0.1857 0.1709 0.1656 -0.0109 0.0005  -0.0088 406 PHE B CD2 
578 C CE1 . PHE A 71  ? 0.1871 0.1737 0.1709 -0.0153 0.0005  -0.0117 406 PHE B CE1 
579 C CE2 . PHE A 71  ? 0.1672 0.1537 0.1522 -0.0114 0.0013  -0.0089 406 PHE B CE2 
580 C CZ  . PHE A 71  ? 0.1967 0.1837 0.1840 -0.0135 0.0014  -0.0101 406 PHE B CZ  
581 N N   . LYS A 72  ? 0.1978 0.1749 0.1634 -0.0176 0.0033  -0.0150 407 LYS B N   
582 C CA  . LYS A 72  ? 0.2075 0.1843 0.1716 -0.0203 0.0040  -0.0182 407 LYS B CA  
583 C C   . LYS A 72  ? 0.2090 0.1890 0.1783 -0.0212 0.0025  -0.0191 407 LYS B C   
584 O O   . LYS A 72  ? 0.1911 0.1714 0.1668 -0.0209 0.0033  -0.0188 407 LYS B O   
585 C CB  . LYS A 72  ? 0.2326 0.2058 0.1982 -0.0214 0.0076  -0.0206 407 LYS B CB  
586 C CG  . LYS A 72  ? 0.2357 0.2085 0.2000 -0.0242 0.0086  -0.0245 407 LYS B CG  
587 C CD  . LYS A 72  ? 0.2916 0.2608 0.2571 -0.0252 0.0123  -0.0270 407 LYS B CD  
588 C CE  . LYS A 72  ? 0.3415 0.3087 0.2994 -0.0254 0.0138  -0.0267 407 LYS B CE  
589 N NZ  . LYS A 72  ? 0.4470 0.4111 0.4057 -0.0268 0.0178  -0.0298 407 LYS B NZ  
590 N N   . ILE A 73  ? 0.1947 0.1773 0.1610 -0.0226 0.0004  -0.0202 408 ILE B N   
591 C CA  . ILE A 73  ? 0.2180 0.2039 0.1896 -0.0237 -0.0012 -0.0212 408 ILE B CA  
592 C C   . ILE A 73  ? 0.2271 0.2117 0.2009 -0.0265 0.0005  -0.0254 408 ILE B C   
593 O O   . ILE A 73  ? 0.2293 0.2105 0.2001 -0.0275 0.0029  -0.0276 408 ILE B O   
594 C CB  . ILE A 73  ? 0.2230 0.2132 0.1922 -0.0235 -0.0047 -0.0203 408 ILE B CB  
595 C CG1 . ILE A 73  ? 0.2115 0.2017 0.1732 -0.0254 -0.0056 -0.0225 408 ILE B CG1 
596 C CG2 . ILE A 73  ? 0.1679 0.1592 0.1360 -0.0207 -0.0062 -0.0163 408 ILE B CG2 
597 C CD1 . ILE A 73  ? 0.2469 0.2419 0.2074 -0.0258 -0.0095 -0.0224 408 ILE B CD1 
598 N N   . LYS A 74  ? 0.2251 0.2121 0.2042 -0.0278 -0.0007 -0.0267 409 LYS B N   
599 C CA  . LYS A 74  ? 0.2394 0.2248 0.2234 -0.0303 0.0011  -0.0305 409 LYS B CA  
600 C C   . LYS A 74  ? 0.2479 0.2318 0.2260 -0.0325 0.0022  -0.0349 409 LYS B C   
601 O O   . LYS A 74  ? 0.2450 0.2257 0.2254 -0.0338 0.0051  -0.0380 409 LYS B O   
602 C CB  . LYS A 74  ? 0.2634 0.2521 0.2540 -0.0316 -0.0006 -0.0312 409 LYS B CB  
603 C CG  . LYS A 74  ? 0.2645 0.2516 0.2602 -0.0344 0.0010  -0.0357 409 LYS B CG  
604 C CD  . LYS A 74  ? 0.3228 0.3126 0.3273 -0.0355 -0.0002 -0.0356 409 LYS B CD  
605 C CE  . LYS A 74  ? 0.3357 0.3242 0.3478 -0.0341 0.0015  -0.0319 409 LYS B CE  
606 N NZ  . LYS A 74  ? 0.3781 0.3689 0.3989 -0.0354 0.0007  -0.0315 409 LYS B NZ  
607 N N   . ASP A 75  ? 0.2492 0.2353 0.2196 -0.0330 -0.0001 -0.0353 410 ASP B N   
608 C CA  . ASP A 75  ? 0.2695 0.2549 0.2333 -0.0352 0.0008  -0.0395 410 ASP B CA  
609 C C   . ASP A 75  ? 0.2702 0.2524 0.2273 -0.0342 0.0033  -0.0385 410 ASP B C   
610 O O   . ASP A 75  ? 0.3604 0.3423 0.3104 -0.0359 0.0041  -0.0412 410 ASP B O   
611 C CB  . ASP A 75  ? 0.2616 0.2516 0.2200 -0.0362 -0.0030 -0.0404 410 ASP B CB  
612 C CG  . ASP A 75  ? 0.2702 0.2618 0.2220 -0.0339 -0.0053 -0.0356 410 ASP B CG  
613 O OD1 . ASP A 75  ? 0.2635 0.2527 0.2153 -0.0315 -0.0042 -0.0318 410 ASP B OD1 
614 O OD2 . ASP A 75  ? 0.2802 0.2757 0.2274 -0.0345 -0.0087 -0.0358 410 ASP B OD2 
615 N N   . GLY A 76  ? 0.2883 0.2682 0.2473 -0.0318 0.0044  -0.0347 411 GLY B N   
616 C CA  . GLY A 76  ? 0.2687 0.2454 0.2230 -0.0311 0.0071  -0.0339 411 GLY B CA  
617 C C   . GLY A 76  ? 0.2589 0.2362 0.2051 -0.0297 0.0055  -0.0304 411 GLY B C   
618 O O   . GLY A 76  ? 0.2620 0.2363 0.2052 -0.0289 0.0077  -0.0289 411 GLY B O   
619 N N   . SER A 77  ? 0.2371 0.2181 0.1803 -0.0295 0.0018  -0.0289 412 SER B N   
620 C CA  . SER A 77  ? 0.2338 0.2153 0.1711 -0.0276 -0.0001 -0.0247 412 SER B CA  
621 C C   . SER A 77  ? 0.2368 0.2179 0.1796 -0.0247 -0.0005 -0.0208 412 SER B C   
622 O O   . SER A 77  ? 0.2403 0.2213 0.1906 -0.0242 0.0001  -0.0212 412 SER B O   
623 C CB  . SER A 77  ? 0.2677 0.2538 0.2009 -0.0281 -0.0043 -0.0242 412 SER B CB  
624 O OG  . SER A 77  ? 0.2633 0.2527 0.2038 -0.0277 -0.0067 -0.0243 412 SER B OG  
625 N N   . PHE A 78  ? 0.2355 0.2161 0.1742 -0.0227 -0.0017 -0.0170 413 PHE B N   
626 C CA  . PHE A 78  ? 0.2514 0.2314 0.1946 -0.0199 -0.0019 -0.0137 413 PHE B CA  
627 C C   . PHE A 78  ? 0.2718 0.2556 0.2153 -0.0181 -0.0057 -0.0108 413 PHE B C   
628 O O   . PHE A 78  ? 0.2834 0.2688 0.2212 -0.0183 -0.0080 -0.0096 413 PHE B O   
629 C CB  . PHE A 78  ? 0.2292 0.2052 0.1694 -0.0188 0.0004  -0.0117 413 PHE B CB  
630 C CG  . PHE A 78  ? 0.2325 0.2049 0.1749 -0.0198 0.0043  -0.0141 413 PHE B CG  
631 C CD1 . PHE A 78  ? 0.2093 0.1805 0.1584 -0.0184 0.0055  -0.0138 413 PHE B CD1 
632 C CD2 . PHE A 78  ? 0.2492 0.2197 0.1869 -0.0220 0.0068  -0.0165 413 PHE B CD2 
633 C CE1 . PHE A 78  ? 0.2168 0.1852 0.1686 -0.0192 0.0089  -0.0158 413 PHE B CE1 
634 C CE2 . PHE A 78  ? 0.2939 0.2614 0.2345 -0.0229 0.0104  -0.0187 413 PHE B CE2 
635 C CZ  . PHE A 78  ? 0.2336 0.1999 0.1814 -0.0214 0.0114  -0.0183 413 PHE B CZ  
636 N N   . ILE A 79  ? 0.2074 0.1927 0.1573 -0.0163 -0.0066 -0.0096 414 ILE B N   
637 C CA  . ILE A 79  ? 0.2628 0.2513 0.2138 -0.0141 -0.0097 -0.0066 414 ILE B CA  
638 C C   . ILE A 79  ? 0.2394 0.2256 0.1924 -0.0114 -0.0086 -0.0042 414 ILE B C   
639 O O   . ILE A 79  ? 0.2565 0.2396 0.2114 -0.0114 -0.0057 -0.0051 414 ILE B O   
640 C CB  . ILE A 79  ? 0.2403 0.2335 0.1971 -0.0140 -0.0118 -0.0072 414 ILE B CB  
641 C CG1 . ILE A 79  ? 0.2136 0.2064 0.1771 -0.0137 -0.0097 -0.0080 414 ILE B CG1 
642 C CG2 . ILE A 79  ? 0.3213 0.3170 0.2763 -0.0167 -0.0133 -0.0097 414 ILE B CG2 
643 C CD1 . ILE A 79  ? 0.2944 0.2920 0.2639 -0.0128 -0.0114 -0.0072 414 ILE B CD1 
644 N N   . THR A 80  ? 0.2470 0.2347 0.2001 -0.0093 -0.0109 -0.0013 415 THR B N   
645 C CA  . THR A 80  ? 0.2352 0.2211 0.1909 -0.0066 -0.0101 0.0006  415 THR B CA  
646 C C   . THR A 80  ? 0.2293 0.2190 0.1919 -0.0049 -0.0110 0.0006  415 THR B C   
647 O O   . THR A 80  ? 0.2485 0.2425 0.2129 -0.0046 -0.0136 0.0010  415 THR B O   
648 C CB  . THR A 80  ? 0.2788 0.2636 0.2309 -0.0051 -0.0117 0.0039  415 THR B CB  
649 O OG1 . THR A 80  ? 0.2713 0.2530 0.2163 -0.0069 -0.0106 0.0041  415 THR B OG1 
650 C CG2 . THR A 80  ? 0.2498 0.2321 0.2055 -0.0025 -0.0106 0.0054  415 THR B CG2 
651 N N   . LEU A 81  ? 0.2071 0.1954 0.1734 -0.0039 -0.0089 0.0000  416 LEU B N   
652 C CA  . LEU A 81  ? 0.1929 0.1847 0.1651 -0.0022 -0.0092 -0.0001 416 LEU B CA  
653 C C   . LEU A 81  ? 0.2019 0.1921 0.1761 0.0003  -0.0085 0.0007  416 LEU B C   
654 O O   . LEU A 81  ? 0.1731 0.1588 0.1450 0.0004  -0.0070 0.0009  416 LEU B O   
655 C CB  . LEU A 81  ? 0.1659 0.1586 0.1410 -0.0035 -0.0075 -0.0020 416 LEU B CB  
656 C CG  . LEU A 81  ? 0.1909 0.1849 0.1657 -0.0061 -0.0078 -0.0034 416 LEU B CG  
657 C CD1 . LEU A 81  ? 0.1485 0.1422 0.1268 -0.0071 -0.0058 -0.0046 416 LEU B CD1 
658 C CD2 . LEU A 81  ? 0.2239 0.2229 0.2009 -0.0060 -0.0105 -0.0026 416 LEU B CD2 
659 N N   . ARG A 82  ? 0.1876 0.1814 0.1663 0.0024  -0.0092 0.0009  417 ARG B N   
660 C CA  . ARG A 82  ? 0.1999 0.1930 0.1818 0.0045  -0.0081 0.0005  417 ARG B CA  
661 C C   . ARG A 82  ? 0.2082 0.2058 0.1943 0.0050  -0.0074 -0.0008 417 ARG B C   
662 O O   . ARG A 82  ? 0.2087 0.2108 0.1968 0.0048  -0.0086 -0.0004 417 ARG B O   
663 C CB  . ARG A 82  ? 0.2219 0.2150 0.2053 0.0071  -0.0095 0.0020  417 ARG B CB  
664 C CG  . ARG A 82  ? 0.2621 0.2550 0.2496 0.0094  -0.0082 0.0009  417 ARG B CG  
665 C CD  . ARG A 82  ? 0.3049 0.2974 0.2950 0.0120  -0.0096 0.0023  417 ARG B CD  
666 N NE  . ARG A 82  ? 0.4273 0.4145 0.4139 0.0117  -0.0097 0.0044  417 ARG B NE  
667 C CZ  . ARG A 82  ? 0.4313 0.4139 0.4187 0.0125  -0.0083 0.0044  417 ARG B CZ  
668 N NH1 . ARG A 82  ? 0.3947 0.3774 0.3863 0.0137  -0.0068 0.0019  417 ARG B NH1 
669 N NH2 . ARG A 82  ? 0.4963 0.4744 0.4806 0.0121  -0.0084 0.0069  417 ARG B NH2 
670 N N   . SER A 83  ? 0.1823 0.1790 0.1698 0.0055  -0.0056 -0.0022 418 SER B N   
671 C CA  . SER A 83  ? 0.1634 0.1642 0.1538 0.0058  -0.0049 -0.0030 418 SER B CA  
672 C C   . SER A 83  ? 0.1883 0.1910 0.1816 0.0083  -0.0043 -0.0041 418 SER B C   
673 O O   . SER A 83  ? 0.2127 0.2119 0.2059 0.0094  -0.0039 -0.0049 418 SER B O   
674 C CB  . SER A 83  ? 0.1715 0.1709 0.1612 0.0040  -0.0034 -0.0038 418 SER B CB  
675 O OG  . SER A 83  ? 0.1930 0.1917 0.1812 0.0017  -0.0037 -0.0032 418 SER B OG  
676 N N   . ARG A 84  ? 0.1915 0.1998 0.1876 0.0091  -0.0044 -0.0044 419 ARG B N   
677 C CA  . ARG A 84  ? 0.1577 0.1688 0.1563 0.0112  -0.0035 -0.0061 419 ARG B CA  
678 C C   . ARG A 84  ? 0.1631 0.1770 0.1616 0.0104  -0.0023 -0.0065 419 ARG B C   
679 O O   . ARG A 84  ? 0.1317 0.1489 0.1307 0.0092  -0.0023 -0.0050 419 ARG B O   
680 C CB  . ARG A 84  ? 0.2077 0.2236 0.2096 0.0131  -0.0042 -0.0060 419 ARG B CB  
681 C CG  . ARG A 84  ? 0.2859 0.2996 0.2887 0.0144  -0.0056 -0.0054 419 ARG B CG  
682 C CD  . ARG A 84  ? 0.3343 0.3528 0.3417 0.0169  -0.0057 -0.0062 419 ARG B CD  
683 N NE  . ARG A 84  ? 0.4273 0.4481 0.4367 0.0171  -0.0075 -0.0043 419 ARG B NE  
684 C CZ  . ARG A 84  ? 0.4372 0.4551 0.4470 0.0182  -0.0092 -0.0030 419 ARG B CZ  
685 N NH1 . ARG A 84  ? 0.4520 0.4644 0.4607 0.0189  -0.0090 -0.0032 419 ARG B NH1 
686 N NH2 . ARG A 84  ? 0.4607 0.4814 0.4724 0.0184  -0.0112 -0.0014 419 ARG B NH2 
687 N N   . TRP A 85  ? 0.1757 0.1884 0.1739 0.0109  -0.0014 -0.0082 420 TRP B N   
688 C CA  . TRP A 85  ? 0.1554 0.1701 0.1531 0.0102  -0.0005 -0.0084 420 TRP B CA  
689 C C   . TRP A 85  ? 0.1428 0.1622 0.1416 0.0120  0.0000  -0.0103 420 TRP B C   
690 O O   . TRP A 85  ? 0.1260 0.1447 0.1260 0.0137  0.0000  -0.0126 420 TRP B O   
691 C CB  . TRP A 85  ? 0.1482 0.1577 0.1446 0.0091  -0.0001 -0.0092 420 TRP B CB  
692 C CG  . TRP A 85  ? 0.1723 0.1779 0.1672 0.0071  -0.0001 -0.0076 420 TRP B CG  
693 C CD1 . TRP A 85  ? 0.2201 0.2265 0.2148 0.0057  -0.0006 -0.0059 420 TRP B CD1 
694 C CD2 . TRP A 85  ? 0.2155 0.2156 0.2092 0.0059  0.0005  -0.0082 420 TRP B CD2 
695 N NE1 . TRP A 85  ? 0.1992 0.2011 0.1922 0.0038  -0.0004 -0.0056 420 TRP B NE1 
696 C CE2 . TRP A 85  ? 0.2135 0.2115 0.2058 0.0040  0.0004  -0.0069 420 TRP B CE2 
697 C CE3 . TRP A 85  ? 0.1865 0.1835 0.1804 0.0063  0.0012  -0.0100 420 TRP B CE3 
698 C CZ2 . TRP A 85  ? 0.1951 0.1879 0.1859 0.0024  0.0012  -0.0073 420 TRP B CZ2 
699 C CZ3 . TRP A 85  ? 0.1598 0.1518 0.1527 0.0047  0.0020  -0.0101 420 TRP B CZ3 
700 C CH2 . TRP A 85  ? 0.1880 0.1781 0.1792 0.0028  0.0021  -0.0086 420 TRP B CH2 
701 N N   . PHE A 86  ? 0.1406 0.1649 0.1393 0.0117  0.0005  -0.0094 421 PHE B N   
702 C CA  . PHE A 86  ? 0.1501 0.1790 0.1488 0.0131  0.0011  -0.0114 421 PHE B CA  
703 C C   . PHE A 86  ? 0.1449 0.1762 0.1423 0.0120  0.0014  -0.0097 421 PHE B C   
704 O O   . PHE A 86  ? 0.1324 0.1634 0.1299 0.0104  0.0014  -0.0067 421 PHE B O   
705 C CB  . PHE A 86  ? 0.1313 0.1661 0.1315 0.0147  0.0017  -0.0122 421 PHE B CB  
706 C CG  . PHE A 86  ? 0.1238 0.1630 0.1244 0.0138  0.0021  -0.0093 421 PHE B CG  
707 C CD1 . PHE A 86  ? 0.1594 0.2038 0.1589 0.0135  0.0029  -0.0078 421 PHE B CD1 
708 C CD2 . PHE A 86  ? 0.1208 0.1594 0.1233 0.0135  0.0016  -0.0079 421 PHE B CD2 
709 C CE1 . PHE A 86  ? 0.1549 0.2035 0.1556 0.0125  0.0037  -0.0049 421 PHE B CE1 
710 C CE2 . PHE A 86  ? 0.1483 0.1913 0.1521 0.0125  0.0021  -0.0054 421 PHE B CE2 
711 C CZ  . PHE A 86  ? 0.1520 0.1998 0.1552 0.0121  0.0032  -0.0038 421 PHE B CZ  
712 N N   . SER A 87  ? 0.1538 0.1873 0.1504 0.0129  0.0014  -0.0116 422 SER B N   
713 C CA  . SER A 87  ? 0.1368 0.1724 0.1323 0.0120  0.0013  -0.0097 422 SER B CA  
714 C C   . SER A 87  ? 0.1984 0.2418 0.1929 0.0126  0.0019  -0.0083 422 SER B C   
715 O O   . SER A 87  ? 0.1715 0.2190 0.1657 0.0140  0.0025  -0.0103 422 SER B O   
716 C CB  . SER A 87  ? 0.1577 0.1918 0.1527 0.0124  0.0008  -0.0122 422 SER B CB  
717 O OG  . SER A 87  ? 0.2300 0.2670 0.2249 0.0141  0.0007  -0.0160 422 SER B OG  
718 N N   . PHE A 88  ? 0.1679 0.2128 0.1619 0.0114  0.0020  -0.0046 423 PHE B N   
719 C CA  . PHE A 88  ? 0.1920 0.2442 0.1850 0.0117  0.0028  -0.0022 423 PHE B CA  
720 C C   . PHE A 88  ? 0.2203 0.2761 0.2110 0.0122  0.0022  -0.0020 423 PHE B C   
721 O O   . PHE A 88  ? 0.2283 0.2823 0.2195 0.0112  0.0015  0.0008  423 PHE B O   
722 C CB  . PHE A 88  ? 0.2167 0.2685 0.2116 0.0100  0.0034  0.0024  423 PHE B CB  
723 C CG  . PHE A 88  ? 0.2118 0.2709 0.2061 0.0100  0.0047  0.0051  423 PHE B CG  
724 C CD1 . PHE A 88  ? 0.2381 0.2997 0.2338 0.0101  0.0058  0.0052  423 PHE B CD1 
725 C CD2 . PHE A 88  ? 0.2413 0.3049 0.2336 0.0101  0.0048  0.0078  423 PHE B CD2 
726 C CE1 . PHE A 88  ? 0.2544 0.3232 0.2502 0.0101  0.0074  0.0078  423 PHE B CE1 
727 C CE2 . PHE A 88  ? 0.2332 0.3039 0.2247 0.0102  0.0063  0.0107  423 PHE B CE2 
728 C CZ  . PHE A 88  ? 0.2689 0.3420 0.2620 0.0100  0.0078  0.0106  423 PHE B CZ  
729 N N   . MET A 89  ? 0.2181 0.2788 0.2066 0.0138  0.0023  -0.0053 424 MET B N   
730 C CA  . MET A 89  ? 0.2597 0.3251 0.2454 0.0144  0.0014  -0.0056 424 MET B CA  
731 C C   . MET A 89  ? 0.3117 0.3844 0.2951 0.0143  0.0024  -0.0015 424 MET B C   
732 O O   . MET A 89  ? 0.3022 0.3794 0.2850 0.0148  0.0040  -0.0019 424 MET B O   
733 C CB  . MET A 89  ? 0.3075 0.3751 0.2919 0.0161  0.0011  -0.0116 424 MET B CB  
734 C CG  . MET A 89  ? 0.3736 0.4487 0.3543 0.0169  0.0004  -0.0127 424 MET B CG  
735 S SD  . MET A 89  ? 0.4322 0.5051 0.4132 0.0166  -0.0022 -0.0131 424 MET B SD  
736 C CE  . MET A 89  ? 0.3832 0.4493 0.3674 0.0170  -0.0026 -0.0195 424 MET B CE  
737 N N   . ASN A 90  ? 0.3111 0.3851 0.2938 0.0137  0.0016  0.0026  425 ASN B N   
738 C CA  . ASN A 90  ? 0.3286 0.4101 0.3087 0.0137  0.0025  0.0069  425 ASN B CA  
739 C C   . ASN A 90  ? 0.3689 0.4580 0.3443 0.0153  0.0023  0.0034  425 ASN B C   
740 O O   . ASN A 90  ? 0.3340 0.4237 0.3079 0.0159  0.0003  0.0012  425 ASN B O   
741 C CB  . ASN A 90  ? 0.3844 0.4651 0.3654 0.0127  0.0014  0.0124  425 ASN B CB  
742 C CG  . ASN A 90  ? 0.4421 0.5304 0.4205 0.0126  0.0023  0.0178  425 ASN B CG  
743 O OD1 . ASN A 90  ? 0.4116 0.5075 0.3852 0.0138  0.0027  0.0165  425 ASN B OD1 
744 N ND2 . ASN A 90  ? 0.4264 0.5127 0.4078 0.0113  0.0028  0.0239  425 ASN B ND2 
745 N N   . PRO A 91  ? 0.3722 0.4674 0.3454 0.0158  0.0043  0.0025  426 PRO B N   
746 C CA  . PRO A 91  ? 0.3947 0.4971 0.3636 0.0174  0.0043  -0.0022 426 PRO B CA  
747 C C   . PRO A 91  ? 0.4355 0.5451 0.3993 0.0176  0.0032  0.0006  426 PRO B C   
748 O O   . PRO A 91  ? 0.4064 0.5223 0.3660 0.0188  0.0030  -0.0036 426 PRO B O   
749 C CB  . PRO A 91  ? 0.4198 0.5266 0.3885 0.0179  0.0072  -0.0032 426 PRO B CB  
750 C CG  . PRO A 91  ? 0.3720 0.4777 0.3432 0.0163  0.0085  0.0034  426 PRO B CG  
751 C CD  . PRO A 91  ? 0.4020 0.4986 0.3772 0.0152  0.0066  0.0055  426 PRO B CD  
752 N N   . TRP A 92  ? 0.4064 0.5152 0.3705 0.0166  0.0025  0.0073  427 TRP B N   
753 C CA  . TRP A 92  ? 0.4201 0.5354 0.3798 0.0169  0.0011  0.0108  427 TRP B CA  
754 C C   . TRP A 92  ? 0.4141 0.5250 0.3756 0.0168  -0.0021 0.0113  427 TRP B C   
755 O O   . TRP A 92  ? 0.4251 0.5405 0.3831 0.0178  -0.0042 0.0091  427 TRP B O   
756 C CB  . TRP A 92  ? 0.4148 0.5337 0.3736 0.0160  0.0027  0.0189  427 TRP B CB  
757 C CG  . TRP A 92  ? 0.4108 0.5365 0.3670 0.0162  0.0060  0.0187  427 TRP B CG  
758 C CD1 . TRP A 92  ? 0.4221 0.5576 0.3718 0.0170  0.0070  0.0177  427 TRP B CD1 
759 C CD2 . TRP A 92  ? 0.4211 0.5444 0.3813 0.0153  0.0088  0.0194  427 TRP B CD2 
760 N NE1 . TRP A 92  ? 0.4332 0.5725 0.3828 0.0168  0.0105  0.0177  427 TRP B NE1 
761 C CE2 . TRP A 92  ? 0.4154 0.5474 0.3717 0.0158  0.0115  0.0188  427 TRP B CE2 
762 C CE3 . TRP A 92  ? 0.4099 0.5250 0.3766 0.0141  0.0091  0.0203  427 TRP B CE3 
763 C CZ2 . TRP A 92  ? 0.4326 0.5652 0.3920 0.0153  0.0146  0.0193  427 TRP B CZ2 
764 C CZ3 . TRP A 92  ? 0.4463 0.5620 0.4156 0.0136  0.0118  0.0206  427 TRP B CZ3 
765 C CH2 . TRP A 92  ? 0.4271 0.5515 0.3931 0.0141  0.0145  0.0202  427 TRP B CH2 
766 N N   . THR A 93  ? 0.3964 0.4989 0.3635 0.0158  -0.0025 0.0140  428 THR B N   
767 C CA  . THR A 93  ? 0.4036 0.5016 0.3737 0.0156  -0.0051 0.0143  428 THR B CA  
768 C C   . THR A 93  ? 0.4178 0.5112 0.3895 0.0162  -0.0063 0.0070  428 THR B C   
769 O O   . THR A 93  ? 0.4246 0.5152 0.3986 0.0161  -0.0085 0.0064  428 THR B O   
770 C CB  . THR A 93  ? 0.4296 0.5204 0.4052 0.0142  -0.0047 0.0194  428 THR B CB  
771 O OG1 . THR A 93  ? 0.4060 0.4892 0.3855 0.0136  -0.0036 0.0158  428 THR B OG1 
772 C CG2 . THR A 93  ? 0.4656 0.5596 0.4410 0.0134  -0.0028 0.0260  428 THR B CG2 
773 N N   . LYS A 94  ? 0.4094 0.5019 0.3807 0.0165  -0.0047 0.0017  429 LYS B N   
774 C CA  . LYS A 94  ? 0.3654 0.4538 0.3388 0.0170  -0.0055 -0.0051 429 LYS B CA  
775 C C   . LYS A 94  ? 0.4263 0.5052 0.4049 0.0159  -0.0060 -0.0045 429 LYS B C   
776 O O   . LYS A 94  ? 0.4265 0.5022 0.4072 0.0161  -0.0074 -0.0084 429 LYS B O   
777 C CB  . LYS A 94  ? 0.3677 0.4615 0.3382 0.0180  -0.0078 -0.0091 429 LYS B CB  
778 C CG  . LYS A 94  ? 0.3499 0.4537 0.3143 0.0190  -0.0071 -0.0102 429 LYS B CG  
779 C CD  . LYS A 94  ? 0.3723 0.4766 0.3365 0.0195  -0.0044 -0.0140 429 LYS B CD  
780 C CE  . LYS A 94  ? 0.4053 0.5200 0.3637 0.0205  -0.0033 -0.0157 429 LYS B CE  
781 N NZ  . LYS A 94  ? 0.3830 0.4980 0.3422 0.0210  -0.0006 -0.0196 429 LYS B NZ  
782 N N   . GLU A 95  ? 0.3731 0.4478 0.3543 0.0148  -0.0049 0.0001  430 GLU B N   
783 C CA  . GLU A 95  ? 0.3381 0.4041 0.3238 0.0136  -0.0050 0.0008  430 GLU B CA  
784 C C   . GLU A 95  ? 0.3103 0.3715 0.2979 0.0129  -0.0032 0.0002  430 GLU B C   
785 O O   . GLU A 95  ? 0.3201 0.3840 0.3065 0.0127  -0.0017 0.0023  430 GLU B O   
786 C CB  . GLU A 95  ? 0.3865 0.4519 0.3746 0.0128  -0.0056 0.0068  430 GLU B CB  
787 C CG  . GLU A 95  ? 0.4382 0.5083 0.4249 0.0136  -0.0079 0.0084  430 GLU B CG  
788 C CD  . GLU A 95  ? 0.4757 0.5445 0.4658 0.0128  -0.0085 0.0147  430 GLU B CD  
789 O OE1 . GLU A 95  ? 0.5462 0.6114 0.5388 0.0117  -0.0068 0.0181  430 GLU B OE1 
790 O OE2 . GLU A 95  ? 0.4982 0.5696 0.4890 0.0135  -0.0106 0.0162  430 GLU B OE2 
791 N N   . VAL A 96  ? 0.2562 0.3103 0.2463 0.0124  -0.0032 -0.0027 431 VAL B N   
792 C CA  . VAL A 96  ? 0.2330 0.2818 0.2248 0.0115  -0.0017 -0.0026 431 VAL B CA  
793 C C   . VAL A 96  ? 0.2227 0.2683 0.2172 0.0099  -0.0015 0.0020  431 VAL B C   
794 O O   . VAL A 96  ? 0.2773 0.3188 0.2742 0.0093  -0.0021 0.0024  431 VAL B O   
795 C CB  . VAL A 96  ? 0.2523 0.2950 0.2456 0.0116  -0.0018 -0.0069 431 VAL B CB  
796 C CG1 . VAL A 96  ? 0.1783 0.2155 0.1730 0.0105  -0.0007 -0.0061 431 VAL B CG1 
797 C CG2 . VAL A 96  ? 0.2112 0.2570 0.2030 0.0131  -0.0018 -0.0116 431 VAL B CG2 
798 N N   . GLU A 97  ? 0.2126 0.2601 0.2070 0.0093  -0.0003 0.0054  432 GLU B N   
799 C CA  . GLU A 97  ? 0.2724 0.3173 0.2701 0.0078  0.0000  0.0097  432 GLU B CA  
800 C C   . GLU A 97  ? 0.2464 0.2841 0.2465 0.0064  0.0006  0.0085  432 GLU B C   
801 O O   . GLU A 97  ? 0.2186 0.2521 0.2218 0.0052  0.0005  0.0098  432 GLU B O   
802 C CB  . GLU A 97  ? 0.2399 0.2897 0.2373 0.0074  0.0011  0.0139  432 GLU B CB  
803 C CG  . GLU A 97  ? 0.2940 0.3514 0.2887 0.0085  0.0006  0.0163  432 GLU B CG  
804 C CD  . GLU A 97  ? 0.3369 0.3990 0.3314 0.0080  0.0022  0.0206  432 GLU B CD  
805 O OE1 . GLU A 97  ? 0.3379 0.3972 0.3353 0.0067  0.0034  0.0217  432 GLU B OE1 
806 O OE2 . GLU A 97  ? 0.3877 0.4567 0.3791 0.0088  0.0022  0.0228  432 GLU B OE2 
807 N N   . TYR A 98  ? 0.2122 0.2488 0.2112 0.0066  0.0010  0.0058  433 TYR B N   
808 C CA  . TYR A 98  ? 0.1678 0.1983 0.1683 0.0053  0.0013  0.0048  433 TYR B CA  
809 C C   . TYR A 98  ? 0.1665 0.1969 0.1653 0.0063  0.0014  0.0014  433 TYR B C   
810 O O   . TYR A 98  ? 0.1532 0.1880 0.1501 0.0079  0.0014  0.0000  433 TYR B O   
811 C CB  . TYR A 98  ? 0.1685 0.1991 0.1715 0.0038  0.0021  0.0080  433 TYR B CB  
812 C CG  . TYR A 98  ? 0.1864 0.2233 0.1888 0.0042  0.0028  0.0099  433 TYR B CG  
813 C CD1 . TYR A 98  ? 0.1710 0.2091 0.1728 0.0047  0.0030  0.0080  433 TYR B CD1 
814 C CD2 . TYR A 98  ? 0.1792 0.2210 0.1819 0.0043  0.0032  0.0135  433 TYR B CD2 
815 C CE1 . TYR A 98  ? 0.1547 0.1988 0.1566 0.0051  0.0039  0.0095  433 TYR B CE1 
816 C CE2 . TYR A 98  ? 0.1988 0.2466 0.2010 0.0046  0.0042  0.0153  433 TYR B CE2 
817 C CZ  . TYR A 98  ? 0.1819 0.2308 0.1839 0.0050  0.0046  0.0130  433 TYR B CZ  
818 O OH  . TYR A 98  ? 0.2076 0.2628 0.2097 0.0053  0.0059  0.0146  433 TYR B OH  
819 N N   . ILE A 99  ? 0.1221 0.1473 0.1212 0.0055  0.0015  0.0002  434 ILE B N   
820 C CA  . ILE A 99  ? 0.1359 0.1608 0.1341 0.0064  0.0014  -0.0020 434 ILE B CA  
821 C C   . ILE A 99  ? 0.1369 0.1621 0.1362 0.0053  0.0015  -0.0003 434 ILE B C   
822 O O   . ILE A 99  ? 0.1244 0.1475 0.1252 0.0036  0.0016  0.0016  434 ILE B O   
823 C CB  . ILE A 99  ? 0.1477 0.1667 0.1452 0.0065  0.0011  -0.0047 434 ILE B CB  
824 C CG1 . ILE A 99  ? 0.1431 0.1567 0.1410 0.0046  0.0013  -0.0039 434 ILE B CG1 
825 C CG2 . ILE A 99  ? 0.1442 0.1628 0.1416 0.0072  0.0009  -0.0066 434 ILE B CG2 
826 C CD1 . ILE A 99  ? 0.1310 0.1392 0.1277 0.0045  0.0012  -0.0060 434 ILE B CD1 
827 N N   . VAL A 100 ? 0.1307 0.1590 0.1300 0.0065  0.0015  -0.0011 435 VAL B N   
828 C CA  . VAL A 100 ? 0.1192 0.1482 0.1199 0.0058  0.0013  0.0001  435 VAL B CA  
829 C C   . VAL A 100 ? 0.1608 0.1853 0.1608 0.0059  0.0004  -0.0017 435 VAL B C   
830 O O   . VAL A 100 ? 0.1526 0.1755 0.1514 0.0074  0.0002  -0.0038 435 VAL B O   
831 C CB  . VAL A 100 ? 0.1388 0.1746 0.1407 0.0071  0.0019  0.0005  435 VAL B CB  
832 C CG1 . VAL A 100 ? 0.1642 0.2010 0.1684 0.0063  0.0015  0.0014  435 VAL B CG1 
833 C CG2 . VAL A 100 ? 0.1310 0.1718 0.1330 0.0069  0.0030  0.0026  435 VAL B CG2 
834 N N   . SER A 101 ? 0.1532 0.1754 0.1537 0.0043  -0.0002 -0.0007 436 SER B N   
835 C CA  . SER A 101 ? 0.1574 0.1751 0.1564 0.0041  -0.0012 -0.0018 436 SER B CA  
836 C C   . SER A 101 ? 0.1650 0.1847 0.1654 0.0035  -0.0022 -0.0009 436 SER B C   
837 O O   . SER A 101 ? 0.1999 0.2204 0.2017 0.0016  -0.0022 0.0003  436 SER B O   
838 C CB  . SER A 101 ? 0.1762 0.1883 0.1735 0.0024  -0.0009 -0.0022 436 SER B CB  
839 O OG  . SER A 101 ? 0.1971 0.2053 0.1922 0.0023  -0.0017 -0.0029 436 SER B OG  
840 N N   . THR A 102 ? 0.1417 0.1622 0.1422 0.0050  -0.0032 -0.0015 437 THR B N   
841 C CA  . THR A 102 ? 0.1606 0.1823 0.1622 0.0046  -0.0048 -0.0008 437 THR B CA  
842 C C   . THR A 102 ? 0.1992 0.2154 0.1975 0.0038  -0.0058 -0.0011 437 THR B C   
843 O O   . THR A 102 ? 0.1911 0.2041 0.1876 0.0051  -0.0059 -0.0017 437 THR B O   
844 C CB  . THR A 102 ? 0.1903 0.2160 0.1944 0.0069  -0.0053 -0.0010 437 THR B CB  
845 O OG1 . THR A 102 ? 0.1521 0.1830 0.1585 0.0078  -0.0038 -0.0011 437 THR B OG1 
846 C CG2 . THR A 102 ? 0.1948 0.2229 0.2009 0.0063  -0.0071 -0.0001 437 THR B CG2 
847 N N   . ASN A 103 ? 0.1846 0.1997 0.1821 0.0014  -0.0065 -0.0007 438 ASN B N   
848 C CA  . ASN A 103 ? 0.1593 0.1695 0.1528 0.0002  -0.0073 -0.0011 438 ASN B CA  
849 C C   . ASN A 103 ? 0.2120 0.2239 0.2052 0.0001  -0.0097 -0.0006 438 ASN B C   
850 O O   . ASN A 103 ? 0.1768 0.1921 0.1723 -0.0012 -0.0105 -0.0004 438 ASN B O   
851 C CB  . ASN A 103 ? 0.1729 0.1807 0.1658 -0.0022 -0.0061 -0.0018 438 ASN B CB  
852 C CG  . ASN A 103 ? 0.1805 0.1878 0.1748 -0.0020 -0.0041 -0.0019 438 ASN B CG  
853 O OD1 . ASN A 103 ? 0.1560 0.1608 0.1487 -0.0007 -0.0033 -0.0025 438 ASN B OD1 
854 N ND2 . ASN A 103 ? 0.1903 0.2002 0.1877 -0.0030 -0.0034 -0.0012 438 ASN B ND2 
855 N N   . THR A 104 ? 0.2054 0.2153 0.1963 0.0016  -0.0107 -0.0001 439 THR B N   
856 C CA  . THR A 104 ? 0.2016 0.2138 0.1927 0.0022  -0.0134 0.0010  439 THR B CA  
857 C C   . THR A 104 ? 0.2004 0.2088 0.1861 0.0009  -0.0146 0.0013  439 THR B C   
858 O O   . THR A 104 ? 0.2072 0.2109 0.1894 0.0012  -0.0135 0.0014  439 THR B O   
859 C CB  . THR A 104 ? 0.2061 0.2198 0.1999 0.0054  -0.0139 0.0018  439 THR B CB  
860 O OG1 . THR A 104 ? 0.2273 0.2448 0.2256 0.0065  -0.0125 0.0011  439 THR B OG1 
861 C CG2 . THR A 104 ? 0.2234 0.2403 0.2186 0.0061  -0.0169 0.0032  439 THR B CG2 
862 N N   . VAL A 105 ? 0.1998 0.2105 0.1847 -0.0007 -0.0167 0.0014  440 VAL B N   
863 C CA  . VAL A 105 ? 0.1933 0.2015 0.1723 -0.0019 -0.0181 0.0017  440 VAL B CA  
864 C C   . VAL A 105 ? 0.2037 0.2109 0.1812 0.0005  -0.0198 0.0040  440 VAL B C   
865 O O   . VAL A 105 ? 0.2029 0.2137 0.1844 0.0025  -0.0215 0.0053  440 VAL B O   
866 C CB  . VAL A 105 ? 0.2359 0.2478 0.2150 -0.0041 -0.0204 0.0009  440 VAL B CB  
867 C CG1 . VAL A 105 ? 0.2592 0.2686 0.2312 -0.0058 -0.0214 0.0006  440 VAL B CG1 
868 C CG2 . VAL A 105 ? 0.2646 0.2782 0.2477 -0.0061 -0.0190 -0.0012 440 VAL B CG2 
869 N N   . VAL A 106 ? 0.2392 0.2415 0.2112 0.0002  -0.0191 0.0049  441 VAL B N   
870 C CA  . VAL A 106 ? 0.2518 0.2524 0.2221 0.0023  -0.0204 0.0077  441 VAL B CA  
871 C C   . VAL A 106 ? 0.2831 0.2849 0.2484 0.0012  -0.0233 0.0092  441 VAL B C   
872 O O   . VAL A 106 ? 0.3189 0.3192 0.2787 -0.0014 -0.0227 0.0079  441 VAL B O   
873 C CB  . VAL A 106 ? 0.2700 0.2644 0.2376 0.0027  -0.0176 0.0081  441 VAL B CB  
874 C CG1 . VAL A 106 ? 0.2770 0.2691 0.2431 0.0047  -0.0190 0.0115  441 VAL B CG1 
875 C CG2 . VAL A 106 ? 0.2536 0.2473 0.2260 0.0037  -0.0151 0.0064  441 VAL B CG2 
876 O O   . HOH B .   ? 0.2891 0.2722 0.2963 0.0141  0.0028  -0.0202 501 HOH B O   
877 O O   . HOH B .   ? 0.2673 0.2656 0.2569 -0.0084 -0.0034 -0.0050 502 HOH B O   
878 O O   . HOH B .   ? 0.2765 0.2393 0.2614 -0.0154 0.0173  -0.0189 503 HOH B O   
879 O O   . HOH B .   ? 0.2332 0.2054 0.2207 0.0058  0.0029  -0.0067 504 HOH B O   
880 O O   . HOH B .   ? 0.1511 0.1856 0.1492 0.0162  0.0015  -0.0190 505 HOH B O   
881 O O   . HOH B .   ? 0.2449 0.2654 0.2584 0.0222  0.0021  -0.0402 506 HOH B O   
882 O O   . HOH B .   ? 0.2053 0.2283 0.2401 -0.0141 0.0044  0.0141  507 HOH B O   
883 O O   . HOH B .   ? 0.2253 0.2180 0.2126 -0.0054 -0.0006 -0.0052 508 HOH B O   
884 O O   . HOH B .   ? 0.2516 0.3146 0.2559 0.0038  0.0080  0.0242  509 HOH B O   
885 O O   . HOH B .   ? 0.2432 0.2007 0.1983 -0.0203 0.0199  -0.0187 510 HOH B O   
886 O O   . HOH B .   ? 0.1681 0.1787 0.1776 0.0157  0.0007  -0.0359 511 HOH B O   
887 O O   . HOH B .   ? 0.3631 0.3588 0.3128 -0.0091 -0.0181 0.0010  512 HOH B O   
888 O O   . HOH B .   ? 0.1521 0.1849 0.1666 0.0249  0.0026  -0.0279 513 HOH B O   
889 O O   . HOH B .   ? 0.2086 0.1611 0.1884 -0.0093 0.0194  -0.0124 514 HOH B O   
890 O O   . HOH B .   ? 0.1635 0.1781 0.1646 0.0046  0.0010  -0.0030 515 HOH B O   
891 O O   . HOH B .   ? 0.2185 0.1718 0.1990 -0.0050 0.0153  -0.0091 516 HOH B O   
892 O O   . HOH B .   ? 0.2877 0.2458 0.2710 0.0047  0.0057  -0.0016 517 HOH B O   
893 O O   . HOH B .   ? 0.2984 0.2735 0.3383 -0.0158 0.0132  -0.0076 518 HOH B O   
894 O O   . HOH B .   ? 0.2404 0.2386 0.2329 -0.0021 0.0001  -0.0040 519 HOH B O   
895 O O   . HOH B .   ? 0.2172 0.2624 0.2360 0.0018  -0.0217 0.0027  520 HOH B O   
896 O O   . HOH B .   ? 0.2484 0.2952 0.2857 -0.0120 -0.0043 0.0070  521 HOH B O   
897 O O   . HOH B .   ? 0.1528 0.2141 0.2270 -0.0243 -0.0019 0.0102  522 HOH B O   
898 O O   . HOH B .   ? 0.2618 0.2851 0.2700 0.0044  -0.0004 0.0071  523 HOH B O   
899 O O   . HOH B .   ? 0.2386 0.2849 0.2622 -0.0033 -0.0001 0.0086  524 HOH B O   
900 O O   . HOH B .   ? 0.2719 0.2916 0.2893 0.0234  -0.0050 -0.0108 525 HOH B O   
901 O O   . HOH B .   ? 0.2939 0.2528 0.2767 -0.0193 0.0219  -0.0238 526 HOH B O   
902 O O   . HOH B .   ? 0.4744 0.6144 0.4232 0.0200  0.0101  -0.0023 527 HOH B O   
903 O O   . HOH B .   ? 0.3773 0.3889 0.3540 -0.0248 -0.0189 -0.0192 528 HOH B O   
904 O O   . HOH B .   ? 0.2102 0.2337 0.2122 0.0061  -0.0004 -0.0002 529 HOH B O   
905 O O   . HOH B .   ? 0.2374 0.2900 0.2607 0.0029  -0.0293 0.0038  530 HOH B O   
906 O O   . HOH B .   ? 0.1908 0.1411 0.1728 0.0005  0.0116  -0.0028 531 HOH B O   
907 O O   . HOH B .   ? 0.3165 0.3686 0.3524 -0.0086 0.0030  0.0146  532 HOH B O   
908 O O   . HOH B .   ? 0.2660 0.2778 0.2236 0.0102  -0.0443 0.0301  533 HOH B O   
# 
